data_3MP5
#
_entry.id   3MP5
#
_cell.length_a   197.980
_cell.length_b   116.660
_cell.length_c   86.520
_cell.angle_alpha   90.00
_cell.angle_beta   112.16
_cell.angle_gamma   90.00
#
_symmetry.space_group_name_H-M   'C 1 2 1'
#
loop_
_entity.id
_entity.type
_entity.pdbx_description
1 polymer 'Hydroxymethylglutaryl-CoA lyase'
2 non-polymer '3-HYDROXY-3-METHYLGLUTARYL-COENZYME A'
3 non-polymer 'MAGNESIUM ION'
4 water water
#
_entity_poly.entity_id   1
_entity_poly.type   'polypeptide(L)'
_entity_poly.pdbx_seq_one_letter_code
;TLPKRVKIVEVGPMDGLQNEKNIVSTPVKIKLIDMLSEAGLSVIETTSFVSPKWVPQMGDHTEVLKGIQKFPGINYPVLT
PNLKGFEAAVAAGAKEVVIFGAASELFTKKNINCSIEESFQRFDAILKAAQSANISVRGYVSCALGCPYEGKISPAKVAE
VTKKFYSMGCYEISLGDTIGVGTPGIMKDMLSAVMQEVPLAALAVHCHDTYGQALANTLMALQMGVSVVDSSVAGLGGCP
YAQGASGNLATEDLVYMLEGLGIHTGVNLQKLLEAGNFICQALNRKTSSKVAQATCKL
;
_entity_poly.pdbx_strand_id   A,B,C,D,E,F
#
loop_
_chem_comp.id
_chem_comp.type
_chem_comp.name
_chem_comp.formula
HMG non-polymer '3-HYDROXY-3-METHYLGLUTARYL-COENZYME A' 'C27 H39 N7 O20 P3 S -5'
MG non-polymer 'MAGNESIUM ION' 'Mg 2'
#
# COMPACT_ATOMS: atom_id res chain seq x y z
N THR A 1 -9.90 -17.79 19.88
CA THR A 1 -9.32 -16.43 20.15
C THR A 1 -10.27 -15.34 19.68
N LEU A 2 -9.82 -14.10 19.77
CA LEU A 2 -10.62 -12.94 19.38
C LEU A 2 -10.78 -12.77 17.87
N PRO A 3 -11.96 -12.32 17.43
CA PRO A 3 -12.21 -12.11 16.00
C PRO A 3 -11.34 -10.96 15.50
N LYS A 4 -11.06 -10.94 14.20
CA LYS A 4 -10.24 -9.88 13.61
C LYS A 4 -11.08 -8.63 13.38
N ARG A 5 -12.38 -8.84 13.15
CA ARG A 5 -13.29 -7.73 12.88
C ARG A 5 -14.57 -7.86 13.69
N VAL A 6 -15.06 -6.73 14.18
CA VAL A 6 -16.30 -6.71 14.94
C VAL A 6 -17.25 -5.73 14.27
N LYS A 7 -18.50 -6.15 14.16
CA LYS A 7 -19.51 -5.29 13.59
C LYS A 7 -20.27 -4.66 14.77
N ILE A 8 -20.01 -3.39 15.03
CA ILE A 8 -20.70 -2.70 16.10
C ILE A 8 -22.10 -2.33 15.63
N VAL A 9 -23.10 -2.63 16.45
CA VAL A 9 -24.48 -2.28 16.11
C VAL A 9 -24.88 -1.13 17.03
N GLU A 10 -24.85 0.09 16.48
CA GLU A 10 -25.21 1.28 17.24
C GLU A 10 -26.72 1.35 17.47
N VAL A 11 -27.12 1.32 18.73
CA VAL A 11 -28.54 1.35 19.07
C VAL A 11 -28.96 2.64 19.76
N GLY A 12 -28.02 3.56 19.90
CA GLY A 12 -28.33 4.83 20.55
C GLY A 12 -29.58 5.56 20.12
N PRO A 13 -29.80 5.80 18.82
CA PRO A 13 -31.03 6.51 18.47
C PRO A 13 -32.34 5.76 18.63
N MET A 14 -32.25 4.46 18.91
CA MET A 14 -33.45 3.67 19.08
C MET A 14 -33.59 3.23 20.54
N ASP A 15 -32.88 2.18 20.92
CA ASP A 15 -32.91 1.70 22.29
C ASP A 15 -32.48 2.77 23.30
N GLY A 16 -31.50 3.59 22.92
CA GLY A 16 -31.04 4.64 23.79
C GLY A 16 -32.11 5.71 24.01
N LEU A 17 -32.51 6.35 22.93
CA LEU A 17 -33.52 7.42 22.99
C LEU A 17 -34.87 6.96 23.53
N GLN A 18 -35.24 5.71 23.26
CA GLN A 18 -36.51 5.22 23.76
C GLN A 18 -36.50 5.22 25.28
N ASN A 19 -35.34 4.95 25.86
CA ASN A 19 -35.22 4.90 27.32
C ASN A 19 -34.55 6.12 27.96
N GLU A 20 -34.81 7.30 27.40
CA GLU A 20 -34.27 8.54 27.94
C GLU A 20 -35.47 9.33 28.45
N LYS A 21 -35.30 10.05 29.55
CA LYS A 21 -36.39 10.81 30.13
C LYS A 21 -36.82 11.97 29.23
N ASN A 22 -35.86 12.74 28.73
CA ASN A 22 -36.22 13.85 27.85
C ASN A 22 -36.37 13.32 26.43
N ILE A 23 -37.17 14.00 25.63
CA ILE A 23 -37.36 13.61 24.24
C ILE A 23 -36.64 14.66 23.42
N VAL A 24 -36.20 14.29 22.21
CA VAL A 24 -35.52 15.25 21.36
C VAL A 24 -36.34 15.47 20.09
N SER A 25 -36.15 16.62 19.47
CA SER A 25 -36.85 16.97 18.26
C SER A 25 -36.46 16.02 17.14
N THR A 26 -37.30 15.97 16.12
CA THR A 26 -37.05 15.13 14.95
C THR A 26 -35.75 15.56 14.25
N PRO A 27 -35.54 16.88 14.06
CA PRO A 27 -34.29 17.24 13.39
C PRO A 27 -33.06 16.81 14.20
N VAL A 28 -33.13 16.85 15.53
CA VAL A 28 -32.00 16.42 16.36
C VAL A 28 -31.75 14.93 16.15
N LYS A 29 -32.81 14.13 16.12
CA LYS A 29 -32.64 12.69 15.92
C LYS A 29 -31.94 12.46 14.59
N ILE A 30 -32.43 13.13 13.56
CA ILE A 30 -31.83 13.01 12.25
C ILE A 30 -30.36 13.41 12.23
N LYS A 31 -30.02 14.51 12.89
CA LYS A 31 -28.63 14.95 12.90
C LYS A 31 -27.76 13.89 13.58
N LEU A 32 -28.20 13.42 14.74
CA LEU A 32 -27.47 12.40 15.48
C LEU A 32 -27.12 11.19 14.61
N ILE A 33 -28.14 10.70 13.90
CA ILE A 33 -27.96 9.55 13.04
C ILE A 33 -26.99 9.84 11.90
N ASP A 34 -27.10 11.02 11.32
CA ASP A 34 -26.20 11.41 10.24
C ASP A 34 -24.76 11.47 10.77
N MET A 35 -24.62 11.92 12.02
CA MET A 35 -23.32 12.01 12.64
C MET A 35 -22.73 10.63 12.95
N LEU A 36 -23.62 9.67 13.23
CA LEU A 36 -23.15 8.31 13.51
C LEU A 36 -22.71 7.65 12.22
N SER A 37 -23.38 7.97 11.10
CA SER A 37 -22.99 7.40 9.80
C SER A 37 -21.62 7.97 9.44
N GLU A 38 -21.47 9.28 9.61
CA GLU A 38 -20.21 9.93 9.30
C GLU A 38 -19.10 9.43 10.22
N ALA A 39 -19.48 8.83 11.35
CA ALA A 39 -18.48 8.29 12.27
C ALA A 39 -17.99 6.92 11.77
N GLY A 40 -18.69 6.37 10.76
CA GLY A 40 -18.31 5.09 10.19
C GLY A 40 -19.09 3.83 10.57
N LEU A 41 -20.08 3.93 11.44
CA LEU A 41 -20.83 2.74 11.85
C LEU A 41 -21.48 2.02 10.66
N SER A 42 -21.45 0.70 10.69
CA SER A 42 -22.04 -0.17 9.65
C SER A 42 -23.55 -0.30 9.79
N VAL A 43 -24.05 -0.33 11.02
CA VAL A 43 -25.48 -0.42 11.22
C VAL A 43 -25.88 0.48 12.37
N ILE A 44 -26.98 1.20 12.17
CA ILE A 44 -27.46 2.16 13.15
C ILE A 44 -28.96 1.95 13.30
N GLU A 45 -29.38 1.37 14.42
CA GLU A 45 -30.79 1.14 14.64
C GLU A 45 -31.39 2.55 14.73
N THR A 46 -32.20 2.87 13.73
CA THR A 46 -32.80 4.19 13.60
C THR A 46 -33.97 4.55 14.48
N THR A 47 -35.06 3.79 14.41
CA THR A 47 -36.21 4.10 15.26
C THR A 47 -37.05 2.84 15.45
N SER A 48 -38.28 3.06 15.90
CA SER A 48 -39.21 1.96 16.10
C SER A 48 -40.59 2.39 15.63
N PHE A 49 -41.18 1.61 14.72
CA PHE A 49 -42.51 1.89 14.23
C PHE A 49 -43.44 1.26 15.24
N VAL A 50 -43.64 1.99 16.34
CA VAL A 50 -44.47 1.52 17.42
C VAL A 50 -45.52 2.58 17.76
N SER A 51 -46.68 2.09 18.20
CA SER A 51 -47.81 2.95 18.56
C SER A 51 -47.33 4.10 19.41
N PRO A 52 -47.54 5.34 18.95
CA PRO A 52 -47.11 6.51 19.73
C PRO A 52 -47.93 6.56 21.02
N LYS A 53 -48.93 5.68 21.10
CA LYS A 53 -49.82 5.58 22.26
C LYS A 53 -49.13 4.81 23.39
N TRP A 54 -48.07 4.08 23.07
CA TRP A 54 -47.36 3.29 24.08
C TRP A 54 -45.89 3.68 24.31
N VAL A 55 -45.35 4.51 23.42
CA VAL A 55 -43.98 4.97 23.53
C VAL A 55 -43.77 6.18 22.63
N PRO A 56 -44.07 7.37 23.18
CA PRO A 56 -43.96 8.67 22.51
C PRO A 56 -42.57 9.11 22.05
N GLN A 57 -41.52 8.65 22.70
CA GLN A 57 -40.16 9.05 22.29
C GLN A 57 -39.84 8.64 20.85
N MET A 58 -40.57 7.64 20.34
CA MET A 58 -40.37 7.10 18.99
C MET A 58 -41.48 7.53 18.02
N GLY A 59 -42.26 8.53 18.42
CA GLY A 59 -43.36 8.98 17.59
C GLY A 59 -43.03 9.44 16.18
N ASP A 60 -41.83 9.99 15.98
CA ASP A 60 -41.44 10.47 14.66
C ASP A 60 -40.76 9.43 13.79
N HIS A 61 -41.02 8.15 14.06
CA HIS A 61 -40.39 7.08 13.29
C HIS A 61 -40.45 7.21 11.76
N THR A 62 -41.63 7.45 11.20
CA THR A 62 -41.73 7.58 9.75
C THR A 62 -40.83 8.69 9.18
N GLU A 63 -41.04 9.93 9.62
CA GLU A 63 -40.25 11.06 9.13
C GLU A 63 -38.76 10.95 9.44
N VAL A 64 -38.40 10.22 10.48
CA VAL A 64 -36.99 10.07 10.80
C VAL A 64 -36.31 9.13 9.79
N LEU A 65 -36.90 7.97 9.55
CA LEU A 65 -36.32 7.03 8.61
C LEU A 65 -36.20 7.68 7.23
N LYS A 66 -37.20 8.46 6.85
CA LYS A 66 -37.19 9.13 5.56
C LYS A 66 -36.26 10.35 5.50
N GLY A 67 -35.96 10.93 6.66
CA GLY A 67 -35.11 12.12 6.69
C GLY A 67 -33.60 11.92 6.71
N ILE A 68 -33.17 10.81 7.29
CA ILE A 68 -31.75 10.48 7.42
C ILE A 68 -31.06 10.15 6.10
N GLN A 69 -29.81 10.57 5.98
CA GLN A 69 -29.04 10.27 4.78
C GLN A 69 -28.78 8.77 4.78
N LYS A 70 -28.82 8.16 3.61
CA LYS A 70 -28.57 6.74 3.53
C LYS A 70 -27.17 6.54 2.98
N PHE A 71 -26.19 6.50 3.88
CA PHE A 71 -24.81 6.32 3.44
C PHE A 71 -24.61 4.97 2.75
N PRO A 72 -23.75 4.93 1.73
CA PRO A 72 -23.44 3.72 0.95
C PRO A 72 -23.00 2.58 1.88
N GLY A 73 -23.59 1.42 1.70
CA GLY A 73 -23.20 0.29 2.54
C GLY A 73 -23.63 0.31 4.00
N ILE A 74 -24.24 1.39 4.49
CA ILE A 74 -24.66 1.42 5.89
C ILE A 74 -26.09 0.93 6.05
N ASN A 75 -26.33 0.12 7.09
CA ASN A 75 -27.65 -0.43 7.36
C ASN A 75 -28.35 0.35 8.47
N TYR A 76 -29.64 0.59 8.26
CA TYR A 76 -30.47 1.33 9.20
C TYR A 76 -31.73 0.56 9.59
N PRO A 77 -31.56 -0.51 10.39
CA PRO A 77 -32.71 -1.33 10.82
C PRO A 77 -33.67 -0.62 11.76
N VAL A 78 -34.93 -1.06 11.76
CA VAL A 78 -35.94 -0.46 12.63
C VAL A 78 -36.81 -1.54 13.28
N LEU A 79 -37.23 -1.28 14.51
CA LEU A 79 -38.07 -2.23 15.24
C LEU A 79 -39.49 -2.21 14.72
N THR A 80 -40.09 -3.39 14.62
CA THR A 80 -41.48 -3.55 14.18
C THR A 80 -42.15 -4.55 15.15
N PRO A 81 -42.65 -4.05 16.29
CA PRO A 81 -43.31 -4.88 17.30
C PRO A 81 -44.52 -5.69 16.83
N ASN A 82 -45.17 -5.24 15.76
CA ASN A 82 -46.32 -5.95 15.21
C ASN A 82 -46.41 -5.77 13.70
N LEU A 83 -47.35 -6.48 13.08
CA LEU A 83 -47.55 -6.44 11.63
C LEU A 83 -47.91 -5.07 11.09
N LYS A 84 -48.66 -4.29 11.88
CA LYS A 84 -49.03 -2.95 11.44
C LYS A 84 -47.77 -2.09 11.36
N GLY A 85 -46.92 -2.24 12.39
CA GLY A 85 -45.69 -1.48 12.44
C GLY A 85 -44.77 -1.91 11.32
N PHE A 86 -44.72 -3.22 11.06
CA PHE A 86 -43.88 -3.72 10.00
C PHE A 86 -44.29 -3.06 8.69
N GLU A 87 -45.60 -2.96 8.47
CA GLU A 87 -46.14 -2.35 7.25
C GLU A 87 -45.80 -0.87 7.16
N ALA A 88 -45.81 -0.18 8.29
CA ALA A 88 -45.49 1.24 8.29
C ALA A 88 -44.00 1.43 7.99
N ALA A 89 -43.18 0.49 8.47
CA ALA A 89 -41.74 0.52 8.25
C ALA A 89 -41.40 0.32 6.78
N VAL A 90 -42.09 -0.64 6.16
CA VAL A 90 -41.87 -0.94 4.75
C VAL A 90 -42.22 0.26 3.87
N ALA A 91 -43.39 0.83 4.11
CA ALA A 91 -43.89 1.98 3.36
C ALA A 91 -42.98 3.19 3.50
N ALA A 92 -42.22 3.23 4.60
CA ALA A 92 -41.31 4.33 4.87
C ALA A 92 -39.92 4.07 4.27
N GLY A 93 -39.73 2.89 3.70
CA GLY A 93 -38.45 2.58 3.07
C GLY A 93 -37.49 1.66 3.82
N ALA A 94 -37.95 1.07 4.92
CA ALA A 94 -37.11 0.17 5.69
C ALA A 94 -36.67 -1.06 4.88
N LYS A 95 -35.41 -1.44 5.07
CA LYS A 95 -34.85 -2.58 4.36
C LYS A 95 -34.51 -3.71 5.33
N GLU A 96 -34.59 -3.40 6.63
CA GLU A 96 -34.31 -4.34 7.69
C GLU A 96 -35.13 -4.00 8.93
N VAL A 97 -35.75 -5.02 9.51
CA VAL A 97 -36.55 -4.84 10.69
C VAL A 97 -36.04 -5.75 11.81
N VAL A 98 -36.38 -5.39 13.04
CA VAL A 98 -35.97 -6.15 14.21
C VAL A 98 -37.18 -6.59 15.02
N ILE A 99 -37.29 -7.89 15.28
CA ILE A 99 -38.38 -8.40 16.11
C ILE A 99 -37.77 -8.85 17.44
N PHE A 100 -38.58 -8.92 18.48
CA PHE A 100 -38.05 -9.25 19.81
C PHE A 100 -38.88 -10.15 20.70
N GLY A 101 -38.16 -10.93 21.51
CA GLY A 101 -38.78 -11.83 22.46
C GLY A 101 -37.94 -11.92 23.70
N ALA A 102 -38.21 -12.92 24.54
CA ALA A 102 -37.48 -13.11 25.77
C ALA A 102 -37.31 -14.59 26.10
N ALA A 103 -36.25 -14.90 26.83
CA ALA A 103 -35.97 -16.28 27.23
C ALA A 103 -36.66 -16.61 28.53
N SER A 104 -37.47 -15.69 29.03
CA SER A 104 -38.21 -15.86 30.27
C SER A 104 -39.73 -15.86 30.10
N GLU A 105 -40.38 -16.88 30.64
CA GLU A 105 -41.83 -16.98 30.57
C GLU A 105 -42.49 -15.82 31.34
N LEU A 106 -42.10 -15.63 32.60
CA LEU A 106 -42.68 -14.55 33.41
C LEU A 106 -42.60 -13.19 32.70
N PHE A 107 -41.42 -12.88 32.17
CA PHE A 107 -41.21 -11.62 31.47
C PHE A 107 -42.16 -11.52 30.29
N THR A 108 -42.28 -12.60 29.51
CA THR A 108 -43.17 -12.60 28.36
C THR A 108 -44.62 -12.38 28.78
N LYS A 109 -45.10 -13.17 29.73
CA LYS A 109 -46.49 -13.05 30.19
C LYS A 109 -46.84 -11.66 30.74
N LYS A 110 -45.96 -11.12 31.59
CA LYS A 110 -46.21 -9.78 32.14
C LYS A 110 -46.22 -8.70 31.06
N ASN A 111 -45.71 -9.03 29.88
CA ASN A 111 -45.68 -8.05 28.81
C ASN A 111 -46.72 -8.22 27.71
N ILE A 112 -47.10 -9.45 27.39
CA ILE A 112 -48.09 -9.64 26.34
C ILE A 112 -49.13 -10.71 26.64
N ASN A 113 -49.16 -11.18 27.88
CA ASN A 113 -50.11 -12.18 28.32
C ASN A 113 -50.09 -13.50 27.53
N CYS A 114 -48.90 -14.01 27.24
CA CYS A 114 -48.79 -15.27 26.53
C CYS A 114 -47.43 -15.90 26.80
N SER A 115 -47.30 -17.19 26.52
CA SER A 115 -46.04 -17.89 26.75
C SER A 115 -45.02 -17.55 25.69
N ILE A 116 -43.78 -17.97 25.92
CA ILE A 116 -42.70 -17.73 24.97
C ILE A 116 -43.09 -18.27 23.60
N GLU A 117 -43.63 -19.49 23.60
CA GLU A 117 -44.05 -20.14 22.35
C GLU A 117 -45.11 -19.30 21.65
N GLU A 118 -46.12 -18.86 22.38
CA GLU A 118 -47.18 -18.07 21.79
C GLU A 118 -46.70 -16.73 21.26
N SER A 119 -45.67 -16.16 21.88
CA SER A 119 -45.16 -14.86 21.44
C SER A 119 -44.61 -14.92 20.02
N PHE A 120 -44.23 -16.11 19.57
CA PHE A 120 -43.69 -16.26 18.22
C PHE A 120 -44.75 -16.14 17.12
N GLN A 121 -45.98 -16.56 17.39
CA GLN A 121 -47.06 -16.47 16.40
C GLN A 121 -47.19 -15.06 15.83
N ARG A 122 -46.96 -14.06 16.70
CA ARG A 122 -47.05 -12.66 16.32
C ARG A 122 -46.07 -12.31 15.19
N PHE A 123 -44.98 -13.06 15.12
CA PHE A 123 -43.95 -12.81 14.13
C PHE A 123 -44.21 -13.48 12.78
N ASP A 124 -44.70 -14.71 12.80
CA ASP A 124 -44.98 -15.46 11.58
C ASP A 124 -45.41 -14.61 10.41
N ALA A 125 -46.40 -13.75 10.61
CA ALA A 125 -46.86 -12.88 9.53
C ALA A 125 -45.73 -11.95 9.08
N ILE A 126 -45.09 -11.30 10.05
CA ILE A 126 -43.98 -10.40 9.75
C ILE A 126 -42.90 -11.15 9.00
N LEU A 127 -42.48 -12.27 9.55
CA LEU A 127 -41.45 -13.10 8.94
C LEU A 127 -41.75 -13.50 7.50
N LYS A 128 -42.99 -13.90 7.24
CA LYS A 128 -43.37 -14.30 5.90
C LYS A 128 -43.48 -13.08 4.98
N ALA A 129 -44.07 -11.99 5.48
CA ALA A 129 -44.19 -10.77 4.68
C ALA A 129 -42.80 -10.24 4.30
N ALA A 130 -41.92 -10.14 5.29
CA ALA A 130 -40.55 -9.66 5.08
C ALA A 130 -39.83 -10.47 4.01
N GLN A 131 -40.06 -11.77 4.01
CA GLN A 131 -39.42 -12.64 3.03
C GLN A 131 -39.95 -12.35 1.64
N SER A 132 -41.27 -12.17 1.54
CA SER A 132 -41.89 -11.88 0.27
C SER A 132 -41.44 -10.51 -0.25
N ALA A 133 -40.87 -9.70 0.64
CA ALA A 133 -40.42 -8.37 0.27
C ALA A 133 -38.90 -8.19 0.25
N ASN A 134 -38.18 -9.30 0.41
CA ASN A 134 -36.71 -9.26 0.43
C ASN A 134 -36.22 -8.36 1.57
N ILE A 135 -36.91 -8.40 2.70
CA ILE A 135 -36.52 -7.60 3.84
C ILE A 135 -35.91 -8.46 4.94
N SER A 136 -34.76 -8.03 5.42
CA SER A 136 -34.05 -8.74 6.47
C SER A 136 -34.69 -8.53 7.82
N VAL A 137 -34.61 -9.56 8.65
CA VAL A 137 -35.19 -9.51 9.99
C VAL A 137 -34.14 -9.87 11.03
N ARG A 138 -33.95 -9.01 12.03
CA ARG A 138 -33.00 -9.30 13.10
C ARG A 138 -33.81 -9.71 14.32
N GLY A 139 -33.35 -10.75 14.99
CA GLY A 139 -34.04 -11.20 16.19
C GLY A 139 -33.35 -10.66 17.43
N TYR A 140 -34.09 -10.60 18.53
CA TYR A 140 -33.56 -10.12 19.79
C TYR A 140 -34.19 -10.93 20.93
N VAL A 141 -33.33 -11.40 21.84
CA VAL A 141 -33.77 -12.20 22.98
C VAL A 141 -33.33 -11.51 24.28
N SER A 142 -34.30 -10.99 25.04
CA SER A 142 -33.95 -10.35 26.30
C SER A 142 -33.93 -11.36 27.46
N CYS A 143 -33.36 -10.95 28.60
CA CYS A 143 -33.24 -11.81 29.77
C CYS A 143 -32.26 -12.95 29.53
N ALA A 144 -31.39 -12.80 28.54
CA ALA A 144 -30.43 -13.83 28.21
C ALA A 144 -29.44 -14.14 29.33
N LEU A 145 -29.15 -13.16 30.19
CA LEU A 145 -28.22 -13.37 31.30
C LEU A 145 -28.94 -13.26 32.64
N GLY A 146 -30.27 -13.30 32.59
CA GLY A 146 -31.04 -13.20 33.82
C GLY A 146 -32.31 -12.41 33.57
N CYS A 147 -33.30 -12.66 34.40
CA CYS A 147 -34.61 -12.02 34.31
C CYS A 147 -34.91 -11.30 35.62
N PRO A 148 -35.55 -10.10 35.54
CA PRO A 148 -35.89 -9.34 36.75
C PRO A 148 -36.99 -10.04 37.54
N TYR A 149 -37.73 -10.92 36.86
CA TYR A 149 -38.83 -11.64 37.47
C TYR A 149 -38.47 -13.05 37.91
N GLU A 150 -37.91 -13.84 37.00
CA GLU A 150 -37.55 -15.23 37.32
C GLU A 150 -36.18 -15.38 37.93
N GLY A 151 -35.33 -14.38 37.75
CA GLY A 151 -33.98 -14.47 38.27
C GLY A 151 -33.08 -15.17 37.26
N LYS A 152 -32.35 -16.18 37.69
CA LYS A 152 -31.45 -16.90 36.81
C LYS A 152 -32.18 -17.54 35.63
N ILE A 153 -31.56 -17.47 34.46
CA ILE A 153 -32.13 -18.03 33.24
C ILE A 153 -31.23 -19.14 32.70
N SER A 154 -31.84 -20.29 32.39
CA SER A 154 -31.09 -21.42 31.87
C SER A 154 -30.53 -21.18 30.49
N PRO A 155 -29.25 -21.52 30.28
CA PRO A 155 -28.63 -21.35 28.97
C PRO A 155 -29.44 -22.10 27.93
N ALA A 156 -29.80 -23.34 28.25
CA ALA A 156 -30.58 -24.19 27.35
C ALA A 156 -31.83 -23.49 26.86
N LYS A 157 -32.48 -22.76 27.75
CA LYS A 157 -33.70 -22.03 27.39
C LYS A 157 -33.36 -20.89 26.43
N VAL A 158 -32.26 -20.18 26.67
CA VAL A 158 -31.86 -19.10 25.78
C VAL A 158 -31.51 -19.69 24.41
N ALA A 159 -30.86 -20.85 24.40
CA ALA A 159 -30.50 -21.48 23.13
C ALA A 159 -31.76 -21.87 22.33
N GLU A 160 -32.77 -22.35 23.02
CA GLU A 160 -34.00 -22.74 22.37
C GLU A 160 -34.73 -21.57 21.69
N VAL A 161 -34.85 -20.44 22.41
CA VAL A 161 -35.52 -19.29 21.83
C VAL A 161 -34.72 -18.66 20.68
N THR A 162 -33.40 -18.65 20.80
CA THR A 162 -32.56 -18.09 19.76
C THR A 162 -32.67 -18.98 18.53
N LYS A 163 -32.65 -20.28 18.78
CA LYS A 163 -32.77 -21.26 17.70
C LYS A 163 -34.06 -21.02 16.94
N LYS A 164 -35.16 -20.85 17.68
CA LYS A 164 -36.48 -20.61 17.10
C LYS A 164 -36.46 -19.36 16.20
N PHE A 165 -35.95 -18.25 16.73
CA PHE A 165 -35.83 -17.02 15.96
C PHE A 165 -35.03 -17.29 14.69
N TYR A 166 -33.90 -17.98 14.86
CA TYR A 166 -33.03 -18.30 13.74
C TYR A 166 -33.69 -19.15 12.65
N SER A 167 -34.36 -20.24 13.04
CA SER A 167 -34.99 -21.10 12.04
C SER A 167 -36.26 -20.47 11.46
N MET A 168 -36.82 -19.46 12.14
CA MET A 168 -38.01 -18.79 11.64
C MET A 168 -37.61 -17.82 10.51
N GLY A 169 -36.32 -17.52 10.41
CA GLY A 169 -35.86 -16.61 9.37
C GLY A 169 -34.98 -15.43 9.79
N CYS A 170 -34.74 -15.26 11.08
CA CYS A 170 -33.89 -14.14 11.51
C CYS A 170 -32.45 -14.46 11.08
N TYR A 171 -31.82 -13.56 10.34
CA TYR A 171 -30.47 -13.82 9.89
C TYR A 171 -29.44 -13.62 11.00
N GLU A 172 -29.84 -12.92 12.05
CA GLU A 172 -28.96 -12.64 13.17
C GLU A 172 -29.81 -12.45 14.43
N ILE A 173 -29.31 -12.92 15.57
CA ILE A 173 -30.06 -12.76 16.81
C ILE A 173 -29.14 -12.15 17.87
N SER A 174 -29.63 -11.09 18.51
CA SER A 174 -28.86 -10.42 19.53
C SER A 174 -29.37 -10.83 20.89
N LEU A 175 -28.45 -11.36 21.69
CA LEU A 175 -28.72 -11.83 23.04
C LEU A 175 -28.62 -10.64 24.01
N GLY A 176 -29.68 -10.32 24.73
CA GLY A 176 -29.60 -9.17 25.62
C GLY A 176 -29.60 -9.39 27.13
N ASP A 177 -28.89 -8.51 27.81
CA ASP A 177 -28.82 -8.46 29.26
C ASP A 177 -29.23 -7.04 29.60
N THR A 178 -30.51 -6.72 29.37
CA THR A 178 -31.00 -5.38 29.65
C THR A 178 -30.97 -4.94 31.14
N ILE A 179 -31.19 -5.86 32.09
CA ILE A 179 -31.14 -5.47 33.51
C ILE A 179 -29.66 -5.41 33.94
N GLY A 180 -28.78 -5.95 33.09
CA GLY A 180 -27.35 -5.93 33.34
C GLY A 180 -26.80 -6.71 34.53
N VAL A 181 -27.49 -7.77 34.95
CA VAL A 181 -27.04 -8.57 36.09
C VAL A 181 -26.00 -9.62 35.76
N GLY A 182 -25.68 -9.78 34.49
CA GLY A 182 -24.71 -10.81 34.12
C GLY A 182 -23.24 -10.56 34.46
N THR A 183 -22.51 -11.66 34.63
CA THR A 183 -21.08 -11.64 34.90
C THR A 183 -20.48 -12.63 33.88
N PRO A 184 -19.16 -12.53 33.63
CA PRO A 184 -18.46 -13.41 32.67
C PRO A 184 -18.85 -14.88 32.57
N GLY A 185 -18.99 -15.57 33.70
CA GLY A 185 -19.38 -16.97 33.65
C GLY A 185 -20.76 -17.18 33.03
N ILE A 186 -21.71 -16.36 33.45
CA ILE A 186 -23.07 -16.41 32.94
C ILE A 186 -23.06 -16.19 31.42
N MET A 187 -22.27 -15.22 30.97
CA MET A 187 -22.19 -14.92 29.55
C MET A 187 -21.67 -16.14 28.80
N LYS A 188 -20.61 -16.71 29.34
CA LYS A 188 -19.96 -17.90 28.79
C LYS A 188 -20.91 -19.09 28.66
N ASP A 189 -21.50 -19.49 29.77
CA ASP A 189 -22.41 -20.60 29.77
C ASP A 189 -23.53 -20.41 28.76
N MET A 190 -24.06 -19.19 28.69
CA MET A 190 -25.16 -18.88 27.77
C MET A 190 -24.71 -19.02 26.32
N LEU A 191 -23.61 -18.36 25.96
CA LEU A 191 -23.10 -18.43 24.60
C LEU A 191 -22.74 -19.86 24.20
N SER A 192 -22.13 -20.59 25.12
CA SER A 192 -21.75 -21.96 24.86
C SER A 192 -22.95 -22.81 24.43
N ALA A 193 -24.06 -22.66 25.13
CA ALA A 193 -25.27 -23.42 24.79
C ALA A 193 -25.86 -22.93 23.47
N VAL A 194 -25.93 -21.62 23.29
CA VAL A 194 -26.50 -21.08 22.06
C VAL A 194 -25.70 -21.50 20.81
N MET A 195 -24.38 -21.52 20.91
CA MET A 195 -23.51 -21.89 19.79
C MET A 195 -23.69 -23.34 19.32
N GLN A 196 -24.29 -24.18 20.16
CA GLN A 196 -24.50 -25.57 19.79
C GLN A 196 -25.51 -25.66 18.66
N GLU A 197 -26.56 -24.87 18.78
CA GLU A 197 -27.67 -24.87 17.82
C GLU A 197 -27.67 -23.81 16.73
N VAL A 198 -26.99 -22.68 16.98
CA VAL A 198 -26.94 -21.60 16.01
C VAL A 198 -25.53 -21.21 15.58
N PRO A 199 -25.29 -21.11 14.27
CA PRO A 199 -23.96 -20.74 13.75
C PRO A 199 -23.47 -19.43 14.37
N LEU A 200 -22.20 -19.44 14.79
CA LEU A 200 -21.57 -18.32 15.47
C LEU A 200 -21.73 -16.95 14.81
N ALA A 201 -21.62 -16.88 13.49
CA ALA A 201 -21.73 -15.61 12.80
C ALA A 201 -23.13 -14.98 12.87
N ALA A 202 -24.13 -15.74 13.27
CA ALA A 202 -25.48 -15.18 13.38
C ALA A 202 -25.73 -14.57 14.76
N LEU A 203 -24.72 -14.60 15.62
CA LEU A 203 -24.84 -14.10 17.00
C LEU A 203 -24.30 -12.72 17.36
N ALA A 204 -24.95 -12.09 18.32
CA ALA A 204 -24.56 -10.79 18.82
C ALA A 204 -24.98 -10.69 20.29
N VAL A 205 -24.35 -9.79 21.04
CA VAL A 205 -24.68 -9.58 22.43
C VAL A 205 -25.00 -8.11 22.62
N HIS A 206 -25.83 -7.80 23.60
CA HIS A 206 -26.27 -6.43 23.88
C HIS A 206 -26.26 -6.33 25.40
N CYS A 207 -25.15 -5.87 25.94
CA CYS A 207 -25.01 -5.79 27.38
C CYS A 207 -25.24 -4.40 27.94
N HIS A 208 -26.02 -4.32 29.02
CA HIS A 208 -26.26 -3.06 29.69
C HIS A 208 -25.23 -2.97 30.81
N ASP A 209 -24.87 -1.75 31.17
CA ASP A 209 -23.84 -1.50 32.16
C ASP A 209 -24.37 -1.18 33.55
N THR A 210 -25.64 -1.49 33.79
CA THR A 210 -26.31 -1.26 35.07
C THR A 210 -25.49 -1.67 36.31
N TYR A 211 -24.68 -2.71 36.19
CA TYR A 211 -23.84 -3.13 37.29
C TYR A 211 -22.36 -2.97 37.02
N GLY A 212 -22.02 -2.31 35.92
CA GLY A 212 -20.61 -2.13 35.56
C GLY A 212 -19.98 -3.37 34.94
N GLN A 213 -20.80 -4.28 34.43
CA GLN A 213 -20.31 -5.52 33.85
C GLN A 213 -20.38 -5.57 32.32
N ALA A 214 -20.94 -4.53 31.71
CA ALA A 214 -21.11 -4.50 30.25
C ALA A 214 -19.87 -4.84 29.41
N LEU A 215 -18.80 -4.05 29.55
CA LEU A 215 -17.59 -4.30 28.75
C LEU A 215 -16.96 -5.66 29.04
N ALA A 216 -16.88 -6.03 30.32
CA ALA A 216 -16.30 -7.32 30.70
C ALA A 216 -17.15 -8.47 30.11
N ASN A 217 -18.46 -8.34 30.18
CA ASN A 217 -19.34 -9.36 29.61
C ASN A 217 -19.15 -9.43 28.09
N THR A 218 -18.93 -8.28 27.47
CA THR A 218 -18.73 -8.19 26.03
C THR A 218 -17.45 -8.84 25.57
N LEU A 219 -16.39 -8.62 26.34
CA LEU A 219 -15.09 -9.20 26.03
C LEU A 219 -15.18 -10.72 26.11
N MET A 220 -15.91 -11.24 27.08
CA MET A 220 -16.08 -12.69 27.20
C MET A 220 -16.72 -13.17 25.92
N ALA A 221 -17.78 -12.48 25.49
CA ALA A 221 -18.47 -12.83 24.26
C ALA A 221 -17.50 -12.84 23.07
N LEU A 222 -16.64 -11.84 23.00
CA LEU A 222 -15.64 -11.75 21.94
C LEU A 222 -14.68 -12.94 22.03
N GLN A 223 -14.32 -13.32 23.26
CA GLN A 223 -13.42 -14.44 23.50
C GLN A 223 -14.03 -15.76 23.02
N MET A 224 -15.35 -15.84 23.04
CA MET A 224 -16.07 -17.03 22.61
C MET A 224 -16.27 -17.06 21.09
N GLY A 225 -15.89 -15.99 20.39
CA GLY A 225 -16.04 -15.98 18.94
C GLY A 225 -17.09 -15.07 18.34
N VAL A 226 -17.90 -14.45 19.19
CA VAL A 226 -18.95 -13.55 18.71
C VAL A 226 -18.28 -12.33 18.07
N SER A 227 -18.79 -11.92 16.91
CA SER A 227 -18.17 -10.80 16.22
C SER A 227 -19.09 -9.61 15.98
N VAL A 228 -20.24 -9.60 16.63
CA VAL A 228 -21.12 -8.46 16.51
C VAL A 228 -21.70 -8.10 17.87
N VAL A 229 -21.49 -6.85 18.27
CA VAL A 229 -21.99 -6.40 19.55
C VAL A 229 -22.78 -5.09 19.45
N ASP A 230 -23.80 -4.97 20.29
CA ASP A 230 -24.65 -3.80 20.33
C ASP A 230 -24.16 -2.85 21.42
N SER A 231 -24.26 -1.56 21.16
CA SER A 231 -23.89 -0.54 22.13
C SER A 231 -24.59 0.77 21.75
N SER A 232 -24.65 1.70 22.70
CA SER A 232 -25.31 2.99 22.46
C SER A 232 -24.29 4.13 22.56
N VAL A 233 -24.32 5.02 21.57
CA VAL A 233 -23.40 6.15 21.51
C VAL A 233 -22.69 6.56 22.79
N ALA A 234 -23.40 7.24 23.68
CA ALA A 234 -22.78 7.71 24.92
C ALA A 234 -23.37 7.03 26.15
N GLY A 235 -23.67 5.74 26.00
CA GLY A 235 -24.26 5.03 27.10
C GLY A 235 -25.72 5.41 27.24
N LEU A 236 -26.28 6.07 26.23
CA LEU A 236 -27.68 6.44 26.30
C LEU A 236 -28.55 5.21 26.58
N GLY A 237 -29.70 5.42 27.21
CA GLY A 237 -30.57 4.30 27.46
C GLY A 237 -30.92 4.07 28.91
N GLY A 238 -31.26 2.83 29.21
CA GLY A 238 -31.63 2.45 30.56
C GLY A 238 -32.65 1.35 30.46
N CYS A 239 -32.99 0.74 31.59
CA CYS A 239 -33.98 -0.32 31.61
C CYS A 239 -35.08 0.01 32.61
N PRO A 240 -36.35 -0.05 32.16
CA PRO A 240 -37.50 0.24 33.00
C PRO A 240 -37.64 -0.71 34.19
N TYR A 241 -36.96 -1.86 34.10
CA TYR A 241 -37.02 -2.87 35.16
C TYR A 241 -35.86 -2.84 36.15
N ALA A 242 -35.07 -1.77 36.12
CA ALA A 242 -33.92 -1.64 37.01
C ALA A 242 -33.85 -0.26 37.65
N GLN A 243 -32.95 -0.09 38.61
CA GLN A 243 -32.80 1.18 39.30
C GLN A 243 -31.82 2.18 38.67
N GLY A 244 -31.85 3.40 39.18
CA GLY A 244 -31.00 4.50 38.71
C GLY A 244 -29.86 4.23 37.75
N ALA A 245 -29.04 3.22 38.05
CA ALA A 245 -27.90 2.86 37.22
C ALA A 245 -28.18 2.98 35.72
N SER A 246 -27.15 3.40 34.99
CA SER A 246 -27.22 3.59 33.55
C SER A 246 -27.88 2.47 32.75
N GLY A 247 -27.74 2.55 31.43
CA GLY A 247 -28.33 1.55 30.56
C GLY A 247 -27.31 0.86 29.65
N ASN A 248 -27.31 1.26 28.39
CA ASN A 248 -26.42 0.64 27.41
C ASN A 248 -24.90 0.84 27.52
N LEU A 249 -24.16 -0.15 27.01
CA LEU A 249 -22.70 -0.10 26.99
C LEU A 249 -22.36 1.06 26.08
N ALA A 250 -21.42 1.90 26.48
CA ALA A 250 -21.04 3.05 25.68
C ALA A 250 -20.20 2.67 24.46
N THR A 251 -20.70 3.00 23.28
CA THR A 251 -20.01 2.70 22.03
C THR A 251 -18.57 3.19 22.00
N GLU A 252 -18.34 4.42 22.46
CA GLU A 252 -16.98 4.94 22.47
C GLU A 252 -16.07 4.10 23.33
N ASP A 253 -16.57 3.62 24.47
CA ASP A 253 -15.75 2.82 25.35
C ASP A 253 -15.46 1.44 24.74
N LEU A 254 -16.42 0.92 23.98
CA LEU A 254 -16.25 -0.37 23.31
C LEU A 254 -15.20 -0.17 22.20
N VAL A 255 -15.38 0.89 21.41
CA VAL A 255 -14.44 1.20 20.34
C VAL A 255 -13.03 1.36 20.90
N TYR A 256 -12.91 2.02 22.04
CA TYR A 256 -11.60 2.20 22.64
C TYR A 256 -10.98 0.83 22.95
N MET A 257 -11.78 -0.09 23.47
CA MET A 257 -11.25 -1.42 23.80
C MET A 257 -10.87 -2.20 22.55
N LEU A 258 -11.66 -2.07 21.49
CA LEU A 258 -11.37 -2.80 20.26
C LEU A 258 -10.16 -2.24 19.52
N GLU A 259 -10.02 -0.92 19.48
CA GLU A 259 -8.87 -0.32 18.82
C GLU A 259 -7.63 -0.81 19.55
N GLY A 260 -7.68 -0.79 20.87
CA GLY A 260 -6.56 -1.25 21.68
C GLY A 260 -6.21 -2.69 21.37
N LEU A 261 -7.22 -3.51 21.20
CA LEU A 261 -7.03 -4.93 20.90
C LEU A 261 -6.58 -5.12 19.46
N GLY A 262 -6.62 -4.06 18.67
CA GLY A 262 -6.23 -4.16 17.27
C GLY A 262 -7.32 -4.77 16.41
N ILE A 263 -8.57 -4.70 16.89
CA ILE A 263 -9.71 -5.25 16.17
C ILE A 263 -10.37 -4.21 15.29
N HIS A 264 -10.53 -4.54 14.01
CA HIS A 264 -11.13 -3.61 13.06
C HIS A 264 -12.59 -3.30 13.35
N THR A 265 -12.94 -2.02 13.41
CA THR A 265 -14.30 -1.60 13.66
C THR A 265 -14.79 -0.66 12.57
N GLY A 266 -13.83 -0.03 11.88
CA GLY A 266 -14.16 0.90 10.81
C GLY A 266 -14.85 2.14 11.36
N VAL A 267 -14.68 2.41 12.64
CA VAL A 267 -15.31 3.58 13.24
C VAL A 267 -14.28 4.63 13.65
N ASN A 268 -14.58 5.90 13.34
CA ASN A 268 -13.71 7.01 13.71
C ASN A 268 -14.13 7.46 15.10
N LEU A 269 -13.32 7.12 16.09
CA LEU A 269 -13.61 7.46 17.47
C LEU A 269 -13.84 8.96 17.70
N GLN A 270 -12.98 9.79 17.12
CA GLN A 270 -13.10 11.23 17.30
C GLN A 270 -14.47 11.72 16.84
N LYS A 271 -14.93 11.23 15.70
CA LYS A 271 -16.23 11.62 15.19
C LYS A 271 -17.35 11.00 16.03
N LEU A 272 -17.12 9.78 16.49
CA LEU A 272 -18.13 9.11 17.32
C LEU A 272 -18.33 9.98 18.56
N LEU A 273 -17.23 10.41 19.17
CA LEU A 273 -17.30 11.25 20.37
C LEU A 273 -18.08 12.53 20.12
N GLU A 274 -17.91 13.11 18.93
CA GLU A 274 -18.63 14.33 18.59
C GLU A 274 -20.13 14.04 18.57
N ALA A 275 -20.51 12.93 17.97
CA ALA A 275 -21.92 12.55 17.91
C ALA A 275 -22.44 12.44 19.34
N GLY A 276 -21.66 11.78 20.18
CA GLY A 276 -22.05 11.61 21.57
C GLY A 276 -22.28 12.93 22.28
N ASN A 277 -21.36 13.87 22.09
CA ASN A 277 -21.50 15.16 22.73
C ASN A 277 -22.72 15.90 22.20
N PHE A 278 -22.95 15.83 20.90
CA PHE A 278 -24.12 16.49 20.34
C PHE A 278 -25.42 16.04 20.97
N ILE A 279 -25.69 14.74 20.94
CA ILE A 279 -26.95 14.23 21.50
C ILE A 279 -27.06 14.47 23.00
N CYS A 280 -25.93 14.36 23.70
CA CYS A 280 -25.95 14.61 25.15
C CYS A 280 -26.34 16.06 25.47
N GLN A 281 -25.80 17.01 24.72
CA GLN A 281 -26.13 18.41 24.96
C GLN A 281 -27.61 18.65 24.68
N ALA A 282 -28.10 18.04 23.60
CA ALA A 282 -29.50 18.18 23.19
C ALA A 282 -30.43 17.49 24.18
N LEU A 283 -29.88 16.60 24.98
CA LEU A 283 -30.67 15.84 25.94
C LEU A 283 -30.43 16.39 27.35
N ASN A 284 -29.54 17.37 27.44
CA ASN A 284 -29.18 17.97 28.72
C ASN A 284 -28.81 16.90 29.74
N ARG A 285 -27.81 16.07 29.41
CA ARG A 285 -27.35 15.02 30.30
C ARG A 285 -25.85 14.81 30.11
N LYS A 286 -25.18 14.34 31.16
CA LYS A 286 -23.74 14.08 31.10
C LYS A 286 -23.57 12.73 30.39
N THR A 287 -22.53 12.61 29.57
CA THR A 287 -22.28 11.37 28.86
C THR A 287 -21.97 10.25 29.86
N SER A 288 -22.25 9.01 29.47
CA SER A 288 -21.96 7.86 30.32
C SER A 288 -20.73 7.14 29.77
N SER A 289 -20.04 7.78 28.84
CA SER A 289 -18.84 7.23 28.25
C SER A 289 -17.60 7.73 28.99
N LYS A 290 -16.86 6.82 29.63
CA LYS A 290 -15.65 7.19 30.35
C LYS A 290 -14.66 7.81 29.38
N VAL A 291 -14.55 7.25 28.18
CA VAL A 291 -13.63 7.78 27.18
C VAL A 291 -13.98 9.24 26.88
N ALA A 292 -15.27 9.52 26.79
CA ALA A 292 -15.77 10.86 26.51
C ALA A 292 -15.40 11.82 27.64
N GLN A 293 -15.59 11.36 28.87
CA GLN A 293 -15.27 12.16 30.05
C GLN A 293 -13.80 12.52 30.12
N ALA A 294 -12.94 11.55 29.83
CA ALA A 294 -11.50 11.75 29.90
C ALA A 294 -10.91 12.57 28.76
N THR A 295 -11.51 12.46 27.58
CA THR A 295 -11.02 13.15 26.38
C THR A 295 -11.28 14.64 26.35
N CYS A 296 -12.38 15.08 26.96
CA CYS A 296 -12.71 16.50 26.99
C CYS A 296 -14.10 16.71 27.61
N THR B 1 -6.18 -20.90 34.81
CA THR B 1 -7.53 -20.32 34.60
C THR B 1 -7.94 -19.46 35.80
N LEU B 2 -9.24 -19.23 35.98
CA LEU B 2 -9.73 -18.40 37.09
C LEU B 2 -9.54 -18.95 38.49
N PRO B 3 -8.84 -18.19 39.35
CA PRO B 3 -8.59 -18.59 40.74
C PRO B 3 -9.90 -18.75 41.52
N LYS B 4 -9.92 -19.66 42.48
CA LYS B 4 -11.13 -19.89 43.26
C LYS B 4 -11.29 -18.78 44.30
N ARG B 5 -10.20 -18.08 44.58
CA ARG B 5 -10.22 -17.02 45.57
C ARG B 5 -9.39 -15.82 45.14
N VAL B 6 -9.85 -14.62 45.47
CA VAL B 6 -9.12 -13.41 45.13
C VAL B 6 -9.01 -12.50 46.33
N LYS B 7 -7.80 -12.00 46.56
CA LYS B 7 -7.56 -11.09 47.65
C LYS B 7 -7.66 -9.68 47.08
N ILE B 8 -8.72 -8.98 47.48
CA ILE B 8 -8.98 -7.62 47.05
C ILE B 8 -8.22 -6.67 47.97
N VAL B 9 -7.38 -5.80 47.39
CA VAL B 9 -6.63 -4.82 48.18
C VAL B 9 -7.36 -3.48 48.05
N GLU B 10 -8.08 -3.10 49.10
CA GLU B 10 -8.85 -1.85 49.11
C GLU B 10 -7.93 -0.65 49.30
N VAL B 11 -7.90 0.26 48.31
CA VAL B 11 -7.05 1.44 48.35
C VAL B 11 -7.81 2.77 48.48
N GLY B 12 -9.11 2.69 48.73
CA GLY B 12 -9.91 3.88 48.87
C GLY B 12 -9.40 4.93 49.86
N PRO B 13 -8.98 4.53 51.07
CA PRO B 13 -8.47 5.53 52.02
C PRO B 13 -7.17 6.24 51.66
N MET B 14 -6.38 5.66 50.76
CA MET B 14 -5.11 6.28 50.36
C MET B 14 -5.23 6.86 48.95
N ASP B 15 -5.06 5.99 47.96
CA ASP B 15 -5.15 6.38 46.57
C ASP B 15 -6.50 7.06 46.29
N GLY B 16 -7.57 6.56 46.92
CA GLY B 16 -8.88 7.15 46.70
C GLY B 16 -9.03 8.58 47.19
N LEU B 17 -8.50 8.85 48.38
CA LEU B 17 -8.59 10.18 49.00
C LEU B 17 -7.45 11.11 48.58
N GLN B 18 -6.33 10.51 48.19
CA GLN B 18 -5.13 11.21 47.78
C GLN B 18 -5.34 12.44 46.89
N ASN B 19 -5.91 12.22 45.71
CA ASN B 19 -6.16 13.31 44.77
C ASN B 19 -7.56 13.83 45.02
N GLU B 20 -7.68 14.73 45.98
CA GLU B 20 -8.97 15.33 46.33
C GLU B 20 -8.69 16.73 46.87
N LYS B 21 -9.15 17.75 46.16
CA LYS B 21 -8.92 19.13 46.57
C LYS B 21 -9.32 19.42 48.02
N ASN B 22 -10.58 19.20 48.35
CA ASN B 22 -11.08 19.43 49.70
C ASN B 22 -10.67 18.31 50.64
N ILE B 23 -9.63 18.57 51.43
CA ILE B 23 -9.10 17.62 52.39
C ILE B 23 -10.18 17.01 53.26
N VAL B 24 -9.98 15.75 53.63
CA VAL B 24 -10.93 15.03 54.47
C VAL B 24 -10.39 15.04 55.91
N SER B 25 -11.28 15.19 56.89
CA SER B 25 -10.87 15.24 58.30
C SER B 25 -10.36 13.88 58.79
N THR B 26 -9.42 13.92 59.73
CA THR B 26 -8.85 12.71 60.29
C THR B 26 -9.93 11.76 60.81
N PRO B 27 -10.89 12.28 61.59
CA PRO B 27 -11.94 11.36 62.08
C PRO B 27 -12.71 10.67 60.94
N VAL B 28 -12.94 11.36 59.83
CA VAL B 28 -13.65 10.76 58.70
C VAL B 28 -12.78 9.65 58.09
N LYS B 29 -11.51 9.95 57.88
CA LYS B 29 -10.60 8.95 57.34
C LYS B 29 -10.66 7.72 58.25
N ILE B 30 -10.45 7.91 59.55
CA ILE B 30 -10.49 6.80 60.48
C ILE B 30 -11.79 6.02 60.34
N LYS B 31 -12.91 6.75 60.30
CA LYS B 31 -14.22 6.14 60.19
C LYS B 31 -14.38 5.30 58.92
N LEU B 32 -13.86 5.80 57.80
CA LEU B 32 -13.95 5.08 56.53
C LEU B 32 -13.24 3.72 56.62
N ILE B 33 -12.05 3.73 57.20
CA ILE B 33 -11.23 2.53 57.35
C ILE B 33 -11.85 1.48 58.26
N ASP B 34 -12.45 1.91 59.37
CA ASP B 34 -13.08 0.97 60.28
C ASP B 34 -14.31 0.37 59.56
N MET B 35 -14.99 1.19 58.77
CA MET B 35 -16.16 0.70 58.04
C MET B 35 -15.71 -0.31 56.99
N LEU B 36 -14.56 -0.05 56.37
CA LEU B 36 -14.05 -0.98 55.39
C LEU B 36 -13.61 -2.26 56.11
N SER B 37 -13.12 -2.11 57.32
CA SER B 37 -12.71 -3.29 58.10
C SER B 37 -14.00 -4.07 58.36
N GLU B 38 -15.05 -3.33 58.66
CA GLU B 38 -16.37 -3.89 58.93
C GLU B 38 -16.84 -4.73 57.74
N ALA B 39 -16.71 -4.18 56.53
CA ALA B 39 -17.14 -4.88 55.32
C ALA B 39 -16.41 -6.18 55.04
N GLY B 40 -15.31 -6.41 55.76
CA GLY B 40 -14.58 -7.66 55.59
C GLY B 40 -13.40 -7.69 54.64
N LEU B 41 -12.91 -6.54 54.20
CA LEU B 41 -11.76 -6.54 53.32
C LEU B 41 -10.60 -7.15 54.12
N SER B 42 -9.69 -7.85 53.45
CA SER B 42 -8.57 -8.45 54.16
C SER B 42 -7.36 -7.54 54.14
N VAL B 43 -7.37 -6.56 53.24
CA VAL B 43 -6.26 -5.61 53.15
C VAL B 43 -6.82 -4.22 52.84
N ILE B 44 -6.38 -3.23 53.60
CA ILE B 44 -6.84 -1.85 53.43
C ILE B 44 -5.65 -0.91 53.49
N GLU B 45 -5.31 -0.32 52.34
CA GLU B 45 -4.20 0.62 52.27
C GLU B 45 -4.63 1.79 53.11
N THR B 46 -4.05 1.93 54.29
CA THR B 46 -4.43 2.98 55.23
C THR B 46 -4.00 4.44 54.92
N THR B 47 -2.71 4.65 54.77
CA THR B 47 -2.23 6.00 54.52
C THR B 47 -0.85 5.99 53.86
N SER B 48 -0.28 7.18 53.67
CA SER B 48 1.05 7.34 53.06
C SER B 48 1.92 8.21 53.95
N PHE B 49 3.05 7.67 54.42
CA PHE B 49 3.96 8.42 55.28
C PHE B 49 4.89 9.18 54.37
N VAL B 50 4.30 10.15 53.68
CA VAL B 50 5.00 10.98 52.73
C VAL B 50 4.94 12.44 53.16
N SER B 51 5.71 13.29 52.49
CA SER B 51 5.74 14.71 52.84
C SER B 51 4.39 15.38 52.64
N PRO B 52 3.97 16.21 53.61
CA PRO B 52 2.69 16.91 53.51
C PRO B 52 2.80 17.94 52.40
N LYS B 53 4.04 18.24 52.01
CA LYS B 53 4.33 19.20 50.96
C LYS B 53 3.83 18.71 49.61
N TRP B 54 4.13 17.46 49.28
CA TRP B 54 3.72 16.88 48.01
C TRP B 54 2.26 16.41 48.02
N VAL B 55 1.84 15.83 49.13
CA VAL B 55 0.46 15.37 49.25
C VAL B 55 -0.03 15.64 50.68
N PRO B 56 -0.64 16.81 50.89
CA PRO B 56 -1.17 17.21 52.20
C PRO B 56 -2.41 16.43 52.61
N GLN B 57 -3.13 15.89 51.65
CA GLN B 57 -4.33 15.11 51.95
C GLN B 57 -3.91 13.93 52.83
N MET B 58 -2.65 13.51 52.72
CA MET B 58 -2.13 12.38 53.51
C MET B 58 -1.29 12.81 54.69
N GLY B 59 -1.20 14.10 54.96
CA GLY B 59 -0.41 14.60 56.07
C GLY B 59 -0.73 14.09 57.46
N ASP B 60 -1.93 13.55 57.67
CA ASP B 60 -2.32 13.03 58.99
C ASP B 60 -2.03 11.54 59.15
N HIS B 61 -1.16 11.01 58.29
CA HIS B 61 -0.80 9.59 58.33
C HIS B 61 -0.52 8.99 59.70
N THR B 62 0.29 9.68 60.51
CA THR B 62 0.64 9.18 61.84
C THR B 62 -0.57 8.87 62.72
N GLU B 63 -1.41 9.87 62.97
CA GLU B 63 -2.61 9.68 63.80
C GLU B 63 -3.63 8.73 63.16
N VAL B 64 -3.80 8.82 61.84
CA VAL B 64 -4.75 7.92 61.17
C VAL B 64 -4.41 6.46 61.45
N LEU B 65 -3.17 6.07 61.17
CA LEU B 65 -2.76 4.69 61.39
C LEU B 65 -2.95 4.30 62.87
N LYS B 66 -2.61 5.20 63.79
CA LYS B 66 -2.76 4.91 65.21
C LYS B 66 -4.20 4.83 65.69
N GLY B 67 -5.07 5.64 65.11
CA GLY B 67 -6.48 5.66 65.51
C GLY B 67 -7.43 4.59 65.00
N ILE B 68 -7.18 4.07 63.80
CA ILE B 68 -8.06 3.04 63.24
C ILE B 68 -8.05 1.78 64.09
N GLN B 69 -9.13 1.02 64.03
CA GLN B 69 -9.19 -0.24 64.77
C GLN B 69 -8.38 -1.26 63.99
N LYS B 70 -7.67 -2.12 64.70
CA LYS B 70 -6.90 -3.16 64.05
C LYS B 70 -7.69 -4.45 64.20
N PHE B 71 -8.50 -4.76 63.19
CA PHE B 71 -9.31 -5.96 63.21
C PHE B 71 -8.43 -7.18 63.03
N PRO B 72 -8.84 -8.32 63.61
CA PRO B 72 -8.08 -9.57 63.51
C PRO B 72 -8.07 -10.09 62.08
N GLY B 73 -6.86 -10.39 61.58
CA GLY B 73 -6.75 -10.91 60.24
C GLY B 73 -6.44 -9.85 59.21
N ILE B 74 -7.14 -8.73 59.31
CA ILE B 74 -6.95 -7.64 58.37
C ILE B 74 -5.57 -6.99 58.46
N ASN B 75 -5.01 -6.66 57.31
CA ASN B 75 -3.70 -6.01 57.20
C ASN B 75 -3.93 -4.54 56.86
N TYR B 76 -3.03 -3.67 57.29
CA TYR B 76 -3.17 -2.24 57.04
C TYR B 76 -1.88 -1.61 56.49
N PRO B 77 -1.52 -1.95 55.25
CA PRO B 77 -0.31 -1.42 54.63
C PRO B 77 -0.31 0.09 54.48
N VAL B 78 0.86 0.69 54.60
CA VAL B 78 1.01 2.13 54.48
C VAL B 78 2.21 2.42 53.57
N LEU B 79 2.08 3.44 52.73
CA LEU B 79 3.16 3.79 51.82
C LEU B 79 4.33 4.45 52.53
N THR B 80 5.53 4.04 52.13
CA THR B 80 6.76 4.57 52.68
C THR B 80 7.70 4.82 51.49
N PRO B 81 7.89 6.08 51.10
CA PRO B 81 8.74 6.46 49.98
C PRO B 81 10.24 6.42 50.30
N ASN B 82 10.57 6.44 51.58
CA ASN B 82 11.97 6.41 51.96
C ASN B 82 12.16 5.89 53.37
N LEU B 83 13.39 5.96 53.85
CA LEU B 83 13.72 5.50 55.19
C LEU B 83 13.07 6.45 56.20
N LYS B 84 12.99 7.71 55.81
CA LYS B 84 12.38 8.73 56.65
C LYS B 84 10.93 8.32 56.91
N GLY B 85 10.18 8.10 55.84
CA GLY B 85 8.79 7.71 55.96
C GLY B 85 8.65 6.36 56.62
N PHE B 86 9.44 5.39 56.17
CA PHE B 86 9.40 4.05 56.75
C PHE B 86 9.66 4.15 58.25
N GLU B 87 10.45 5.14 58.64
CA GLU B 87 10.80 5.38 60.03
C GLU B 87 9.53 5.71 60.81
N ALA B 88 8.81 6.71 60.33
CA ALA B 88 7.58 7.14 60.98
C ALA B 88 6.50 6.07 60.95
N ALA B 89 6.55 5.23 59.93
CA ALA B 89 5.57 4.15 59.78
C ALA B 89 5.73 3.12 60.89
N VAL B 90 6.96 2.65 61.09
CA VAL B 90 7.19 1.66 62.14
C VAL B 90 6.89 2.25 63.53
N ALA B 91 7.15 3.54 63.71
CA ALA B 91 6.88 4.18 65.00
C ALA B 91 5.37 4.30 65.22
N ALA B 92 4.62 4.41 64.13
CA ALA B 92 3.18 4.52 64.21
C ALA B 92 2.53 3.15 64.28
N GLY B 93 3.34 2.10 64.33
CA GLY B 93 2.82 0.74 64.44
C GLY B 93 2.63 -0.10 63.19
N ALA B 94 3.09 0.37 62.04
CA ALA B 94 2.94 -0.37 60.79
C ALA B 94 3.51 -1.80 60.81
N LYS B 95 2.73 -2.75 60.28
CA LYS B 95 3.14 -4.15 60.20
C LYS B 95 3.50 -4.50 58.77
N GLU B 96 3.34 -3.53 57.87
CA GLU B 96 3.63 -3.70 56.45
C GLU B 96 3.71 -2.34 55.79
N VAL B 97 4.73 -2.14 54.96
CA VAL B 97 4.91 -0.88 54.26
C VAL B 97 4.91 -1.12 52.75
N VAL B 98 4.77 -0.05 51.99
CA VAL B 98 4.72 -0.15 50.53
C VAL B 98 5.68 0.81 49.83
N ILE B 99 6.56 0.28 49.02
CA ILE B 99 7.48 1.13 48.27
C ILE B 99 6.85 1.26 46.88
N PHE B 100 7.05 2.40 46.24
CA PHE B 100 6.44 2.59 44.92
C PHE B 100 7.27 3.29 43.87
N GLY B 101 7.43 2.61 42.74
CA GLY B 101 8.19 3.16 41.64
C GLY B 101 7.40 3.06 40.35
N ALA B 102 8.11 3.11 39.22
CA ALA B 102 7.48 3.04 37.92
C ALA B 102 8.39 2.46 36.84
N ALA B 103 7.79 2.00 35.75
CA ALA B 103 8.54 1.45 34.64
C ALA B 103 8.91 2.64 33.75
N SER B 104 8.44 3.82 34.14
CA SER B 104 8.69 5.05 33.41
C SER B 104 9.68 5.93 34.16
N GLU B 105 10.68 6.46 33.45
CA GLU B 105 11.67 7.33 34.06
C GLU B 105 11.09 8.70 34.42
N LEU B 106 10.43 9.35 33.45
CA LEU B 106 9.84 10.67 33.71
C LEU B 106 8.87 10.62 34.90
N PHE B 107 7.90 9.72 34.87
CA PHE B 107 6.92 9.61 35.96
C PHE B 107 7.60 9.43 37.31
N THR B 108 8.69 8.69 37.36
CA THR B 108 9.43 8.47 38.59
C THR B 108 9.92 9.83 39.07
N LYS B 109 10.55 10.55 38.15
CA LYS B 109 11.07 11.88 38.43
C LYS B 109 9.97 12.76 39.03
N LYS B 110 8.86 12.87 38.31
CA LYS B 110 7.75 13.71 38.72
C LYS B 110 6.93 13.23 39.92
N ASN B 111 7.02 11.94 40.25
CA ASN B 111 6.24 11.42 41.38
C ASN B 111 7.02 11.36 42.70
N ILE B 112 8.17 10.71 42.69
CA ILE B 112 8.99 10.61 43.89
C ILE B 112 10.29 11.40 43.75
N ASN B 113 10.33 12.22 42.71
CA ASN B 113 11.48 13.08 42.41
C ASN B 113 12.85 12.42 42.37
N CYS B 114 13.01 11.43 41.49
CA CYS B 114 14.28 10.73 41.34
C CYS B 114 14.26 9.76 40.16
N SER B 115 15.40 9.12 39.93
CA SER B 115 15.55 8.17 38.84
C SER B 115 15.13 6.78 39.28
N ILE B 116 14.91 5.89 38.32
CA ILE B 116 14.50 4.52 38.64
C ILE B 116 15.60 3.80 39.43
N GLU B 117 16.85 3.98 39.03
CA GLU B 117 17.96 3.34 39.73
C GLU B 117 18.03 3.85 41.17
N GLU B 118 17.83 5.16 41.32
CA GLU B 118 17.87 5.80 42.62
C GLU B 118 16.78 5.32 43.56
N SER B 119 15.61 4.98 43.02
CA SER B 119 14.52 4.50 43.86
C SER B 119 14.88 3.11 44.38
N PHE B 120 15.67 2.37 43.61
CA PHE B 120 16.11 1.03 43.99
C PHE B 120 17.04 1.15 45.21
N GLN B 121 17.68 2.31 45.33
CA GLN B 121 18.59 2.58 46.44
C GLN B 121 17.79 2.80 47.71
N ARG B 122 16.82 3.70 47.63
CA ARG B 122 15.97 4.01 48.78
C ARG B 122 15.30 2.73 49.26
N PHE B 123 14.63 2.05 48.33
CA PHE B 123 13.90 0.82 48.63
C PHE B 123 14.77 -0.25 49.26
N ASP B 124 15.98 -0.42 48.74
CA ASP B 124 16.87 -1.43 49.27
C ASP B 124 17.15 -1.14 50.75
N ALA B 125 17.18 0.14 51.10
CA ALA B 125 17.40 0.55 52.48
C ALA B 125 16.19 0.19 53.34
N ILE B 126 15.00 0.34 52.77
CA ILE B 126 13.78 0.03 53.49
C ILE B 126 13.60 -1.47 53.71
N LEU B 127 13.87 -2.25 52.67
CA LEU B 127 13.75 -3.71 52.74
C LEU B 127 14.77 -4.27 53.73
N LYS B 128 15.89 -3.56 53.87
CA LYS B 128 16.94 -3.95 54.80
C LYS B 128 16.35 -3.92 56.21
N ALA B 129 15.85 -2.76 56.59
CA ALA B 129 15.25 -2.58 57.91
C ALA B 129 14.08 -3.54 58.13
N ALA B 130 13.15 -3.56 57.19
CA ALA B 130 11.98 -4.40 57.26
C ALA B 130 12.24 -5.86 57.62
N GLN B 131 13.11 -6.52 56.86
CA GLN B 131 13.42 -7.94 57.10
C GLN B 131 13.71 -8.23 58.56
N SER B 132 14.53 -7.37 59.18
CA SER B 132 14.84 -7.53 60.60
C SER B 132 13.76 -6.76 61.36
N ALA B 133 12.64 -7.46 61.55
CA ALA B 133 11.45 -6.93 62.22
C ALA B 133 10.27 -7.72 61.68
N ASN B 134 10.54 -8.46 60.61
CA ASN B 134 9.51 -9.28 59.95
C ASN B 134 8.38 -8.40 59.41
N ILE B 135 8.69 -7.14 59.12
CA ILE B 135 7.70 -6.21 58.57
C ILE B 135 7.66 -6.38 57.05
N SER B 136 6.69 -7.15 56.58
CA SER B 136 6.54 -7.41 55.15
C SER B 136 6.52 -6.13 54.29
N VAL B 137 7.00 -6.26 53.05
CA VAL B 137 7.05 -5.14 52.13
C VAL B 137 6.39 -5.41 50.80
N ARG B 138 5.52 -4.50 50.39
CA ARG B 138 4.83 -4.61 49.12
C ARG B 138 5.37 -3.52 48.19
N GLY B 139 5.43 -3.83 46.90
CA GLY B 139 5.92 -2.86 45.94
C GLY B 139 4.91 -2.52 44.86
N TYR B 140 5.01 -1.31 44.33
CA TYR B 140 4.12 -0.84 43.28
C TYR B 140 4.94 -0.46 42.06
N VAL B 141 4.44 -0.82 40.88
CA VAL B 141 5.09 -0.45 39.63
C VAL B 141 4.04 0.29 38.84
N SER B 142 4.11 1.62 38.85
CA SER B 142 3.16 2.43 38.12
C SER B 142 3.48 2.46 36.62
N CYS B 143 2.51 2.91 35.83
CA CYS B 143 2.66 3.01 34.38
C CYS B 143 2.92 1.65 33.73
N ALA B 144 2.46 0.60 34.41
CA ALA B 144 2.65 -0.76 33.90
C ALA B 144 2.07 -0.94 32.50
N LEU B 145 1.07 -0.13 32.14
CA LEU B 145 0.46 -0.25 30.82
C LEU B 145 0.56 1.04 30.02
N GLY B 146 1.58 1.84 30.33
CA GLY B 146 1.76 3.10 29.64
C GLY B 146 2.02 4.23 30.62
N CYS B 147 2.67 5.28 30.16
CA CYS B 147 2.97 6.43 30.99
C CYS B 147 2.38 7.68 30.36
N PRO B 148 1.78 8.57 31.16
CA PRO B 148 1.18 9.80 30.61
C PRO B 148 2.24 10.72 30.01
N TYR B 149 3.50 10.46 30.37
CA TYR B 149 4.61 11.27 29.89
C TYR B 149 5.44 10.60 28.78
N GLU B 150 5.83 9.35 28.99
CA GLU B 150 6.62 8.62 28.02
C GLU B 150 5.80 7.83 27.00
N GLY B 151 4.50 7.70 27.26
CA GLY B 151 3.63 6.97 26.36
C GLY B 151 3.79 5.46 26.52
N LYS B 152 4.00 4.76 25.41
CA LYS B 152 4.13 3.30 25.45
C LYS B 152 5.27 2.83 26.34
N ILE B 153 4.96 1.79 27.13
CA ILE B 153 5.92 1.19 28.04
C ILE B 153 6.00 -0.27 27.61
N SER B 154 7.20 -0.84 27.58
CA SER B 154 7.37 -2.23 27.15
C SER B 154 7.21 -3.27 28.24
N PRO B 155 6.69 -4.45 27.88
CA PRO B 155 6.49 -5.55 28.83
C PRO B 155 7.80 -5.93 29.52
N ALA B 156 8.88 -5.89 28.75
CA ALA B 156 10.21 -6.22 29.27
C ALA B 156 10.63 -5.22 30.34
N LYS B 157 10.34 -3.95 30.11
CA LYS B 157 10.71 -2.94 31.08
C LYS B 157 9.96 -3.16 32.40
N VAL B 158 8.66 -3.43 32.31
CA VAL B 158 7.86 -3.68 33.50
C VAL B 158 8.32 -4.94 34.18
N ALA B 159 8.66 -5.96 33.40
CA ALA B 159 9.13 -7.21 33.99
C ALA B 159 10.45 -6.99 34.71
N GLU B 160 11.33 -6.18 34.14
CA GLU B 160 12.63 -5.91 34.74
C GLU B 160 12.51 -5.27 36.13
N VAL B 161 11.69 -4.23 36.23
CA VAL B 161 11.49 -3.53 37.48
C VAL B 161 10.82 -4.44 38.52
N THR B 162 9.76 -5.14 38.11
CA THR B 162 9.06 -6.06 38.99
C THR B 162 10.05 -7.09 39.55
N LYS B 163 10.89 -7.62 38.66
CA LYS B 163 11.88 -8.60 39.04
C LYS B 163 12.79 -8.01 40.13
N LYS B 164 13.18 -6.75 39.95
CA LYS B 164 14.04 -6.06 40.91
C LYS B 164 13.38 -6.00 42.30
N PHE B 165 12.17 -5.47 42.35
CA PHE B 165 11.43 -5.36 43.59
C PHE B 165 11.29 -6.74 44.25
N TYR B 166 11.08 -7.77 43.44
CA TYR B 166 10.92 -9.13 43.97
C TYR B 166 12.21 -9.73 44.53
N SER B 167 13.31 -9.56 43.80
CA SER B 167 14.58 -10.09 44.25
C SER B 167 15.13 -9.36 45.48
N MET B 168 14.68 -8.13 45.68
CA MET B 168 15.13 -7.35 46.84
C MET B 168 14.39 -7.70 48.12
N GLY B 169 13.26 -8.38 48.00
CA GLY B 169 12.52 -8.75 49.19
C GLY B 169 11.02 -8.50 49.22
N CYS B 170 10.47 -7.77 48.24
CA CYS B 170 9.02 -7.54 48.22
C CYS B 170 8.30 -8.88 48.11
N TYR B 171 7.32 -9.13 48.97
CA TYR B 171 6.62 -10.39 48.90
C TYR B 171 5.57 -10.36 47.80
N GLU B 172 5.12 -9.15 47.47
CA GLU B 172 4.10 -8.95 46.45
C GLU B 172 4.33 -7.64 45.71
N ILE B 173 4.01 -7.63 44.41
CA ILE B 173 4.19 -6.41 43.62
C ILE B 173 2.94 -6.11 42.79
N SER B 174 2.39 -4.92 42.98
CA SER B 174 1.21 -4.49 42.26
C SER B 174 1.59 -3.68 41.03
N LEU B 175 1.06 -4.15 39.90
CA LEU B 175 1.28 -3.54 38.60
C LEU B 175 0.13 -2.58 38.33
N GLY B 176 0.32 -1.33 38.72
CA GLY B 176 -0.72 -0.35 38.55
C GLY B 176 -0.84 0.32 37.18
N ASP B 177 -2.00 0.19 36.56
CA ASP B 177 -2.24 0.89 35.30
C ASP B 177 -2.69 2.29 35.71
N THR B 178 -1.73 3.10 36.13
CA THR B 178 -1.99 4.47 36.60
C THR B 178 -3.07 5.28 35.85
N ILE B 179 -2.81 5.63 34.59
CA ILE B 179 -3.78 6.39 33.82
C ILE B 179 -4.93 5.61 33.14
N GLY B 180 -5.08 4.31 33.40
CA GLY B 180 -6.20 3.56 32.81
C GLY B 180 -6.27 3.49 31.29
N VAL B 181 -5.15 3.64 30.60
CA VAL B 181 -5.17 3.58 29.14
C VAL B 181 -5.06 2.16 28.58
N GLY B 182 -4.87 1.19 29.47
CA GLY B 182 -4.72 -0.18 29.05
C GLY B 182 -5.94 -0.90 28.50
N THR B 183 -5.68 -1.82 27.59
CA THR B 183 -6.73 -2.66 27.00
C THR B 183 -6.27 -4.09 27.26
N PRO B 184 -7.20 -5.05 27.24
CA PRO B 184 -6.85 -6.45 27.51
C PRO B 184 -5.58 -7.03 26.89
N GLY B 185 -5.29 -6.70 25.64
CA GLY B 185 -4.12 -7.24 24.97
C GLY B 185 -2.83 -6.74 25.57
N ILE B 186 -2.83 -5.45 25.88
CA ILE B 186 -1.68 -4.81 26.49
C ILE B 186 -1.50 -5.39 27.88
N MET B 187 -2.60 -5.64 28.59
CA MET B 187 -2.54 -6.22 29.94
C MET B 187 -1.97 -7.61 29.88
N LYS B 188 -2.44 -8.40 28.92
CA LYS B 188 -1.96 -9.78 28.77
C LYS B 188 -0.46 -9.84 28.45
N ASP B 189 0.01 -8.97 27.56
CA ASP B 189 1.41 -8.95 27.17
C ASP B 189 2.32 -8.60 28.34
N MET B 190 1.91 -7.59 29.11
CA MET B 190 2.68 -7.17 30.26
C MET B 190 2.74 -8.27 31.29
N LEU B 191 1.60 -8.88 31.58
CA LEU B 191 1.56 -9.95 32.59
C LEU B 191 2.41 -11.14 32.18
N SER B 192 2.38 -11.48 30.89
CA SER B 192 3.13 -12.62 30.40
C SER B 192 4.64 -12.42 30.58
N ALA B 193 5.13 -11.22 30.24
CA ALA B 193 6.54 -10.90 30.37
C ALA B 193 6.97 -10.92 31.85
N VAL B 194 6.11 -10.39 32.71
CA VAL B 194 6.37 -10.35 34.14
C VAL B 194 6.38 -11.76 34.73
N MET B 195 5.39 -12.57 34.36
CA MET B 195 5.28 -13.93 34.86
C MET B 195 6.50 -14.80 34.59
N GLN B 196 7.36 -14.40 33.65
CA GLN B 196 8.54 -15.20 33.35
C GLN B 196 9.57 -15.01 34.45
N GLU B 197 9.60 -13.82 35.02
CA GLU B 197 10.56 -13.48 36.05
C GLU B 197 10.07 -13.59 37.49
N VAL B 198 8.81 -13.28 37.73
CA VAL B 198 8.26 -13.31 39.07
C VAL B 198 7.07 -14.27 39.22
N PRO B 199 7.06 -15.08 40.30
CA PRO B 199 5.94 -16.02 40.47
C PRO B 199 4.58 -15.34 40.59
N LEU B 200 3.58 -15.99 40.03
CA LEU B 200 2.20 -15.51 39.99
C LEU B 200 1.62 -15.07 41.35
N ALA B 201 1.87 -15.88 42.38
CA ALA B 201 1.38 -15.59 43.71
C ALA B 201 1.78 -14.23 44.21
N ALA B 202 2.95 -13.75 43.77
CA ALA B 202 3.43 -12.46 44.21
C ALA B 202 3.03 -11.30 43.30
N LEU B 203 2.05 -11.54 42.44
CA LEU B 203 1.61 -10.50 41.50
C LEU B 203 0.21 -9.98 41.79
N ALA B 204 0.00 -8.71 41.48
CA ALA B 204 -1.30 -8.08 41.67
C ALA B 204 -1.48 -7.00 40.62
N VAL B 205 -2.73 -6.74 40.25
CA VAL B 205 -3.01 -5.71 39.26
C VAL B 205 -3.78 -4.56 39.92
N HIS B 206 -3.49 -3.35 39.48
CA HIS B 206 -4.09 -2.13 40.02
C HIS B 206 -4.56 -1.29 38.83
N CYS B 207 -5.81 -1.48 38.42
CA CYS B 207 -6.35 -0.78 37.25
C CYS B 207 -7.26 0.43 37.45
N HIS B 208 -6.91 1.55 36.84
CA HIS B 208 -7.74 2.74 36.92
C HIS B 208 -8.79 2.66 35.83
N ASP B 209 -9.94 3.25 36.08
CA ASP B 209 -11.05 3.17 35.16
C ASP B 209 -11.33 4.41 34.32
N THR B 210 -10.27 5.19 34.09
CA THR B 210 -10.37 6.42 33.32
C THR B 210 -11.03 6.26 31.96
N TYR B 211 -10.76 5.14 31.29
CA TYR B 211 -11.32 4.88 29.98
C TYR B 211 -12.31 3.71 29.99
N GLY B 212 -12.79 3.38 31.18
CA GLY B 212 -13.74 2.28 31.33
C GLY B 212 -13.22 0.88 31.09
N GLN B 213 -11.90 0.72 31.12
CA GLN B 213 -11.28 -0.58 30.89
C GLN B 213 -10.83 -1.34 32.16
N ALA B 214 -10.99 -0.72 33.33
CA ALA B 214 -10.55 -1.37 34.58
C ALA B 214 -11.07 -2.79 34.81
N LEU B 215 -12.40 -2.98 34.84
CA LEU B 215 -12.93 -4.31 35.10
C LEU B 215 -12.47 -5.31 34.04
N ALA B 216 -12.52 -4.93 32.77
CA ALA B 216 -12.11 -5.81 31.68
C ALA B 216 -10.59 -6.09 31.75
N ASN B 217 -9.80 -5.07 32.08
CA ASN B 217 -8.36 -5.22 32.21
C ASN B 217 -8.12 -6.15 33.37
N THR B 218 -8.92 -6.02 34.41
CA THR B 218 -8.79 -6.88 35.58
C THR B 218 -9.19 -8.33 35.27
N LEU B 219 -10.25 -8.53 34.50
CA LEU B 219 -10.68 -9.89 34.17
C LEU B 219 -9.57 -10.60 33.42
N MET B 220 -8.90 -9.87 32.54
CA MET B 220 -7.82 -10.46 31.77
C MET B 220 -6.78 -11.04 32.75
N ALA B 221 -6.41 -10.24 33.75
CA ALA B 221 -5.44 -10.64 34.78
C ALA B 221 -5.89 -11.88 35.53
N LEU B 222 -7.16 -11.91 35.91
CA LEU B 222 -7.71 -13.07 36.62
C LEU B 222 -7.59 -14.33 35.75
N GLN B 223 -7.77 -14.16 34.45
CA GLN B 223 -7.68 -15.27 33.50
C GLN B 223 -6.23 -15.70 33.33
N MET B 224 -5.31 -14.78 33.58
CA MET B 224 -3.90 -15.06 33.47
C MET B 224 -3.40 -15.73 34.76
N GLY B 225 -4.24 -15.72 35.80
CA GLY B 225 -3.86 -16.35 37.06
C GLY B 225 -3.63 -15.43 38.24
N VAL B 226 -3.54 -14.13 38.02
CA VAL B 226 -3.35 -13.15 39.09
C VAL B 226 -4.51 -13.33 40.06
N SER B 227 -4.22 -13.36 41.36
CA SER B 227 -5.26 -13.58 42.38
C SER B 227 -5.47 -12.47 43.40
N VAL B 228 -4.87 -11.32 43.16
CA VAL B 228 -5.01 -10.18 44.04
C VAL B 228 -5.12 -8.92 43.18
N VAL B 229 -6.17 -8.13 43.41
CA VAL B 229 -6.41 -6.92 42.64
C VAL B 229 -6.78 -5.72 43.50
N ASP B 230 -6.32 -4.54 43.07
CA ASP B 230 -6.58 -3.30 43.79
C ASP B 230 -7.82 -2.59 43.28
N SER B 231 -8.54 -1.93 44.19
CA SER B 231 -9.75 -1.20 43.83
C SER B 231 -10.14 -0.26 44.97
N SER B 232 -10.91 0.77 44.66
CA SER B 232 -11.37 1.76 45.64
C SER B 232 -12.88 1.66 45.81
N VAL B 233 -13.35 1.98 47.03
CA VAL B 233 -14.78 1.91 47.31
C VAL B 233 -15.66 2.48 46.21
N ALA B 234 -16.21 3.65 46.41
CA ALA B 234 -17.11 4.23 45.43
C ALA B 234 -16.40 4.66 44.14
N GLY B 235 -15.33 3.95 43.77
CA GLY B 235 -14.61 4.30 42.58
C GLY B 235 -13.88 5.63 42.70
N LEU B 236 -13.41 5.92 43.91
CA LEU B 236 -12.67 7.15 44.20
C LEU B 236 -11.20 6.93 43.84
N GLY B 237 -10.48 8.01 43.58
CA GLY B 237 -9.08 7.83 43.31
C GLY B 237 -8.46 8.68 42.22
N GLY B 238 -7.16 8.49 42.05
CA GLY B 238 -6.42 9.22 41.06
C GLY B 238 -5.13 9.70 41.69
N CYS B 239 -4.01 9.47 41.00
CA CYS B 239 -2.72 9.90 41.51
C CYS B 239 -2.55 11.38 41.16
N PRO B 240 -2.27 12.22 42.18
CA PRO B 240 -2.09 13.65 41.93
C PRO B 240 -0.91 14.00 41.02
N TYR B 241 0.01 13.05 40.83
CA TYR B 241 1.17 13.30 39.99
C TYR B 241 1.25 12.44 38.70
N ALA B 242 0.08 11.97 38.26
CA ALA B 242 -0.02 11.17 37.05
C ALA B 242 -0.57 12.03 35.91
N GLN B 243 -1.35 13.05 36.27
CA GLN B 243 -1.95 13.96 35.29
C GLN B 243 -3.05 13.25 34.51
N GLY B 244 -4.30 13.68 34.77
CA GLY B 244 -5.44 13.07 34.10
C GLY B 244 -5.85 11.77 34.79
N ALA B 245 -5.35 11.57 36.01
CA ALA B 245 -5.67 10.35 36.76
C ALA B 245 -7.12 10.37 37.28
N SER B 246 -7.91 9.43 36.81
CA SER B 246 -9.31 9.30 37.22
C SER B 246 -9.40 8.30 38.37
N GLY B 247 -10.62 7.89 38.71
CA GLY B 247 -10.83 6.93 39.79
C GLY B 247 -10.38 5.50 39.55
N ASN B 248 -10.20 4.74 40.63
CA ASN B 248 -9.79 3.34 40.59
C ASN B 248 -11.03 2.50 40.37
N LEU B 249 -10.86 1.30 39.81
CA LEU B 249 -11.96 0.37 39.64
C LEU B 249 -12.73 0.42 40.96
N ALA B 250 -14.06 0.47 40.89
CA ALA B 250 -14.88 0.50 42.09
C ALA B 250 -14.91 -0.89 42.71
N THR B 251 -14.48 -0.97 43.97
CA THR B 251 -14.45 -2.23 44.72
C THR B 251 -15.81 -2.95 44.70
N GLU B 252 -16.91 -2.21 44.81
CA GLU B 252 -18.23 -2.84 44.80
C GLU B 252 -18.52 -3.53 43.48
N ASP B 253 -18.13 -2.92 42.37
CA ASP B 253 -18.39 -3.52 41.06
C ASP B 253 -17.49 -4.73 40.83
N LEU B 254 -16.33 -4.73 41.49
CA LEU B 254 -15.40 -5.84 41.36
C LEU B 254 -15.92 -7.02 42.16
N VAL B 255 -16.45 -6.78 43.36
CA VAL B 255 -16.95 -7.90 44.14
C VAL B 255 -18.16 -8.49 43.45
N TYR B 256 -18.99 -7.63 42.84
CA TYR B 256 -20.16 -8.12 42.14
C TYR B 256 -19.72 -9.09 41.05
N MET B 257 -18.67 -8.74 40.31
CA MET B 257 -18.22 -9.63 39.27
C MET B 257 -17.70 -10.94 39.85
N LEU B 258 -16.89 -10.84 40.90
CA LEU B 258 -16.31 -12.01 41.52
C LEU B 258 -17.36 -12.93 42.12
N GLU B 259 -18.31 -12.36 42.85
CA GLU B 259 -19.37 -13.16 43.44
C GLU B 259 -20.12 -13.84 42.31
N GLY B 260 -20.26 -13.11 41.19
CA GLY B 260 -20.93 -13.65 40.02
C GLY B 260 -20.18 -14.87 39.51
N LEU B 261 -18.86 -14.78 39.54
CA LEU B 261 -18.04 -15.87 39.06
C LEU B 261 -17.87 -16.98 40.10
N GLY B 262 -18.57 -16.84 41.22
CA GLY B 262 -18.45 -17.84 42.28
C GLY B 262 -17.10 -17.80 42.97
N ILE B 263 -16.42 -16.66 42.87
CA ILE B 263 -15.10 -16.47 43.48
C ILE B 263 -15.18 -15.82 44.85
N HIS B 264 -14.63 -16.51 45.84
CA HIS B 264 -14.60 -16.06 47.24
C HIS B 264 -13.78 -14.79 47.43
N THR B 265 -14.33 -13.82 48.15
CA THR B 265 -13.63 -12.58 48.45
C THR B 265 -13.67 -12.32 49.96
N GLY B 266 -14.71 -12.80 50.60
CA GLY B 266 -14.86 -12.63 52.04
C GLY B 266 -15.37 -11.25 52.39
N VAL B 267 -15.85 -10.53 51.38
CA VAL B 267 -16.36 -9.20 51.60
C VAL B 267 -17.87 -9.15 51.63
N ASN B 268 -18.42 -8.35 52.55
CA ASN B 268 -19.85 -8.15 52.69
C ASN B 268 -20.21 -6.93 51.83
N LEU B 269 -20.85 -7.19 50.70
CA LEU B 269 -21.23 -6.16 49.77
C LEU B 269 -22.12 -5.04 50.34
N GLN B 270 -23.12 -5.42 51.11
CA GLN B 270 -24.01 -4.43 51.71
C GLN B 270 -23.22 -3.50 52.64
N LYS B 271 -22.32 -4.07 53.42
CA LYS B 271 -21.53 -3.24 54.32
C LYS B 271 -20.52 -2.39 53.55
N LEU B 272 -19.99 -2.93 52.46
CA LEU B 272 -19.04 -2.19 51.64
C LEU B 272 -19.74 -0.98 51.07
N LEU B 273 -20.99 -1.17 50.63
CA LEU B 273 -21.77 -0.10 50.05
C LEU B 273 -22.04 1.00 51.05
N GLU B 274 -22.25 0.61 52.31
CA GLU B 274 -22.49 1.57 53.35
C GLU B 274 -21.23 2.41 53.50
N ALA B 275 -20.08 1.76 53.51
CA ALA B 275 -18.82 2.48 53.63
C ALA B 275 -18.71 3.47 52.45
N GLY B 276 -19.05 2.98 51.26
CA GLY B 276 -19.01 3.83 50.09
C GLY B 276 -19.89 5.06 50.26
N ASN B 277 -21.13 4.83 50.67
CA ASN B 277 -22.07 5.92 50.87
C ASN B 277 -21.55 6.89 51.93
N PHE B 278 -20.96 6.36 52.99
CA PHE B 278 -20.41 7.20 54.05
C PHE B 278 -19.40 8.19 53.52
N ILE B 279 -18.31 7.67 52.94
CA ILE B 279 -17.26 8.55 52.41
C ILE B 279 -17.78 9.51 51.35
N CYS B 280 -18.65 9.03 50.47
CA CYS B 280 -19.20 9.89 49.43
C CYS B 280 -19.92 11.12 50.00
N GLN B 281 -20.80 10.92 50.97
CA GLN B 281 -21.48 12.05 51.57
C GLN B 281 -20.43 12.96 52.20
N ALA B 282 -19.36 12.36 52.73
CA ALA B 282 -18.30 13.14 53.36
C ALA B 282 -17.61 14.07 52.36
N LEU B 283 -17.35 13.56 51.15
CA LEU B 283 -16.71 14.37 50.12
C LEU B 283 -17.73 15.18 49.36
N ASN B 284 -19.01 14.89 49.61
CA ASN B 284 -20.09 15.58 48.93
C ASN B 284 -19.98 15.30 47.44
N ARG B 285 -19.97 14.01 47.09
CA ARG B 285 -19.86 13.60 45.70
C ARG B 285 -20.71 12.37 45.43
N LYS B 286 -21.01 12.13 44.15
CA LYS B 286 -21.80 10.97 43.75
C LYS B 286 -20.87 9.78 43.61
N THR B 287 -21.30 8.62 44.09
CA THR B 287 -20.50 7.41 43.99
C THR B 287 -20.30 7.06 42.52
N SER B 288 -19.19 6.41 42.21
CA SER B 288 -18.87 5.99 40.84
C SER B 288 -19.13 4.49 40.69
N SER B 289 -19.60 3.88 41.77
CA SER B 289 -19.91 2.47 41.76
C SER B 289 -21.22 2.25 41.04
N LYS B 290 -21.18 1.56 39.91
CA LYS B 290 -22.38 1.28 39.16
C LYS B 290 -23.32 0.49 40.05
N VAL B 291 -22.78 -0.53 40.71
CA VAL B 291 -23.56 -1.38 41.60
C VAL B 291 -24.28 -0.58 42.67
N ALA B 292 -23.58 0.39 43.26
CA ALA B 292 -24.19 1.21 44.30
C ALA B 292 -25.43 1.91 43.74
N GLN B 293 -25.33 2.40 42.51
CA GLN B 293 -26.43 3.09 41.85
C GLN B 293 -27.62 2.19 41.55
N ALA B 294 -27.36 0.92 41.26
CA ALA B 294 -28.45 0.00 40.96
C ALA B 294 -29.10 -0.52 42.23
N THR B 295 -28.46 -0.27 43.38
CA THR B 295 -28.99 -0.74 44.66
C THR B 295 -30.00 0.25 45.25
N CYS B 296 -29.70 1.54 45.09
CA CYS B 296 -30.57 2.62 45.58
C CYS B 296 -29.72 3.88 45.70
N THR C 1 35.88 -21.48 -5.93
CA THR C 1 35.80 -20.00 -6.06
C THR C 1 34.87 -19.36 -5.01
N LEU C 2 33.74 -18.82 -5.47
CA LEU C 2 32.78 -18.14 -4.60
C LEU C 2 31.94 -19.07 -3.73
N PRO C 3 31.55 -18.61 -2.54
CA PRO C 3 30.73 -19.40 -1.61
C PRO C 3 29.26 -19.40 -2.05
N LYS C 4 28.54 -20.46 -1.71
CA LYS C 4 27.13 -20.58 -2.07
C LYS C 4 26.28 -19.60 -1.28
N ARG C 5 26.61 -19.43 0.01
CA ARG C 5 25.89 -18.50 0.88
C ARG C 5 26.83 -17.67 1.75
N VAL C 6 26.49 -16.39 1.93
CA VAL C 6 27.29 -15.44 2.71
C VAL C 6 26.56 -14.93 3.93
N LYS C 7 27.20 -15.02 5.09
CA LYS C 7 26.61 -14.53 6.33
C LYS C 7 26.97 -13.04 6.45
N ILE C 8 25.97 -12.17 6.29
CA ILE C 8 26.18 -10.74 6.39
C ILE C 8 26.05 -10.33 7.84
N VAL C 9 27.07 -9.62 8.33
CA VAL C 9 27.09 -9.13 9.70
C VAL C 9 26.84 -7.64 9.64
N GLU C 10 25.58 -7.24 9.85
CA GLU C 10 25.16 -5.85 9.84
C GLU C 10 25.72 -5.14 11.08
N VAL C 11 26.50 -4.10 10.87
CA VAL C 11 27.09 -3.34 11.97
C VAL C 11 26.57 -1.92 12.04
N GLY C 12 25.52 -1.64 11.29
CA GLY C 12 24.95 -0.31 11.27
C GLY C 12 24.64 0.26 12.65
N PRO C 13 23.84 -0.47 13.47
CA PRO C 13 23.52 0.04 14.80
C PRO C 13 24.72 0.31 15.71
N MET C 14 25.87 -0.27 15.41
CA MET C 14 27.05 -0.03 16.23
C MET C 14 28.04 0.86 15.47
N ASP C 15 28.84 0.23 14.61
CA ASP C 15 29.83 0.92 13.81
C ASP C 15 29.18 2.03 13.00
N GLY C 16 27.88 1.89 12.76
CA GLY C 16 27.17 2.90 11.99
C GLY C 16 26.97 4.20 12.75
N LEU C 17 26.28 4.15 13.89
CA LEU C 17 26.03 5.33 14.70
C LEU C 17 27.26 5.89 15.41
N GLN C 18 27.94 5.00 16.12
CA GLN C 18 29.14 5.34 16.88
C GLN C 18 30.02 6.42 16.27
N ASN C 19 30.13 6.44 14.94
CA ASN C 19 30.97 7.43 14.27
C ASN C 19 30.22 8.69 13.84
N GLU C 20 28.90 8.59 13.70
CA GLU C 20 28.08 9.73 13.29
C GLU C 20 28.01 10.79 14.38
N LYS C 21 28.38 12.02 14.05
CA LYS C 21 28.35 13.12 15.00
C LYS C 21 26.91 13.28 15.52
N ASN C 22 25.96 13.16 14.60
CA ASN C 22 24.55 13.27 14.94
C ASN C 22 24.16 12.14 15.89
N ILE C 23 23.94 12.46 17.16
CA ILE C 23 23.56 11.44 18.14
C ILE C 23 22.06 11.11 18.04
N VAL C 24 21.73 9.83 18.15
CA VAL C 24 20.34 9.36 18.05
C VAL C 24 19.76 8.89 19.38
N SER C 25 18.43 8.79 19.43
CA SER C 25 17.74 8.35 20.64
C SER C 25 17.57 6.85 20.75
N THR C 26 17.49 6.38 21.99
CA THR C 26 17.35 4.96 22.29
C THR C 26 16.14 4.33 21.60
N PRO C 27 14.94 4.93 21.76
CA PRO C 27 13.77 4.34 21.10
C PRO C 27 13.99 4.25 19.60
N VAL C 28 14.73 5.22 19.06
CA VAL C 28 15.04 5.28 17.64
C VAL C 28 16.07 4.20 17.26
N LYS C 29 17.02 3.94 18.17
CA LYS C 29 18.04 2.92 17.93
C LYS C 29 17.37 1.54 17.97
N ILE C 30 16.50 1.34 18.95
CA ILE C 30 15.80 0.07 19.11
C ILE C 30 14.95 -0.26 17.89
N LYS C 31 14.29 0.75 17.34
CA LYS C 31 13.43 0.55 16.18
C LYS C 31 14.26 0.06 14.98
N LEU C 32 15.41 0.70 14.76
CA LEU C 32 16.30 0.34 13.66
C LEU C 32 16.72 -1.12 13.70
N ILE C 33 17.22 -1.55 14.84
CA ILE C 33 17.66 -2.92 15.02
C ILE C 33 16.50 -3.88 14.77
N ASP C 34 15.30 -3.48 15.18
CA ASP C 34 14.13 -4.34 14.98
C ASP C 34 13.83 -4.42 13.49
N MET C 35 13.95 -3.30 12.78
CA MET C 35 13.69 -3.32 11.34
C MET C 35 14.72 -4.24 10.68
N LEU C 36 16.00 -4.04 11.01
CA LEU C 36 17.05 -4.88 10.43
C LEU C 36 16.73 -6.35 10.68
N SER C 37 16.13 -6.63 11.82
CA SER C 37 15.77 -8.01 12.18
C SER C 37 14.68 -8.50 11.24
N GLU C 38 13.77 -7.59 10.88
CA GLU C 38 12.66 -7.92 10.00
C GLU C 38 13.14 -7.96 8.56
N ALA C 39 14.32 -7.41 8.33
CA ALA C 39 14.89 -7.39 6.99
C ALA C 39 15.48 -8.77 6.68
N GLY C 40 15.80 -9.55 7.73
CA GLY C 40 16.34 -10.88 7.54
C GLY C 40 17.79 -11.12 7.99
N LEU C 41 18.48 -10.07 8.44
CA LEU C 41 19.86 -10.21 8.90
C LEU C 41 19.92 -11.31 9.95
N SER C 42 20.96 -12.14 9.88
CA SER C 42 21.15 -13.21 10.86
C SER C 42 22.01 -12.77 12.05
N VAL C 43 22.72 -11.66 11.90
CA VAL C 43 23.54 -11.14 12.99
C VAL C 43 23.55 -9.61 12.88
N ILE C 44 23.30 -8.94 13.99
CA ILE C 44 23.28 -7.50 13.99
C ILE C 44 24.07 -6.97 15.16
N GLU C 45 25.21 -6.37 14.86
CA GLU C 45 26.05 -5.82 15.90
C GLU C 45 25.22 -4.72 16.58
N THR C 46 24.60 -5.08 17.69
CA THR C 46 23.70 -4.19 18.42
C THR C 46 24.27 -2.90 19.01
N THR C 47 25.23 -3.03 19.93
CA THR C 47 25.83 -1.86 20.57
C THR C 47 27.22 -2.15 21.11
N SER C 48 27.78 -1.17 21.81
CA SER C 48 29.11 -1.30 22.37
C SER C 48 29.16 -0.94 23.85
N PHE C 49 29.49 -1.92 24.67
CA PHE C 49 29.61 -1.71 26.12
C PHE C 49 30.99 -1.14 26.39
N VAL C 50 31.16 0.12 26.00
CA VAL C 50 32.41 0.84 26.17
C VAL C 50 32.14 2.15 26.93
N SER C 51 33.18 2.69 27.56
CA SER C 51 33.09 3.92 28.33
C SER C 51 32.23 4.97 27.63
N PRO C 52 31.19 5.48 28.31
CA PRO C 52 30.33 6.49 27.71
C PRO C 52 31.10 7.76 27.36
N LYS C 53 32.40 7.76 27.66
CA LYS C 53 33.25 8.91 27.36
C LYS C 53 34.12 8.70 26.13
N TRP C 54 34.74 7.53 26.00
CA TRP C 54 35.58 7.25 24.83
C TRP C 54 34.70 7.45 23.59
N VAL C 55 33.40 7.26 23.77
CA VAL C 55 32.43 7.42 22.70
C VAL C 55 31.01 7.44 23.29
N PRO C 56 30.38 8.63 23.30
CA PRO C 56 29.03 8.82 23.84
C PRO C 56 27.90 8.09 23.10
N GLN C 57 27.93 8.12 21.77
CA GLN C 57 26.89 7.48 20.98
C GLN C 57 26.47 6.10 21.46
N MET C 58 27.41 5.34 22.01
CA MET C 58 27.12 3.99 22.50
C MET C 58 26.69 4.00 23.98
N GLY C 59 26.51 5.18 24.54
CA GLY C 59 26.13 5.31 25.93
C GLY C 59 24.93 4.47 26.39
N ASP C 60 23.82 4.58 25.66
CA ASP C 60 22.60 3.84 25.98
C ASP C 60 22.68 2.33 25.75
N HIS C 61 23.88 1.83 25.51
CA HIS C 61 24.08 0.40 25.23
C HIS C 61 23.32 -0.62 26.07
N THR C 62 23.19 -0.37 27.37
CA THR C 62 22.49 -1.30 28.25
C THR C 62 21.00 -1.49 27.95
N GLU C 63 20.25 -0.41 27.87
CA GLU C 63 18.82 -0.53 27.60
C GLU C 63 18.57 -0.78 26.12
N VAL C 64 19.57 -0.46 25.29
CA VAL C 64 19.44 -0.69 23.85
C VAL C 64 19.43 -2.20 23.63
N LEU C 65 20.32 -2.91 24.33
CA LEU C 65 20.39 -4.36 24.20
C LEU C 65 19.12 -4.98 24.78
N LYS C 66 18.67 -4.43 25.91
CA LYS C 66 17.48 -4.93 26.58
C LYS C 66 16.21 -4.56 25.83
N GLY C 67 16.23 -3.39 25.19
CA GLY C 67 15.08 -2.91 24.46
C GLY C 67 14.75 -3.57 23.13
N ILE C 68 15.75 -4.10 22.44
CA ILE C 68 15.51 -4.71 21.14
C ILE C 68 14.76 -6.03 21.23
N GLN C 69 13.90 -6.27 20.23
CA GLN C 69 13.12 -7.50 20.16
C GLN C 69 14.13 -8.61 19.87
N LYS C 70 14.17 -9.64 20.71
CA LYS C 70 15.11 -10.73 20.50
C LYS C 70 14.58 -11.78 19.52
N PHE C 71 14.60 -11.44 18.23
CA PHE C 71 14.14 -12.34 17.17
C PHE C 71 14.78 -13.72 17.25
N PRO C 72 13.98 -14.77 17.07
CA PRO C 72 14.45 -16.16 17.11
C PRO C 72 15.40 -16.48 15.96
N GLY C 73 16.58 -17.00 16.28
CA GLY C 73 17.54 -17.35 15.25
C GLY C 73 18.48 -16.24 14.83
N ILE C 74 18.30 -15.05 15.41
CA ILE C 74 19.15 -13.91 15.07
C ILE C 74 20.15 -13.60 16.19
N ASN C 75 21.41 -13.44 15.81
CA ASN C 75 22.45 -13.14 16.79
C ASN C 75 22.61 -11.62 16.91
N TYR C 76 22.74 -11.16 18.15
CA TYR C 76 22.87 -9.74 18.43
C TYR C 76 24.14 -9.48 19.23
N PRO C 77 25.31 -9.80 18.64
CA PRO C 77 26.58 -9.59 19.33
C PRO C 77 26.82 -8.14 19.73
N VAL C 78 27.65 -7.95 20.74
CA VAL C 78 27.98 -6.61 21.24
C VAL C 78 29.45 -6.52 21.61
N LEU C 79 30.04 -5.34 21.44
CA LEU C 79 31.45 -5.11 21.77
C LEU C 79 31.68 -5.10 23.27
N THR C 80 32.77 -5.73 23.70
CA THR C 80 33.14 -5.81 25.11
C THR C 80 34.66 -5.67 25.22
N PRO C 81 35.15 -4.44 25.45
CA PRO C 81 36.58 -4.11 25.58
C PRO C 81 37.28 -4.70 26.80
N ASN C 82 36.55 -4.82 27.91
CA ASN C 82 37.11 -5.36 29.14
C ASN C 82 36.08 -6.16 29.95
N LEU C 83 36.55 -6.76 31.05
CA LEU C 83 35.70 -7.58 31.90
C LEU C 83 34.49 -6.79 32.42
N LYS C 84 34.69 -5.51 32.72
CA LYS C 84 33.58 -4.69 33.20
C LYS C 84 32.54 -4.68 32.10
N GLY C 85 32.94 -4.17 30.93
CA GLY C 85 32.04 -4.12 29.79
C GLY C 85 31.39 -5.47 29.59
N PHE C 86 32.18 -6.54 29.72
CA PHE C 86 31.67 -7.88 29.55
C PHE C 86 30.54 -8.20 30.52
N GLU C 87 30.80 -8.05 31.81
CA GLU C 87 29.80 -8.33 32.83
C GLU C 87 28.53 -7.51 32.59
N ALA C 88 28.72 -6.26 32.16
CA ALA C 88 27.58 -5.38 31.89
C ALA C 88 26.74 -5.93 30.75
N ALA C 89 27.40 -6.41 29.71
CA ALA C 89 26.71 -6.95 28.55
C ALA C 89 25.89 -8.18 28.95
N VAL C 90 26.47 -9.06 29.75
CA VAL C 90 25.78 -10.28 30.19
C VAL C 90 24.56 -9.91 31.01
N ALA C 91 24.69 -8.84 31.79
CA ALA C 91 23.62 -8.34 32.64
C ALA C 91 22.48 -7.69 31.85
N ALA C 92 22.76 -7.39 30.59
CA ALA C 92 21.76 -6.77 29.73
C ALA C 92 21.21 -7.81 28.75
N GLY C 93 21.74 -9.03 28.84
CA GLY C 93 21.28 -10.09 27.96
C GLY C 93 22.09 -10.21 26.69
N ALA C 94 23.34 -10.65 26.82
CA ALA C 94 24.22 -10.84 25.68
C ALA C 94 24.55 -12.32 25.58
N LYS C 95 24.45 -12.87 24.38
CA LYS C 95 24.76 -14.29 24.19
C LYS C 95 26.09 -14.41 23.45
N GLU C 96 26.61 -13.28 23.01
CA GLU C 96 27.88 -13.24 22.27
C GLU C 96 28.52 -11.87 22.46
N VAL C 97 29.83 -11.87 22.71
CA VAL C 97 30.57 -10.64 22.89
C VAL C 97 31.64 -10.54 21.81
N VAL C 98 32.11 -9.32 21.55
CA VAL C 98 33.12 -9.10 20.53
C VAL C 98 34.28 -8.25 21.03
N ILE C 99 35.46 -8.86 21.08
CA ILE C 99 36.68 -8.16 21.51
C ILE C 99 37.31 -7.56 20.27
N PHE C 100 38.08 -6.49 20.42
CA PHE C 100 38.68 -5.86 19.25
C PHE C 100 40.07 -5.26 19.40
N GLY C 101 41.01 -5.76 18.59
CA GLY C 101 42.37 -5.29 18.62
C GLY C 101 42.87 -4.94 17.23
N ALA C 102 44.19 -4.78 17.09
CA ALA C 102 44.78 -4.43 15.81
C ALA C 102 46.15 -5.05 15.59
N ALA C 103 46.65 -4.92 14.36
CA ALA C 103 47.96 -5.43 13.99
C ALA C 103 48.94 -4.26 14.07
N SER C 104 48.44 -3.16 14.61
CA SER C 104 49.22 -1.93 14.75
C SER C 104 49.30 -1.45 16.20
N GLU C 105 50.51 -1.44 16.75
CA GLU C 105 50.74 -0.98 18.13
C GLU C 105 50.21 0.44 18.28
N LEU C 106 50.63 1.31 17.36
CA LEU C 106 50.20 2.71 17.37
C LEU C 106 48.68 2.88 17.40
N PHE C 107 47.97 2.20 16.50
CA PHE C 107 46.50 2.31 16.49
C PHE C 107 45.90 1.72 17.77
N THR C 108 46.51 0.66 18.27
CA THR C 108 46.00 0.02 19.49
C THR C 108 45.97 1.03 20.65
N LYS C 109 47.00 1.86 20.76
CA LYS C 109 47.08 2.86 21.82
C LYS C 109 46.02 3.94 21.64
N LYS C 110 45.99 4.51 20.44
CA LYS C 110 45.06 5.59 20.13
C LYS C 110 43.59 5.20 20.06
N ASN C 111 43.24 4.01 20.55
CA ASN C 111 41.85 3.58 20.53
C ASN C 111 41.42 2.97 21.85
N ILE C 112 42.06 1.87 22.22
CA ILE C 112 41.74 1.19 23.47
C ILE C 112 42.65 1.72 24.58
N ASN C 113 43.70 2.43 24.17
CA ASN C 113 44.67 3.05 25.08
C ASN C 113 45.61 2.10 25.81
N CYS C 114 46.29 1.24 25.06
CA CYS C 114 47.26 0.28 25.59
C CYS C 114 47.84 -0.45 24.40
N SER C 115 48.97 -1.12 24.56
CA SER C 115 49.60 -1.81 23.45
C SER C 115 48.82 -3.05 23.01
N ILE C 116 49.41 -3.81 22.09
CA ILE C 116 48.79 -5.02 21.57
C ILE C 116 48.82 -6.13 22.62
N GLU C 117 49.99 -6.38 23.19
CA GLU C 117 50.12 -7.43 24.19
C GLU C 117 49.22 -7.10 25.39
N GLU C 118 49.27 -5.84 25.78
CA GLU C 118 48.50 -5.34 26.91
C GLU C 118 47.00 -5.41 26.61
N SER C 119 46.65 -5.63 25.35
CA SER C 119 45.24 -5.73 24.95
C SER C 119 44.78 -7.17 25.05
N PHE C 120 45.67 -8.11 24.73
CA PHE C 120 45.32 -9.53 24.80
C PHE C 120 45.27 -9.97 26.25
N GLN C 121 45.97 -9.24 27.10
CA GLN C 121 45.98 -9.56 28.51
C GLN C 121 44.59 -9.27 29.06
N ARG C 122 43.92 -8.29 28.46
CA ARG C 122 42.58 -7.90 28.87
C ARG C 122 41.58 -8.84 28.21
N PHE C 123 41.93 -9.37 27.05
CA PHE C 123 41.07 -10.29 26.31
C PHE C 123 41.02 -11.66 26.95
N ASP C 124 42.18 -12.12 27.44
CA ASP C 124 42.26 -13.43 28.07
C ASP C 124 41.19 -13.57 29.15
N ALA C 125 41.15 -12.59 30.05
CA ALA C 125 40.18 -12.61 31.13
C ALA C 125 38.76 -12.76 30.57
N ILE C 126 38.43 -11.92 29.60
CA ILE C 126 37.10 -11.96 28.98
C ILE C 126 36.79 -13.34 28.43
N LEU C 127 37.75 -13.91 27.70
CA LEU C 127 37.55 -15.23 27.10
C LEU C 127 37.26 -16.31 28.15
N LYS C 128 37.86 -16.18 29.32
CA LYS C 128 37.63 -17.16 30.38
C LYS C 128 36.22 -16.97 30.95
N ALA C 129 35.85 -15.73 31.22
CA ALA C 129 34.51 -15.44 31.74
C ALA C 129 33.50 -15.98 30.75
N ALA C 130 33.64 -15.56 29.50
CA ALA C 130 32.76 -15.99 28.43
C ALA C 130 32.72 -17.51 28.38
N GLN C 131 33.90 -18.13 28.50
CA GLN C 131 33.99 -19.58 28.48
C GLN C 131 33.12 -20.17 29.59
N SER C 132 33.19 -19.57 30.78
CA SER C 132 32.40 -20.02 31.91
C SER C 132 30.92 -19.80 31.62
N ALA C 133 30.63 -18.71 30.93
CA ALA C 133 29.25 -18.36 30.59
C ALA C 133 28.82 -19.05 29.30
N ASN C 134 29.70 -19.87 28.75
CA ASN C 134 29.41 -20.59 27.51
C ASN C 134 28.93 -19.59 26.46
N ILE C 135 29.50 -18.40 26.51
CA ILE C 135 29.17 -17.31 25.60
C ILE C 135 30.20 -17.16 24.49
N SER C 136 29.72 -17.08 23.25
CA SER C 136 30.56 -16.95 22.08
C SER C 136 31.33 -15.63 22.06
N VAL C 137 32.52 -15.67 21.46
CA VAL C 137 33.38 -14.49 21.36
C VAL C 137 33.90 -14.28 19.94
N ARG C 138 33.56 -13.13 19.36
CA ARG C 138 34.02 -12.78 18.03
C ARG C 138 35.23 -11.85 18.16
N GLY C 139 36.21 -12.03 17.28
CA GLY C 139 37.39 -11.19 17.32
C GLY C 139 37.42 -10.17 16.19
N TYR C 140 38.07 -9.03 16.45
CA TYR C 140 38.18 -7.98 15.45
C TYR C 140 39.64 -7.57 15.37
N VAL C 141 40.16 -7.51 14.16
CA VAL C 141 41.54 -7.10 13.95
C VAL C 141 41.53 -5.88 13.03
N SER C 142 41.68 -4.70 13.62
CA SER C 142 41.69 -3.44 12.89
C SER C 142 43.00 -3.21 12.13
N CYS C 143 42.94 -2.32 11.14
CA CYS C 143 44.11 -1.97 10.33
C CYS C 143 44.68 -3.17 9.56
N ALA C 144 43.86 -4.18 9.31
CA ALA C 144 44.34 -5.38 8.62
C ALA C 144 44.92 -5.06 7.24
N LEU C 145 44.49 -3.95 6.66
CA LEU C 145 44.98 -3.57 5.35
C LEU C 145 45.70 -2.22 5.36
N GLY C 146 46.32 -1.89 6.49
CA GLY C 146 47.01 -0.62 6.60
C GLY C 146 46.55 0.17 7.81
N CYS C 147 47.49 0.86 8.45
CA CYS C 147 47.19 1.66 9.63
C CYS C 147 47.40 3.13 9.33
N PRO C 148 46.49 3.99 9.82
CA PRO C 148 46.60 5.43 9.59
C PRO C 148 47.85 6.04 10.21
N TYR C 149 48.33 5.42 11.30
CA TYR C 149 49.50 5.91 12.01
C TYR C 149 50.77 5.17 11.59
N GLU C 150 50.71 3.84 11.53
CA GLU C 150 51.87 3.04 11.14
C GLU C 150 52.05 2.87 9.63
N GLY C 151 50.99 3.13 8.87
CA GLY C 151 51.09 2.98 7.43
C GLY C 151 50.84 1.54 7.01
N LYS C 152 51.79 0.94 6.30
CA LYS C 152 51.64 -0.43 5.84
C LYS C 152 51.73 -1.47 6.95
N ILE C 153 50.89 -2.49 6.86
CA ILE C 153 50.88 -3.56 7.84
C ILE C 153 51.17 -4.90 7.16
N SER C 154 52.11 -5.63 7.73
CA SER C 154 52.54 -6.92 7.20
C SER C 154 51.51 -8.02 7.28
N PRO C 155 51.29 -8.75 6.18
CA PRO C 155 50.31 -9.83 6.21
C PRO C 155 50.61 -10.73 7.41
N ALA C 156 51.87 -11.12 7.56
CA ALA C 156 52.29 -11.98 8.67
C ALA C 156 51.84 -11.41 10.01
N LYS C 157 51.96 -10.10 10.15
CA LYS C 157 51.55 -9.44 11.38
C LYS C 157 50.05 -9.63 11.59
N VAL C 158 49.27 -9.50 10.52
CA VAL C 158 47.83 -9.69 10.64
C VAL C 158 47.52 -11.17 10.95
N ALA C 159 48.28 -12.06 10.33
CA ALA C 159 48.08 -13.50 10.55
C ALA C 159 48.46 -13.86 11.97
N GLU C 160 49.41 -13.11 12.54
CA GLU C 160 49.87 -13.37 13.91
C GLU C 160 48.77 -13.12 14.93
N VAL C 161 48.25 -11.88 14.97
CA VAL C 161 47.19 -11.55 15.91
C VAL C 161 45.93 -12.37 15.66
N THR C 162 45.62 -12.63 14.39
CA THR C 162 44.41 -13.39 14.07
C THR C 162 44.51 -14.79 14.65
N LYS C 163 45.64 -15.44 14.41
CA LYS C 163 45.85 -16.79 14.92
C LYS C 163 45.81 -16.79 16.45
N LYS C 164 46.20 -15.68 17.06
CA LYS C 164 46.19 -15.55 18.51
C LYS C 164 44.76 -15.49 19.01
N PHE C 165 43.95 -14.64 18.38
CA PHE C 165 42.55 -14.53 18.77
C PHE C 165 41.92 -15.90 18.62
N TYR C 166 42.19 -16.55 17.48
CA TYR C 166 41.64 -17.85 17.21
C TYR C 166 41.99 -18.86 18.31
N SER C 167 43.28 -19.07 18.54
CA SER C 167 43.69 -20.04 19.56
C SER C 167 43.22 -19.64 20.96
N MET C 168 43.08 -18.34 21.22
CA MET C 168 42.62 -17.90 22.53
C MET C 168 41.16 -18.24 22.82
N GLY C 169 40.38 -18.53 21.78
CA GLY C 169 38.99 -18.88 21.98
C GLY C 169 37.94 -18.28 21.04
N CYS C 170 38.33 -17.27 20.27
CA CYS C 170 37.38 -16.65 19.34
C CYS C 170 37.03 -17.63 18.23
N TYR C 171 35.72 -17.82 18.00
CA TYR C 171 35.26 -18.76 16.98
C TYR C 171 35.34 -18.15 15.58
N GLU C 172 35.26 -16.82 15.51
CA GLU C 172 35.31 -16.11 14.24
C GLU C 172 36.09 -14.80 14.42
N ILE C 173 36.88 -14.43 13.42
CA ILE C 173 37.66 -13.20 13.50
C ILE C 173 37.45 -12.33 12.29
N SER C 174 37.00 -11.10 12.51
CA SER C 174 36.76 -10.16 11.43
C SER C 174 37.97 -9.27 11.20
N LEU C 175 38.53 -9.35 9.99
CA LEU C 175 39.69 -8.58 9.59
C LEU C 175 39.17 -7.31 8.95
N GLY C 176 39.43 -6.16 9.57
CA GLY C 176 38.90 -4.94 9.01
C GLY C 176 39.83 -3.87 8.49
N ASP C 177 39.50 -3.35 7.32
CA ASP C 177 40.26 -2.27 6.70
C ASP C 177 39.60 -1.02 7.29
N THR C 178 39.98 -0.74 8.53
CA THR C 178 39.47 0.38 9.30
C THR C 178 39.40 1.70 8.54
N ILE C 179 40.45 2.02 7.78
CA ILE C 179 40.50 3.27 7.03
C ILE C 179 40.22 3.14 5.54
N GLY C 180 39.87 1.93 5.10
CA GLY C 180 39.56 1.69 3.69
C GLY C 180 40.65 2.07 2.71
N VAL C 181 41.91 1.96 3.10
CA VAL C 181 43.00 2.30 2.19
C VAL C 181 43.42 1.10 1.35
N GLY C 182 42.86 -0.07 1.68
CA GLY C 182 43.21 -1.27 0.96
C GLY C 182 42.71 -1.40 -0.49
N THR C 183 43.41 -2.24 -1.25
CA THR C 183 43.07 -2.53 -2.63
C THR C 183 43.08 -4.06 -2.74
N PRO C 184 42.48 -4.63 -3.79
CA PRO C 184 42.42 -6.09 -3.97
C PRO C 184 43.69 -6.91 -3.70
N GLY C 185 44.81 -6.51 -4.30
CA GLY C 185 46.06 -7.23 -4.08
C GLY C 185 46.43 -7.33 -2.60
N ILE C 186 46.37 -6.20 -1.89
CA ILE C 186 46.70 -6.18 -0.48
C ILE C 186 45.79 -7.17 0.25
N MET C 187 44.48 -7.06 0.00
CA MET C 187 43.49 -7.95 0.61
C MET C 187 43.85 -9.43 0.40
N LYS C 188 44.23 -9.77 -0.82
CA LYS C 188 44.59 -11.14 -1.18
C LYS C 188 45.81 -11.62 -0.37
N ASP C 189 46.86 -10.81 -0.34
CA ASP C 189 48.05 -11.20 0.41
C ASP C 189 47.75 -11.42 1.88
N MET C 190 47.01 -10.49 2.48
CA MET C 190 46.64 -10.59 3.89
C MET C 190 45.83 -11.84 4.17
N LEU C 191 44.77 -12.08 3.38
CA LEU C 191 43.93 -13.25 3.56
C LEU C 191 44.73 -14.53 3.34
N SER C 192 45.56 -14.52 2.32
CA SER C 192 46.39 -15.67 1.99
C SER C 192 47.26 -16.08 3.19
N ALA C 193 47.90 -15.08 3.81
CA ALA C 193 48.76 -15.37 4.95
C ALA C 193 47.94 -15.93 6.11
N VAL C 194 46.82 -15.28 6.42
CA VAL C 194 45.94 -15.72 7.52
C VAL C 194 45.39 -17.13 7.33
N MET C 195 44.94 -17.42 6.13
CA MET C 195 44.36 -18.73 5.83
C MET C 195 45.29 -19.89 6.11
N GLN C 196 46.59 -19.62 6.18
CA GLN C 196 47.53 -20.69 6.45
C GLN C 196 47.36 -21.19 7.90
N GLU C 197 46.95 -20.29 8.78
CA GLU C 197 46.77 -20.58 10.20
C GLU C 197 45.33 -20.83 10.67
N VAL C 198 44.44 -19.99 10.21
CA VAL C 198 43.04 -20.07 10.60
C VAL C 198 42.15 -20.61 9.51
N PRO C 199 41.39 -21.69 9.80
CA PRO C 199 40.50 -22.27 8.79
C PRO C 199 39.55 -21.22 8.22
N LEU C 200 39.27 -21.35 6.93
CA LEU C 200 38.42 -20.43 6.20
C LEU C 200 37.08 -19.98 6.82
N ALA C 201 36.30 -20.95 7.30
CA ALA C 201 34.99 -20.65 7.89
C ALA C 201 35.03 -19.64 9.03
N ALA C 202 36.14 -19.59 9.75
CA ALA C 202 36.26 -18.66 10.87
C ALA C 202 36.72 -17.24 10.48
N LEU C 203 36.78 -16.94 9.19
CA LEU C 203 37.22 -15.61 8.79
C LEU C 203 36.07 -14.72 8.30
N ALA C 204 36.18 -13.43 8.59
CA ALA C 204 35.19 -12.46 8.16
C ALA C 204 35.98 -11.25 7.68
N VAL C 205 35.35 -10.46 6.82
CA VAL C 205 35.98 -9.27 6.29
C VAL C 205 35.13 -8.04 6.61
N HIS C 206 35.80 -6.96 6.98
CA HIS C 206 35.16 -5.71 7.38
C HIS C 206 35.81 -4.56 6.60
N CYS C 207 35.23 -4.19 5.45
CA CYS C 207 35.83 -3.15 4.63
C CYS C 207 35.16 -1.78 4.64
N HIS C 208 35.95 -0.74 4.86
CA HIS C 208 35.40 0.62 4.86
C HIS C 208 35.57 1.20 3.46
N ASP C 209 34.56 1.96 3.03
CA ASP C 209 34.53 2.53 1.68
C ASP C 209 35.08 3.94 1.55
N THR C 210 35.94 4.34 2.48
CA THR C 210 36.53 5.68 2.48
C THR C 210 37.16 6.07 1.16
N TYR C 211 37.81 5.11 0.52
CA TYR C 211 38.46 5.37 -0.75
C TYR C 211 37.71 4.70 -1.89
N GLY C 212 36.50 4.23 -1.59
CA GLY C 212 35.69 3.59 -2.61
C GLY C 212 36.18 2.22 -3.02
N GLN C 213 36.91 1.54 -2.13
CA GLN C 213 37.43 0.21 -2.46
C GLN C 213 36.74 -0.90 -1.69
N ALA C 214 35.81 -0.54 -0.81
CA ALA C 214 35.12 -1.53 0.03
C ALA C 214 34.43 -2.70 -0.69
N LEU C 215 33.69 -2.44 -1.75
CA LEU C 215 33.01 -3.54 -2.43
C LEU C 215 33.99 -4.37 -3.24
N ALA C 216 34.92 -3.71 -3.91
CA ALA C 216 35.91 -4.42 -4.72
C ALA C 216 36.79 -5.26 -3.81
N ASN C 217 37.08 -4.76 -2.61
CA ASN C 217 37.92 -5.49 -1.67
C ASN C 217 37.16 -6.71 -1.12
N THR C 218 35.84 -6.55 -0.96
CA THR C 218 35.01 -7.62 -0.44
C THR C 218 34.87 -8.75 -1.47
N LEU C 219 34.78 -8.37 -2.75
CA LEU C 219 34.68 -9.36 -3.81
C LEU C 219 35.95 -10.21 -3.77
N MET C 220 37.08 -9.56 -3.55
CA MET C 220 38.37 -10.26 -3.49
C MET C 220 38.34 -11.31 -2.40
N ALA C 221 37.82 -10.94 -1.23
CA ALA C 221 37.73 -11.89 -0.13
C ALA C 221 36.83 -13.09 -0.49
N LEU C 222 35.68 -12.81 -1.09
CA LEU C 222 34.73 -13.84 -1.51
C LEU C 222 35.39 -14.83 -2.46
N GLN C 223 36.14 -14.31 -3.42
CA GLN C 223 36.85 -15.15 -4.38
C GLN C 223 37.86 -16.04 -3.66
N MET C 224 38.30 -15.62 -2.48
CA MET C 224 39.25 -16.41 -1.72
C MET C 224 38.54 -17.46 -0.86
N GLY C 225 37.21 -17.43 -0.82
CA GLY C 225 36.47 -18.40 -0.04
C GLY C 225 35.87 -17.88 1.27
N VAL C 226 36.12 -16.62 1.61
CA VAL C 226 35.57 -16.05 2.84
C VAL C 226 34.05 -15.93 2.67
N SER C 227 33.29 -16.39 3.66
CA SER C 227 31.83 -16.35 3.55
C SER C 227 31.09 -15.52 4.59
N VAL C 228 31.79 -14.55 5.18
CA VAL C 228 31.12 -13.65 6.13
C VAL C 228 31.72 -12.25 5.97
N VAL C 229 30.86 -11.27 5.71
CA VAL C 229 31.32 -9.89 5.55
C VAL C 229 30.46 -8.93 6.37
N ASP C 230 31.09 -7.87 6.86
CA ASP C 230 30.44 -6.85 7.67
C ASP C 230 30.02 -5.67 6.80
N SER C 231 28.95 -4.99 7.21
CA SER C 231 28.45 -3.84 6.46
C SER C 231 27.41 -3.06 7.27
N SER C 232 27.32 -1.77 7.01
CA SER C 232 26.35 -0.91 7.69
C SER C 232 25.20 -0.63 6.76
N VAL C 233 24.00 -0.52 7.32
CA VAL C 233 22.79 -0.28 6.52
C VAL C 233 22.98 0.71 5.38
N ALA C 234 22.58 1.95 5.57
CA ALA C 234 22.68 2.93 4.50
C ALA C 234 24.10 3.45 4.28
N GLY C 235 25.09 2.64 4.61
CA GLY C 235 26.47 3.07 4.42
C GLY C 235 26.95 3.98 5.52
N LEU C 236 26.43 3.78 6.73
CA LEU C 236 26.80 4.58 7.88
C LEU C 236 28.19 4.14 8.36
N GLY C 237 28.64 4.70 9.49
CA GLY C 237 29.92 4.33 10.05
C GLY C 237 31.04 5.33 9.81
N SER C 246 33.77 8.43 3.92
CA SER C 246 32.70 7.39 3.92
C SER C 246 32.82 6.48 5.14
N GLY C 247 31.81 5.66 5.35
CA GLY C 247 31.80 4.73 6.46
C GLY C 247 31.87 3.30 5.97
N ASN C 248 31.10 2.41 6.60
CA ASN C 248 31.10 1.00 6.21
C ASN C 248 30.55 0.77 4.80
N LEU C 249 30.87 -0.39 4.24
CA LEU C 249 30.37 -0.78 2.93
C LEU C 249 28.85 -0.83 3.15
N ALA C 250 28.09 -0.19 2.27
CA ALA C 250 26.64 -0.17 2.40
C ALA C 250 26.05 -1.57 2.23
N THR C 251 25.35 -2.05 3.24
CA THR C 251 24.75 -3.39 3.20
C THR C 251 23.88 -3.64 1.96
N GLU C 252 23.07 -2.64 1.56
CA GLU C 252 22.21 -2.79 0.38
C GLU C 252 23.04 -2.98 -0.90
N ASP C 253 24.16 -2.27 -0.97
CA ASP C 253 25.05 -2.35 -2.12
C ASP C 253 25.65 -3.76 -2.15
N LEU C 254 25.89 -4.31 -0.97
CA LEU C 254 26.45 -5.65 -0.84
C LEU C 254 25.45 -6.74 -1.20
N VAL C 255 24.21 -6.61 -0.72
CA VAL C 255 23.18 -7.60 -1.01
C VAL C 255 22.85 -7.58 -2.50
N TYR C 256 22.87 -6.39 -3.10
CA TYR C 256 22.59 -6.28 -4.52
C TYR C 256 23.56 -7.14 -5.32
N MET C 257 24.85 -6.99 -5.03
CA MET C 257 25.88 -7.74 -5.71
C MET C 257 25.68 -9.24 -5.46
N LEU C 258 25.55 -9.61 -4.19
CA LEU C 258 25.37 -11.00 -3.81
C LEU C 258 24.22 -11.68 -4.54
N GLU C 259 23.04 -11.05 -4.52
CA GLU C 259 21.88 -11.61 -5.21
C GLU C 259 22.21 -11.77 -6.68
N GLY C 260 22.86 -10.75 -7.24
CA GLY C 260 23.24 -10.77 -8.64
C GLY C 260 24.15 -11.93 -8.98
N LEU C 261 24.88 -12.41 -7.96
CA LEU C 261 25.81 -13.52 -8.11
C LEU C 261 25.17 -14.85 -7.71
N GLY C 262 23.90 -14.80 -7.33
CA GLY C 262 23.18 -15.99 -6.94
C GLY C 262 23.56 -16.56 -5.58
N ILE C 263 24.21 -15.76 -4.74
CA ILE C 263 24.62 -16.21 -3.42
C ILE C 263 23.52 -15.85 -2.44
N HIS C 264 23.04 -16.84 -1.68
CA HIS C 264 21.98 -16.61 -0.72
C HIS C 264 22.41 -15.78 0.49
N THR C 265 21.64 -14.75 0.82
CA THR C 265 21.95 -13.89 1.96
C THR C 265 20.87 -13.95 3.03
N GLY C 266 19.68 -14.41 2.63
CA GLY C 266 18.57 -14.50 3.56
C GLY C 266 18.01 -13.13 3.91
N VAL C 267 18.50 -12.10 3.24
CA VAL C 267 18.06 -10.73 3.49
C VAL C 267 17.01 -10.25 2.48
N ASN C 268 16.06 -9.46 2.98
CA ASN C 268 15.01 -8.90 2.15
C ASN C 268 15.46 -7.48 1.82
N LEU C 269 15.96 -7.28 0.61
CA LEU C 269 16.46 -5.97 0.19
C LEU C 269 15.50 -4.80 0.42
N GLN C 270 14.26 -4.95 0.00
CA GLN C 270 13.28 -3.88 0.16
C GLN C 270 13.16 -3.42 1.62
N LYS C 271 13.07 -4.38 2.54
CA LYS C 271 12.96 -4.03 3.95
C LYS C 271 14.25 -3.41 4.47
N LEU C 272 15.38 -3.93 4.00
CA LEU C 272 16.67 -3.38 4.40
C LEU C 272 16.65 -1.90 4.03
N LEU C 273 16.17 -1.63 2.82
CA LEU C 273 16.07 -0.26 2.35
C LEU C 273 15.20 0.56 3.29
N GLU C 274 14.04 0.02 3.63
CA GLU C 274 13.12 0.70 4.53
C GLU C 274 13.86 1.05 5.81
N ALA C 275 14.48 0.05 6.43
CA ALA C 275 15.24 0.28 7.65
C ALA C 275 16.29 1.37 7.43
N GLY C 276 16.88 1.38 6.24
CA GLY C 276 17.89 2.39 5.94
C GLY C 276 17.28 3.77 5.76
N ASN C 277 16.09 3.79 5.17
CA ASN C 277 15.40 5.04 4.96
C ASN C 277 15.06 5.65 6.31
N PHE C 278 14.72 4.80 7.27
CA PHE C 278 14.36 5.24 8.62
C PHE C 278 15.48 5.98 9.36
N ILE C 279 16.57 5.27 9.66
CA ILE C 279 17.66 5.90 10.40
C ILE C 279 18.22 7.13 9.70
N CYS C 280 18.26 7.12 8.37
CA CYS C 280 18.78 8.27 7.66
C CYS C 280 17.96 9.54 7.91
N GLN C 281 16.68 9.36 8.22
CA GLN C 281 15.79 10.48 8.50
C GLN C 281 15.96 10.92 9.96
N ALA C 282 15.90 9.96 10.87
CA ALA C 282 16.05 10.23 12.30
C ALA C 282 17.44 10.82 12.56
N LEU C 283 18.25 10.87 11.51
CA LEU C 283 19.61 11.38 11.61
C LEU C 283 19.76 12.60 10.72
N ASN C 284 18.75 12.84 9.88
CA ASN C 284 18.72 13.98 8.96
C ASN C 284 19.91 14.01 7.99
N ARG C 285 20.25 12.85 7.45
CA ARG C 285 21.36 12.75 6.50
C ARG C 285 20.96 11.82 5.35
N LYS C 286 21.42 12.14 4.15
CA LYS C 286 21.11 11.32 2.99
C LYS C 286 21.81 9.96 3.08
N THR C 287 21.17 8.94 2.52
CA THR C 287 21.73 7.60 2.54
C THR C 287 23.01 7.57 1.71
N SER C 288 23.85 6.58 1.99
CA SER C 288 25.09 6.42 1.23
C SER C 288 25.00 5.15 0.39
N SER C 289 23.82 4.56 0.37
CA SER C 289 23.57 3.34 -0.40
C SER C 289 23.28 3.79 -1.83
N LYS C 290 24.19 3.47 -2.74
CA LYS C 290 23.99 3.83 -4.14
C LYS C 290 22.69 3.20 -4.57
N VAL C 291 22.44 1.98 -4.08
CA VAL C 291 21.24 1.23 -4.41
C VAL C 291 19.96 1.96 -4.03
N ALA C 292 19.96 2.59 -2.86
CA ALA C 292 18.78 3.32 -2.39
C ALA C 292 18.53 4.58 -3.21
N GLN C 293 19.60 5.26 -3.59
CA GLN C 293 19.47 6.47 -4.40
C GLN C 293 18.94 6.11 -5.77
N ALA C 294 19.23 4.89 -6.20
CA ALA C 294 18.80 4.41 -7.50
C ALA C 294 17.33 4.01 -7.46
N THR C 295 16.94 3.30 -6.40
CA THR C 295 15.57 2.85 -6.23
C THR C 295 14.62 3.98 -5.86
N CYS C 296 14.34 4.12 -4.58
CA CYS C 296 13.43 5.15 -4.07
C CYS C 296 14.18 6.44 -3.72
N THR D 1 44.39 -13.16 -16.29
CA THR D 1 45.27 -12.61 -15.22
C THR D 1 45.36 -11.08 -15.32
N LEU D 2 45.63 -10.43 -14.18
CA LEU D 2 45.72 -8.97 -14.13
C LEU D 2 46.77 -8.36 -15.06
N PRO D 3 46.35 -7.46 -15.96
CA PRO D 3 47.28 -6.82 -16.88
C PRO D 3 48.33 -5.96 -16.18
N LYS D 4 49.49 -5.82 -16.80
CA LYS D 4 50.57 -5.02 -16.22
C LYS D 4 50.25 -3.53 -16.33
N ARG D 5 49.55 -3.15 -17.40
CA ARG D 5 49.17 -1.74 -17.60
C ARG D 5 47.74 -1.54 -18.13
N VAL D 6 47.09 -0.47 -17.65
CA VAL D 6 45.73 -0.14 -18.05
C VAL D 6 45.60 1.22 -18.72
N LYS D 7 44.95 1.25 -19.88
CA LYS D 7 44.75 2.50 -20.61
C LYS D 7 43.41 3.08 -20.17
N ILE D 8 43.46 4.09 -19.31
CA ILE D 8 42.24 4.72 -18.85
C ILE D 8 41.76 5.70 -19.90
N VAL D 9 40.48 5.62 -20.24
CA VAL D 9 39.91 6.52 -21.23
C VAL D 9 39.04 7.47 -20.44
N GLU D 10 39.51 8.70 -20.29
CA GLU D 10 38.80 9.74 -19.54
C GLU D 10 37.64 10.31 -20.36
N VAL D 11 36.41 10.15 -19.85
CA VAL D 11 35.26 10.64 -20.60
C VAL D 11 34.47 11.80 -19.97
N GLY D 12 35.00 12.36 -18.88
CA GLY D 12 34.33 13.46 -18.23
C GLY D 12 33.95 14.63 -19.13
N PRO D 13 34.86 15.11 -20.00
CA PRO D 13 34.47 16.24 -20.86
C PRO D 13 33.40 15.97 -21.92
N MET D 14 33.23 14.71 -22.31
CA MET D 14 32.21 14.36 -23.30
C MET D 14 31.00 13.78 -22.56
N ASP D 15 31.15 12.54 -22.11
CA ASP D 15 30.09 11.83 -21.39
C ASP D 15 29.75 12.50 -20.05
N GLY D 16 30.76 13.05 -19.39
CA GLY D 16 30.53 13.71 -18.12
C GLY D 16 29.64 14.93 -18.25
N LEU D 17 30.13 15.97 -18.93
CA LEU D 17 29.37 17.20 -19.11
C LEU D 17 28.03 17.00 -19.82
N GLN D 18 28.02 16.18 -20.86
CA GLN D 18 26.79 15.93 -21.59
C GLN D 18 25.68 15.56 -20.61
N ASN D 19 26.05 14.86 -19.54
CA ASN D 19 25.08 14.40 -18.54
C ASN D 19 25.02 15.20 -17.24
N GLU D 20 25.66 16.36 -17.22
CA GLU D 20 25.63 17.20 -16.04
C GLU D 20 24.43 18.15 -16.18
N LYS D 21 23.83 18.49 -15.05
CA LYS D 21 22.67 19.37 -15.00
C LYS D 21 22.95 20.77 -15.58
N ASN D 22 24.19 21.23 -15.45
CA ASN D 22 24.57 22.55 -15.94
C ASN D 22 25.50 22.48 -17.15
N ILE D 23 25.58 23.59 -17.89
CA ILE D 23 26.43 23.69 -19.07
C ILE D 23 27.57 24.68 -18.87
N VAL D 24 28.77 24.34 -19.34
CA VAL D 24 29.92 25.22 -19.20
C VAL D 24 30.33 25.91 -20.49
N SER D 25 31.06 27.01 -20.35
CA SER D 25 31.53 27.78 -21.49
C SER D 25 32.64 27.05 -22.23
N THR D 26 32.84 27.42 -23.49
CA THR D 26 33.89 26.81 -24.30
C THR D 26 35.27 26.92 -23.63
N PRO D 27 35.64 28.11 -23.11
CA PRO D 27 36.96 28.18 -22.47
C PRO D 27 37.09 27.26 -21.26
N VAL D 28 36.00 27.05 -20.52
CA VAL D 28 36.05 26.17 -19.36
C VAL D 28 36.29 24.71 -19.81
N LYS D 29 35.59 24.29 -20.88
CA LYS D 29 35.74 22.93 -21.41
C LYS D 29 37.19 22.69 -21.85
N ILE D 30 37.73 23.61 -22.65
CA ILE D 30 39.09 23.50 -23.15
C ILE D 30 40.12 23.42 -22.02
N LYS D 31 39.91 24.16 -20.95
CA LYS D 31 40.85 24.12 -19.83
C LYS D 31 40.77 22.79 -19.09
N LEU D 32 39.58 22.24 -18.92
CA LEU D 32 39.43 20.95 -18.24
C LEU D 32 40.26 19.91 -18.97
N ILE D 33 40.06 19.83 -20.27
CA ILE D 33 40.76 18.90 -21.13
C ILE D 33 42.28 19.09 -21.05
N ASP D 34 42.76 20.33 -21.14
CA ASP D 34 44.18 20.59 -21.06
C ASP D 34 44.70 20.06 -19.70
N MET D 35 43.98 20.36 -18.63
CA MET D 35 44.39 19.90 -17.29
C MET D 35 44.50 18.38 -17.23
N LEU D 36 43.49 17.68 -17.77
CA LEU D 36 43.49 16.23 -17.77
C LEU D 36 44.71 15.74 -18.55
N SER D 37 45.06 16.47 -19.60
CA SER D 37 46.21 16.14 -20.41
C SER D 37 47.48 16.27 -19.56
N GLU D 38 47.56 17.35 -18.78
CA GLU D 38 48.72 17.57 -17.93
C GLU D 38 48.75 16.53 -16.80
N ALA D 39 47.60 15.96 -16.50
CA ALA D 39 47.53 14.94 -15.46
C ALA D 39 48.06 13.60 -15.99
N GLY D 40 48.36 13.56 -17.29
CA GLY D 40 48.91 12.35 -17.87
C GLY D 40 47.99 11.39 -18.62
N LEU D 41 46.67 11.58 -18.52
CA LEU D 41 45.74 10.70 -19.22
C LEU D 41 46.14 10.59 -20.69
N SER D 42 46.20 9.38 -21.21
CA SER D 42 46.59 9.18 -22.61
C SER D 42 45.43 9.26 -23.59
N VAL D 43 44.20 9.19 -23.08
CA VAL D 43 43.03 9.31 -23.94
C VAL D 43 41.94 10.10 -23.23
N ILE D 44 41.49 11.17 -23.87
CA ILE D 44 40.48 12.04 -23.29
C ILE D 44 39.39 12.31 -24.30
N GLU D 45 38.23 11.73 -24.05
CA GLU D 45 37.09 11.91 -24.94
C GLU D 45 36.74 13.38 -24.90
N THR D 46 36.97 14.05 -26.03
CA THR D 46 36.78 15.48 -26.13
C THR D 46 35.33 15.97 -26.22
N THR D 47 34.69 15.78 -27.38
CA THR D 47 33.33 16.24 -27.56
C THR D 47 32.56 15.36 -28.53
N SER D 48 31.37 15.83 -28.90
CA SER D 48 30.52 15.13 -29.82
C SER D 48 30.02 16.07 -30.92
N PHE D 49 30.29 15.67 -32.16
CA PHE D 49 29.90 16.43 -33.34
C PHE D 49 28.48 16.05 -33.76
N VAL D 50 27.59 16.09 -32.78
CA VAL D 50 26.19 15.79 -32.94
C VAL D 50 25.50 17.14 -33.15
N SER D 51 24.27 17.13 -33.64
CA SER D 51 23.54 18.37 -33.86
C SER D 51 23.46 19.19 -32.59
N PRO D 52 23.75 20.50 -32.68
CA PRO D 52 23.70 21.38 -31.51
C PRO D 52 22.27 21.45 -31.00
N LYS D 53 21.33 21.11 -31.87
CA LYS D 53 19.91 21.14 -31.52
C LYS D 53 19.48 19.97 -30.65
N TRP D 54 20.11 18.80 -30.83
CA TRP D 54 19.74 17.62 -30.04
C TRP D 54 20.42 17.54 -28.68
N VAL D 55 21.66 18.01 -28.63
CA VAL D 55 22.43 18.04 -27.39
C VAL D 55 23.31 19.29 -27.44
N PRO D 56 22.74 20.42 -27.00
CA PRO D 56 23.41 21.73 -26.98
C PRO D 56 24.67 21.79 -26.12
N GLN D 57 24.74 21.01 -25.04
CA GLN D 57 25.92 21.02 -24.18
C GLN D 57 27.19 20.72 -24.97
N MET D 58 27.03 20.21 -26.19
CA MET D 58 28.19 19.89 -27.01
C MET D 58 28.26 20.76 -28.26
N GLY D 59 27.33 21.71 -28.36
CA GLY D 59 27.28 22.59 -29.52
C GLY D 59 28.59 23.23 -29.92
N ASP D 60 29.46 23.48 -28.94
CA ASP D 60 30.75 24.09 -29.20
C ASP D 60 31.81 23.07 -29.59
N HIS D 61 31.36 21.91 -30.10
CA HIS D 61 32.29 20.85 -30.46
C HIS D 61 33.44 21.21 -31.40
N THR D 62 33.21 22.11 -32.35
CA THR D 62 34.26 22.49 -33.27
C THR D 62 35.38 23.27 -32.58
N GLU D 63 35.02 24.28 -31.80
CA GLU D 63 36.01 25.09 -31.11
C GLU D 63 36.75 24.40 -29.97
N VAL D 64 36.10 23.43 -29.34
CA VAL D 64 36.75 22.72 -28.25
C VAL D 64 37.85 21.81 -28.79
N LEU D 65 37.58 21.10 -29.88
CA LEU D 65 38.60 20.22 -30.46
C LEU D 65 39.76 21.05 -31.02
N LYS D 66 39.42 22.14 -31.70
CA LYS D 66 40.43 23.00 -32.30
C LYS D 66 41.17 23.84 -31.29
N GLY D 67 40.56 24.08 -30.13
CA GLY D 67 41.22 24.91 -29.14
C GLY D 67 42.08 24.26 -28.07
N ILE D 68 41.96 22.94 -27.93
CA ILE D 68 42.71 22.21 -26.92
C ILE D 68 44.15 21.95 -27.39
N GLN D 69 45.09 21.92 -26.46
CA GLN D 69 46.47 21.63 -26.85
C GLN D 69 46.50 20.15 -27.23
N LYS D 70 47.32 19.80 -28.22
CA LYS D 70 47.45 18.40 -28.62
C LYS D 70 48.79 17.91 -28.05
N PHE D 71 48.77 17.39 -26.84
CA PHE D 71 49.99 16.89 -26.21
C PHE D 71 50.49 15.65 -26.96
N PRO D 72 51.83 15.47 -26.99
CA PRO D 72 52.44 14.33 -27.68
C PRO D 72 52.00 13.03 -27.01
N GLY D 73 51.67 12.04 -27.84
CA GLY D 73 51.26 10.75 -27.32
C GLY D 73 49.88 10.70 -26.67
N ILE D 74 49.15 11.81 -26.71
CA ILE D 74 47.82 11.81 -26.13
C ILE D 74 46.75 11.84 -27.21
N ASN D 75 45.66 11.13 -26.96
CA ASN D 75 44.53 11.04 -27.89
C ASN D 75 43.28 11.78 -27.42
N TYR D 76 42.59 12.41 -28.37
CA TYR D 76 41.39 13.17 -28.06
C TYR D 76 40.28 12.76 -29.02
N PRO D 77 39.69 11.57 -28.81
CA PRO D 77 38.61 11.09 -29.67
C PRO D 77 37.31 11.86 -29.49
N VAL D 78 36.52 11.91 -30.55
CA VAL D 78 35.23 12.61 -30.55
C VAL D 78 34.12 11.76 -31.16
N LEU D 79 32.91 11.95 -30.67
CA LEU D 79 31.76 11.21 -31.17
C LEU D 79 31.30 11.69 -32.54
N THR D 80 30.99 10.76 -33.42
CA THR D 80 30.51 11.11 -34.77
C THR D 80 29.31 10.24 -35.10
N PRO D 81 28.11 10.66 -34.63
CA PRO D 81 26.87 9.91 -34.88
C PRO D 81 26.44 9.73 -36.34
N ASN D 82 26.95 10.57 -37.24
CA ASN D 82 26.61 10.45 -38.65
C ASN D 82 27.67 11.09 -39.54
N LEU D 83 27.64 10.76 -40.83
CA LEU D 83 28.62 11.27 -41.79
C LEU D 83 28.88 12.77 -41.72
N LYS D 84 27.83 13.59 -41.74
CA LYS D 84 28.03 15.03 -41.66
C LYS D 84 28.77 15.35 -40.37
N GLY D 85 28.41 14.63 -39.30
CA GLY D 85 29.07 14.82 -38.03
C GLY D 85 30.53 14.45 -38.18
N PHE D 86 30.78 13.36 -38.91
CA PHE D 86 32.15 12.89 -39.14
C PHE D 86 32.96 13.86 -39.98
N GLU D 87 32.41 14.21 -41.14
CA GLU D 87 33.06 15.14 -42.06
C GLU D 87 33.41 16.43 -41.34
N ALA D 88 32.59 16.79 -40.36
CA ALA D 88 32.82 17.99 -39.59
C ALA D 88 33.90 17.76 -38.55
N ALA D 89 33.96 16.53 -38.04
CA ALA D 89 34.98 16.19 -37.03
C ALA D 89 36.36 16.35 -37.65
N VAL D 90 36.50 15.88 -38.89
CA VAL D 90 37.75 15.97 -39.62
C VAL D 90 38.19 17.43 -39.75
N ALA D 91 37.28 18.26 -40.30
CA ALA D 91 37.57 19.67 -40.48
C ALA D 91 38.10 20.30 -39.20
N ALA D 92 37.76 19.73 -38.05
CA ALA D 92 38.20 20.28 -36.78
C ALA D 92 39.51 19.68 -36.28
N GLY D 93 40.08 18.74 -37.02
CA GLY D 93 41.35 18.16 -36.62
C GLY D 93 41.37 16.75 -36.05
N ALA D 94 40.21 16.20 -35.72
CA ALA D 94 40.12 14.84 -35.17
C ALA D 94 40.89 13.78 -35.97
N LYS D 95 41.58 12.90 -35.25
CA LYS D 95 42.33 11.81 -35.86
C LYS D 95 41.66 10.50 -35.45
N GLU D 96 40.70 10.60 -34.54
CA GLU D 96 39.97 9.44 -34.03
C GLU D 96 38.52 9.79 -33.73
N VAL D 97 37.59 9.03 -34.31
CA VAL D 97 36.17 9.29 -34.06
C VAL D 97 35.52 8.08 -33.37
N VAL D 98 34.43 8.34 -32.65
CA VAL D 98 33.71 7.31 -31.92
C VAL D 98 32.28 7.11 -32.42
N ILE D 99 31.88 5.86 -32.67
CA ILE D 99 30.52 5.56 -33.12
C ILE D 99 29.90 4.67 -32.05
N PHE D 100 28.64 4.91 -31.72
CA PHE D 100 27.98 4.13 -30.69
C PHE D 100 26.79 3.27 -31.15
N GLY D 101 26.71 2.07 -30.59
CA GLY D 101 25.63 1.16 -30.93
C GLY D 101 24.97 0.63 -29.67
N ALA D 102 24.27 -0.48 -29.79
CA ALA D 102 23.60 -1.06 -28.64
C ALA D 102 23.33 -2.54 -28.86
N ALA D 103 23.34 -3.31 -27.77
CA ALA D 103 23.07 -4.75 -27.87
C ALA D 103 21.58 -5.02 -27.64
N SER D 104 20.80 -3.94 -27.53
CA SER D 104 19.37 -4.04 -27.31
C SER D 104 18.57 -3.47 -28.47
N GLU D 105 17.66 -4.27 -29.00
CA GLU D 105 16.82 -3.82 -30.11
C GLU D 105 15.91 -2.69 -29.63
N LEU D 106 15.25 -2.88 -28.49
CA LEU D 106 14.37 -1.86 -27.96
C LEU D 106 15.12 -0.54 -27.69
N PHE D 107 16.34 -0.63 -27.17
CA PHE D 107 17.09 0.58 -26.87
C PHE D 107 17.40 1.31 -28.16
N THR D 108 17.78 0.56 -29.18
CA THR D 108 18.10 1.16 -30.47
C THR D 108 16.86 1.80 -31.11
N LYS D 109 15.72 1.10 -31.04
CA LYS D 109 14.46 1.58 -31.60
C LYS D 109 14.03 2.91 -30.96
N LYS D 110 13.96 2.91 -29.63
CA LYS D 110 13.56 4.10 -28.90
C LYS D 110 14.50 5.28 -29.08
N ASN D 111 15.67 5.05 -29.67
CA ASN D 111 16.61 6.15 -29.86
C ASN D 111 16.79 6.64 -31.30
N ILE D 112 16.75 5.74 -32.29
CA ILE D 112 16.92 6.15 -33.68
C ILE D 112 15.91 5.51 -34.64
N ASN D 113 14.89 4.87 -34.09
CA ASN D 113 13.85 4.24 -34.89
C ASN D 113 14.30 3.23 -35.94
N CYS D 114 15.13 2.29 -35.53
CA CYS D 114 15.58 1.26 -36.44
C CYS D 114 16.23 0.12 -35.66
N SER D 115 16.42 -1.00 -36.35
CA SER D 115 17.00 -2.18 -35.77
C SER D 115 18.48 -1.99 -35.47
N ILE D 116 19.06 -2.96 -34.78
CA ILE D 116 20.48 -2.93 -34.47
C ILE D 116 21.21 -3.03 -35.81
N GLU D 117 20.83 -4.03 -36.61
CA GLU D 117 21.44 -4.25 -37.92
C GLU D 117 21.35 -2.98 -38.77
N GLU D 118 20.20 -2.34 -38.74
CA GLU D 118 20.00 -1.13 -39.53
C GLU D 118 20.97 -0.03 -39.07
N SER D 119 21.24 0.03 -37.76
CA SER D 119 22.14 1.05 -37.24
C SER D 119 23.56 0.85 -37.76
N PHE D 120 23.96 -0.39 -38.01
CA PHE D 120 25.30 -0.63 -38.50
C PHE D 120 25.49 -0.14 -39.92
N GLN D 121 24.41 -0.09 -40.70
CA GLN D 121 24.50 0.39 -42.08
C GLN D 121 24.86 1.86 -42.08
N ARG D 122 24.32 2.58 -41.11
CA ARG D 122 24.58 4.01 -40.96
C ARG D 122 26.08 4.27 -40.77
N PHE D 123 26.76 3.30 -40.17
CA PHE D 123 28.18 3.44 -39.89
C PHE D 123 29.11 3.10 -41.05
N ASP D 124 28.63 2.31 -42.00
CA ASP D 124 29.45 1.92 -43.14
C ASP D 124 30.04 3.12 -43.87
N ALA D 125 29.27 4.18 -44.02
CA ALA D 125 29.74 5.38 -44.71
C ALA D 125 30.87 6.01 -43.90
N ILE D 126 30.72 6.02 -42.58
CA ILE D 126 31.71 6.60 -41.70
C ILE D 126 33.03 5.82 -41.76
N LEU D 127 32.94 4.52 -41.52
CA LEU D 127 34.13 3.69 -41.54
C LEU D 127 34.88 3.83 -42.86
N LYS D 128 34.15 3.86 -43.97
CA LYS D 128 34.77 4.01 -45.28
C LYS D 128 35.58 5.30 -45.36
N ALA D 129 34.95 6.42 -45.02
CA ALA D 129 35.62 7.71 -45.05
C ALA D 129 36.81 7.74 -44.11
N ALA D 130 36.64 7.21 -42.90
CA ALA D 130 37.71 7.18 -41.91
C ALA D 130 38.96 6.46 -42.41
N GLN D 131 38.76 5.30 -43.03
CA GLN D 131 39.89 4.54 -43.54
C GLN D 131 40.62 5.35 -44.62
N SER D 132 39.85 5.95 -45.52
CA SER D 132 40.40 6.76 -46.61
C SER D 132 41.27 7.90 -46.08
N ALA D 133 40.90 8.43 -44.92
CA ALA D 133 41.64 9.54 -44.31
C ALA D 133 42.55 9.08 -43.19
N ASN D 134 42.75 7.77 -43.07
CA ASN D 134 43.58 7.20 -42.02
C ASN D 134 43.13 7.69 -40.64
N ILE D 135 41.83 7.62 -40.40
CA ILE D 135 41.29 8.03 -39.11
C ILE D 135 40.80 6.79 -38.37
N SER D 136 41.21 6.65 -37.11
CA SER D 136 40.82 5.50 -36.31
C SER D 136 39.41 5.66 -35.76
N VAL D 137 38.69 4.54 -35.62
CA VAL D 137 37.32 4.55 -35.12
C VAL D 137 37.12 3.67 -33.90
N ARG D 138 36.51 4.23 -32.86
CA ARG D 138 36.24 3.43 -31.67
C ARG D 138 34.76 3.11 -31.66
N GLY D 139 34.43 1.88 -31.25
CA GLY D 139 33.04 1.45 -31.19
C GLY D 139 32.57 1.42 -29.76
N TYR D 140 31.26 1.56 -29.56
CA TYR D 140 30.68 1.54 -28.25
C TYR D 140 29.38 0.77 -28.29
N VAL D 141 29.15 -0.07 -27.29
CA VAL D 141 27.96 -0.89 -27.21
C VAL D 141 27.26 -0.65 -25.89
N SER D 142 26.08 -0.04 -25.95
CA SER D 142 25.26 0.27 -24.78
C SER D 142 24.48 -0.97 -24.35
N CYS D 143 24.02 -0.99 -23.10
CA CYS D 143 23.23 -2.08 -22.56
C CYS D 143 23.97 -3.42 -22.48
N ALA D 144 25.31 -3.39 -22.45
CA ALA D 144 26.08 -4.62 -22.40
C ALA D 144 25.77 -5.49 -21.19
N LEU D 145 25.35 -4.89 -20.09
CA LEU D 145 25.03 -5.67 -18.89
C LEU D 145 23.56 -5.61 -18.52
N GLY D 146 22.72 -5.25 -19.48
CA GLY D 146 21.30 -5.14 -19.21
C GLY D 146 20.73 -3.90 -19.87
N CYS D 147 19.44 -3.94 -20.20
CA CYS D 147 18.79 -2.83 -20.85
C CYS D 147 17.69 -2.25 -19.98
N PRO D 148 17.54 -0.93 -19.97
CA PRO D 148 16.47 -0.42 -19.11
C PRO D 148 15.09 -0.82 -19.66
N TYR D 149 15.06 -1.25 -20.93
CA TYR D 149 13.80 -1.65 -21.56
C TYR D 149 13.61 -3.16 -21.68
N GLU D 150 14.66 -3.88 -22.08
CA GLU D 150 14.55 -5.32 -22.25
C GLU D 150 14.96 -6.10 -21.02
N GLY D 151 15.58 -5.43 -20.06
CA GLY D 151 16.04 -6.14 -18.88
C GLY D 151 17.30 -6.89 -19.26
N LYS D 152 17.39 -8.17 -18.89
CA LYS D 152 18.57 -8.98 -19.19
C LYS D 152 18.94 -8.99 -20.67
N ILE D 153 20.25 -8.92 -20.94
CA ILE D 153 20.78 -8.91 -22.29
C ILE D 153 21.70 -10.11 -22.50
N SER D 154 21.42 -10.86 -23.55
CA SER D 154 22.19 -12.05 -23.88
C SER D 154 23.65 -11.78 -24.23
N PRO D 155 24.59 -12.46 -23.54
CA PRO D 155 26.03 -12.31 -23.79
C PRO D 155 26.26 -12.54 -25.29
N ALA D 156 25.56 -13.52 -25.84
CA ALA D 156 25.71 -13.84 -27.25
C ALA D 156 25.38 -12.64 -28.13
N LYS D 157 24.37 -11.87 -27.75
CA LYS D 157 24.01 -10.73 -28.56
C LYS D 157 25.08 -9.63 -28.44
N VAL D 158 25.60 -9.43 -27.24
CA VAL D 158 26.64 -8.43 -27.02
C VAL D 158 27.87 -8.78 -27.84
N ALA D 159 28.23 -10.05 -27.79
CA ALA D 159 29.38 -10.57 -28.52
C ALA D 159 29.22 -10.26 -30.01
N GLU D 160 28.04 -10.58 -30.54
CA GLU D 160 27.73 -10.37 -31.93
C GLU D 160 27.84 -8.91 -32.36
N VAL D 161 27.34 -7.99 -31.53
CA VAL D 161 27.39 -6.56 -31.86
C VAL D 161 28.81 -6.02 -31.79
N THR D 162 29.55 -6.47 -30.79
CA THR D 162 30.93 -6.07 -30.64
C THR D 162 31.70 -6.58 -31.85
N LYS D 163 31.39 -7.80 -32.26
CA LYS D 163 32.03 -8.42 -33.41
C LYS D 163 31.81 -7.63 -34.70
N LYS D 164 30.59 -7.16 -34.91
CA LYS D 164 30.27 -6.38 -36.11
C LYS D 164 31.11 -5.10 -36.17
N PHE D 165 31.16 -4.35 -35.07
CA PHE D 165 31.96 -3.13 -35.05
C PHE D 165 33.39 -3.47 -35.41
N TYR D 166 33.88 -4.58 -34.83
CA TYR D 166 35.23 -5.01 -35.07
C TYR D 166 35.52 -5.32 -36.53
N SER D 167 34.72 -6.22 -37.11
CA SER D 167 34.91 -6.60 -38.49
C SER D 167 34.65 -5.45 -39.48
N MET D 168 34.01 -4.38 -39.01
CA MET D 168 33.75 -3.23 -39.87
C MET D 168 34.90 -2.21 -39.85
N GLY D 169 35.79 -2.32 -38.87
CA GLY D 169 36.92 -1.41 -38.80
C GLY D 169 37.33 -0.84 -37.46
N CYS D 170 36.47 -0.95 -36.44
CA CYS D 170 36.78 -0.42 -35.12
C CYS D 170 38.01 -1.09 -34.52
N TYR D 171 38.95 -0.28 -34.07
CA TYR D 171 40.16 -0.85 -33.49
C TYR D 171 39.90 -1.23 -32.04
N GLU D 172 38.87 -0.65 -31.47
CA GLU D 172 38.55 -0.91 -30.08
C GLU D 172 37.06 -0.74 -29.83
N ILE D 173 36.50 -1.58 -28.97
CA ILE D 173 35.09 -1.47 -28.67
C ILE D 173 34.84 -1.43 -27.16
N SER D 174 34.17 -0.37 -26.73
CA SER D 174 33.87 -0.20 -25.32
C SER D 174 32.49 -0.81 -25.00
N LEU D 175 32.46 -1.64 -23.97
CA LEU D 175 31.24 -2.30 -23.54
C LEU D 175 30.67 -1.53 -22.34
N GLY D 176 29.54 -0.85 -22.54
CA GLY D 176 28.98 -0.06 -21.45
C GLY D 176 27.78 -0.59 -20.68
N ASP D 177 27.84 -0.45 -19.36
CA ASP D 177 26.74 -0.88 -18.50
C ASP D 177 26.03 0.40 -18.21
N THR D 178 25.46 0.98 -19.28
CA THR D 178 24.70 2.21 -19.23
C THR D 178 23.86 2.44 -17.96
N ILE D 179 23.10 1.45 -17.50
CA ILE D 179 22.28 1.65 -16.31
C ILE D 179 22.98 1.31 -14.99
N GLY D 180 24.13 0.62 -15.09
CA GLY D 180 24.87 0.24 -13.90
C GLY D 180 24.27 -0.89 -13.09
N VAL D 181 23.43 -1.70 -13.71
CA VAL D 181 22.80 -2.80 -12.99
C VAL D 181 23.68 -4.06 -12.95
N GLY D 182 24.80 -4.01 -13.64
CA GLY D 182 25.67 -5.18 -13.69
C GLY D 182 26.27 -5.62 -12.36
N THR D 183 26.49 -6.92 -12.25
CA THR D 183 27.12 -7.52 -11.07
C THR D 183 28.28 -8.36 -11.64
N PRO D 184 29.27 -8.73 -10.81
CA PRO D 184 30.42 -9.51 -11.27
C PRO D 184 30.20 -10.67 -12.26
N GLY D 185 29.25 -11.54 -11.96
CA GLY D 185 28.96 -12.67 -12.82
C GLY D 185 28.45 -12.27 -14.19
N ILE D 186 27.55 -11.29 -14.22
CA ILE D 186 27.01 -10.77 -15.46
C ILE D 186 28.15 -10.22 -16.31
N MET D 187 29.03 -9.44 -15.69
CA MET D 187 30.17 -8.86 -16.41
C MET D 187 31.07 -9.95 -16.99
N LYS D 188 31.29 -11.00 -16.22
CA LYS D 188 32.13 -12.12 -16.65
C LYS D 188 31.50 -12.92 -17.79
N ASP D 189 30.21 -13.19 -17.69
CA ASP D 189 29.55 -13.94 -18.75
C ASP D 189 29.57 -13.17 -20.05
N MET D 190 29.42 -11.84 -19.96
CA MET D 190 29.41 -11.02 -21.15
C MET D 190 30.81 -10.95 -21.76
N LEU D 191 31.82 -10.73 -20.92
CA LEU D 191 33.19 -10.66 -21.43
C LEU D 191 33.64 -11.99 -22.01
N SER D 192 33.23 -13.09 -21.39
CA SER D 192 33.64 -14.39 -21.89
C SER D 192 33.10 -14.60 -23.31
N ALA D 193 31.83 -14.26 -23.51
CA ALA D 193 31.22 -14.44 -24.82
C ALA D 193 31.83 -13.50 -25.85
N VAL D 194 32.12 -12.26 -25.45
CA VAL D 194 32.70 -11.29 -26.37
C VAL D 194 34.12 -11.69 -26.75
N MET D 195 34.88 -12.16 -25.77
CA MET D 195 36.25 -12.57 -26.00
C MET D 195 36.34 -13.74 -26.99
N GLN D 196 35.25 -14.50 -27.13
CA GLN D 196 35.24 -15.62 -28.07
C GLN D 196 35.42 -15.07 -29.48
N GLU D 197 34.84 -13.89 -29.73
CA GLU D 197 34.84 -13.29 -31.05
C GLU D 197 35.76 -12.11 -31.33
N VAL D 198 36.12 -11.36 -30.29
CA VAL D 198 36.97 -10.20 -30.49
C VAL D 198 38.23 -10.23 -29.65
N PRO D 199 39.39 -10.02 -30.28
CA PRO D 199 40.65 -10.04 -29.53
C PRO D 199 40.56 -9.19 -28.27
N LEU D 200 41.16 -9.68 -27.21
CA LEU D 200 41.13 -9.04 -25.90
C LEU D 200 41.64 -7.60 -25.77
N ALA D 201 42.70 -7.26 -26.50
CA ALA D 201 43.25 -5.92 -26.39
C ALA D 201 42.34 -4.85 -26.99
N ALA D 202 41.39 -5.26 -27.84
CA ALA D 202 40.48 -4.32 -28.49
C ALA D 202 39.20 -4.12 -27.68
N LEU D 203 39.17 -4.63 -26.46
CA LEU D 203 37.99 -4.48 -25.63
C LEU D 203 38.15 -3.45 -24.51
N ALA D 204 37.08 -2.75 -24.19
CA ALA D 204 37.09 -1.78 -23.11
C ALA D 204 35.80 -1.90 -22.34
N VAL D 205 35.86 -1.55 -21.07
CA VAL D 205 34.70 -1.59 -20.22
C VAL D 205 34.38 -0.17 -19.75
N HIS D 206 33.10 0.14 -19.67
CA HIS D 206 32.62 1.46 -19.26
C HIS D 206 31.46 1.22 -18.28
N CYS D 207 31.79 1.23 -16.99
CA CYS D 207 30.83 0.94 -15.94
C CYS D 207 30.27 2.12 -15.16
N HIS D 208 28.96 2.11 -14.94
CA HIS D 208 28.29 3.17 -14.19
C HIS D 208 28.10 2.69 -12.76
N ASP D 209 28.23 3.60 -11.80
CA ASP D 209 28.14 3.22 -10.41
C ASP D 209 26.76 3.44 -9.80
N THR D 210 25.77 3.60 -10.67
CA THR D 210 24.39 3.80 -10.24
C THR D 210 24.02 2.89 -9.07
N TYR D 211 24.44 1.64 -9.14
CA TYR D 211 24.14 0.68 -8.08
C TYR D 211 25.34 0.32 -7.22
N GLY D 212 26.40 1.10 -7.33
CA GLY D 212 27.59 0.83 -6.53
C GLY D 212 28.40 -0.38 -6.95
N GLN D 213 28.28 -0.78 -8.22
CA GLN D 213 29.00 -1.95 -8.72
C GLN D 213 30.10 -1.59 -9.71
N ALA D 214 30.19 -0.32 -10.08
CA ALA D 214 31.19 0.14 -11.06
C ALA D 214 32.61 -0.39 -10.91
N LEU D 215 33.23 -0.13 -9.76
CA LEU D 215 34.60 -0.57 -9.60
C LEU D 215 34.75 -2.10 -9.49
N ALA D 216 33.78 -2.76 -8.86
CA ALA D 216 33.82 -4.21 -8.70
C ALA D 216 33.61 -4.84 -10.08
N ASN D 217 32.68 -4.29 -10.86
CA ASN D 217 32.44 -4.80 -12.21
C ASN D 217 33.70 -4.57 -13.05
N THR D 218 34.39 -3.47 -12.77
CA THR D 218 35.61 -3.13 -13.49
C THR D 218 36.71 -4.12 -13.13
N LEU D 219 36.82 -4.46 -11.84
CA LEU D 219 37.84 -5.41 -11.40
C LEU D 219 37.63 -6.74 -12.10
N MET D 220 36.38 -7.19 -12.14
CA MET D 220 36.06 -8.47 -12.79
C MET D 220 36.62 -8.42 -14.21
N ALA D 221 36.38 -7.31 -14.89
CA ALA D 221 36.90 -7.16 -16.25
C ALA D 221 38.42 -7.28 -16.23
N LEU D 222 39.06 -6.58 -15.30
CA LEU D 222 40.53 -6.63 -15.21
C LEU D 222 41.05 -8.05 -15.01
N GLN D 223 40.35 -8.83 -14.19
CA GLN D 223 40.74 -10.22 -13.94
C GLN D 223 40.59 -11.10 -15.19
N MET D 224 39.78 -10.64 -16.15
CA MET D 224 39.54 -11.38 -17.39
C MET D 224 40.52 -10.99 -18.50
N GLY D 225 41.38 -10.01 -18.23
CA GLY D 225 42.35 -9.60 -19.24
C GLY D 225 42.10 -8.27 -19.94
N VAL D 226 40.95 -7.65 -19.70
CA VAL D 226 40.65 -6.37 -20.32
C VAL D 226 41.66 -5.34 -19.78
N SER D 227 42.24 -4.55 -20.67
CA SER D 227 43.24 -3.58 -20.25
C SER D 227 42.92 -2.10 -20.51
N VAL D 228 41.70 -1.81 -20.93
CA VAL D 228 41.31 -0.41 -21.13
C VAL D 228 39.93 -0.20 -20.50
N VAL D 229 39.82 0.83 -19.66
CA VAL D 229 38.54 1.12 -19.02
C VAL D 229 38.20 2.61 -19.01
N ASP D 230 36.91 2.89 -19.20
CA ASP D 230 36.39 4.25 -19.25
C ASP D 230 36.00 4.77 -17.86
N SER D 231 36.22 6.07 -17.64
CA SER D 231 35.87 6.69 -16.38
C SER D 231 35.80 8.20 -16.53
N SER D 232 35.11 8.86 -15.61
CA SER D 232 34.97 10.32 -15.66
C SER D 232 35.59 10.92 -14.41
N VAL D 233 36.35 12.00 -14.60
CA VAL D 233 37.04 12.68 -13.51
C VAL D 233 36.39 12.56 -12.14
N ALA D 234 35.54 13.51 -11.78
CA ALA D 234 34.93 13.47 -10.45
C ALA D 234 33.64 12.69 -10.41
N GLY D 235 33.53 11.69 -11.28
CA GLY D 235 32.32 10.89 -11.34
C GLY D 235 31.23 11.68 -12.02
N LEU D 236 31.64 12.62 -12.88
CA LEU D 236 30.69 13.45 -13.62
C LEU D 236 29.84 12.57 -14.51
N GLY D 237 28.65 13.05 -14.84
CA GLY D 237 27.76 12.28 -15.69
C GLY D 237 26.61 11.68 -14.92
N GLY D 238 26.03 10.61 -15.46
CA GLY D 238 24.90 9.95 -14.82
C GLY D 238 23.98 9.38 -15.87
N CYS D 239 23.29 8.28 -15.54
CA CYS D 239 22.36 7.68 -16.50
C CYS D 239 21.01 8.37 -16.43
N PRO D 240 20.47 8.78 -17.57
CA PRO D 240 19.16 9.45 -17.58
C PRO D 240 18.01 8.48 -17.33
N TYR D 241 18.34 7.30 -16.79
CA TYR D 241 17.32 6.30 -16.51
C TYR D 241 17.30 5.87 -15.03
N ALA D 242 17.63 6.78 -14.13
CA ALA D 242 17.63 6.48 -12.69
C ALA D 242 18.17 7.64 -11.86
N ALA D 245 20.24 8.71 -9.04
CA ALA D 245 21.47 8.35 -8.27
C ALA D 245 22.72 8.89 -8.97
N SER D 246 23.78 8.10 -8.98
CA SER D 246 25.02 8.51 -9.62
C SER D 246 25.17 7.99 -11.06
N GLY D 247 26.32 8.28 -11.64
CA GLY D 247 26.57 7.84 -13.01
C GLY D 247 27.88 7.10 -13.23
N ASN D 248 28.87 7.78 -13.80
CA ASN D 248 30.16 7.20 -14.11
C ASN D 248 31.07 6.85 -12.93
N LEU D 249 31.97 5.91 -13.19
CA LEU D 249 32.96 5.50 -12.22
C LEU D 249 33.91 6.70 -12.15
N ALA D 250 34.20 7.17 -10.95
CA ALA D 250 35.11 8.31 -10.81
C ALA D 250 36.53 7.88 -11.17
N THR D 251 37.17 8.62 -12.08
CA THR D 251 38.52 8.29 -12.50
C THR D 251 39.57 8.27 -11.37
N GLU D 252 39.40 9.08 -10.33
CA GLU D 252 40.37 9.10 -9.23
C GLU D 252 40.30 7.83 -8.42
N ASP D 253 39.10 7.29 -8.26
CA ASP D 253 38.94 6.07 -7.49
C ASP D 253 39.53 4.89 -8.30
N LEU D 254 39.37 4.94 -9.61
CA LEU D 254 39.91 3.90 -10.46
C LEU D 254 41.44 3.91 -10.43
N VAL D 255 42.06 5.09 -10.57
CA VAL D 255 43.53 5.12 -10.54
C VAL D 255 44.01 4.70 -9.15
N TYR D 256 43.24 5.02 -8.12
CA TYR D 256 43.63 4.64 -6.77
C TYR D 256 43.75 3.11 -6.70
N MET D 257 42.71 2.41 -7.14
CA MET D 257 42.74 0.95 -7.11
C MET D 257 43.90 0.43 -7.97
N LEU D 258 44.05 0.99 -9.17
CA LEU D 258 45.11 0.55 -10.06
C LEU D 258 46.50 0.76 -9.45
N GLU D 259 46.74 1.92 -8.82
CA GLU D 259 48.02 2.19 -8.18
C GLU D 259 48.30 1.13 -7.10
N GLY D 260 47.28 0.81 -6.31
CA GLY D 260 47.44 -0.18 -5.26
C GLY D 260 47.85 -1.53 -5.85
N LEU D 261 47.31 -1.86 -7.02
CA LEU D 261 47.62 -3.12 -7.68
C LEU D 261 48.94 -3.06 -8.46
N GLY D 262 49.70 -1.98 -8.30
CA GLY D 262 50.96 -1.85 -9.00
C GLY D 262 50.79 -1.90 -10.51
N ILE D 263 49.62 -1.45 -10.98
CA ILE D 263 49.32 -1.45 -12.41
C ILE D 263 49.61 -0.09 -13.00
N HIS D 264 50.39 -0.06 -14.06
CA HIS D 264 50.76 1.20 -14.69
C HIS D 264 49.55 1.93 -15.25
N THR D 265 49.50 3.24 -15.01
CA THR D 265 48.43 4.08 -15.52
C THR D 265 49.04 5.31 -16.19
N GLY D 266 50.21 5.71 -15.70
CA GLY D 266 50.90 6.86 -16.25
C GLY D 266 50.18 8.16 -15.92
N VAL D 267 49.26 8.08 -14.96
CA VAL D 267 48.47 9.23 -14.55
C VAL D 267 48.92 9.77 -13.19
N ASN D 268 48.99 11.09 -13.09
CA ASN D 268 49.39 11.75 -11.84
C ASN D 268 48.12 12.09 -11.07
N LEU D 269 47.85 11.29 -10.04
CA LEU D 269 46.65 11.44 -9.23
C LEU D 269 46.34 12.81 -8.62
N GLN D 270 47.35 13.51 -8.11
CA GLN D 270 47.04 14.81 -7.53
C GLN D 270 46.66 15.80 -8.61
N LYS D 271 47.33 15.71 -9.76
CA LYS D 271 46.99 16.60 -10.87
C LYS D 271 45.60 16.24 -11.42
N LEU D 272 45.18 14.98 -11.21
CA LEU D 272 43.86 14.52 -11.67
C LEU D 272 42.83 15.15 -10.75
N LEU D 273 43.12 15.11 -9.45
CA LEU D 273 42.23 15.70 -8.44
C LEU D 273 42.05 17.20 -8.70
N GLU D 274 43.11 17.85 -9.18
CA GLU D 274 43.07 19.27 -9.46
C GLU D 274 42.08 19.55 -10.59
N ALA D 275 42.23 18.81 -11.69
CA ALA D 275 41.32 18.97 -12.82
C ALA D 275 39.89 18.73 -12.35
N GLY D 276 39.72 17.75 -11.45
CA GLY D 276 38.40 17.45 -10.94
C GLY D 276 37.80 18.60 -10.17
N ASN D 277 38.61 19.22 -9.32
CA ASN D 277 38.12 20.33 -8.53
C ASN D 277 37.69 21.48 -9.43
N PHE D 278 38.47 21.75 -10.48
CA PHE D 278 38.17 22.82 -11.42
C PHE D 278 36.79 22.70 -12.06
N ILE D 279 36.47 21.51 -12.56
CA ILE D 279 35.19 21.31 -13.22
C ILE D 279 34.00 21.31 -12.25
N CYS D 280 34.19 20.76 -11.05
CA CYS D 280 33.12 20.73 -10.07
C CYS D 280 32.76 22.15 -9.63
N GLN D 281 33.78 22.96 -9.36
CA GLN D 281 33.56 24.34 -8.93
C GLN D 281 32.89 25.10 -10.07
N ALA D 282 33.23 24.73 -11.31
CA ALA D 282 32.66 25.38 -12.49
C ALA D 282 31.23 24.92 -12.70
N LEU D 283 30.90 23.75 -12.16
CA LEU D 283 29.56 23.19 -12.30
C LEU D 283 28.74 23.43 -11.04
N ASN D 284 29.44 23.82 -9.97
CA ASN D 284 28.79 24.06 -8.68
C ASN D 284 28.13 22.77 -8.20
N ARG D 285 28.96 21.79 -7.88
CA ARG D 285 28.49 20.50 -7.39
C ARG D 285 29.68 19.74 -6.80
N LYS D 286 29.41 19.00 -5.73
CA LYS D 286 30.44 18.23 -5.06
C LYS D 286 30.91 17.07 -5.96
N THR D 287 32.19 16.72 -5.83
CA THR D 287 32.77 15.63 -6.60
C THR D 287 32.16 14.31 -6.11
N SER D 288 32.03 13.34 -7.02
CA SER D 288 31.48 12.03 -6.66
C SER D 288 32.61 11.09 -6.27
N SER D 289 33.85 11.50 -6.53
CA SER D 289 35.02 10.69 -6.23
C SER D 289 35.24 10.54 -4.74
N LYS D 290 35.33 9.31 -4.27
CA LYS D 290 35.53 9.05 -2.85
C LYS D 290 36.95 9.47 -2.48
N VAL D 291 37.89 9.15 -3.35
CA VAL D 291 39.30 9.48 -3.14
C VAL D 291 39.46 10.99 -2.93
N ALA D 292 38.77 11.77 -3.76
CA ALA D 292 38.83 13.23 -3.65
C ALA D 292 38.29 13.68 -2.29
N GLN D 293 37.14 13.12 -1.91
CA GLN D 293 36.52 13.46 -0.64
C GLN D 293 37.45 13.12 0.52
N ALA D 294 37.93 11.88 0.53
CA ALA D 294 38.82 11.41 1.59
C ALA D 294 40.07 12.27 1.68
N THR D 295 40.47 12.85 0.56
CA THR D 295 41.66 13.68 0.51
C THR D 295 41.43 15.08 1.10
N CYS D 296 40.88 15.97 0.30
CA CYS D 296 40.62 17.34 0.74
C CYS D 296 39.61 18.01 -0.19
N THR E 1 0.21 -14.00 -32.44
CA THR E 1 -1.06 -13.31 -32.08
C THR E 1 -0.82 -12.02 -31.26
N LEU E 2 -1.54 -11.85 -30.15
CA LEU E 2 -1.40 -10.65 -29.32
C LEU E 2 0.03 -10.29 -28.93
N PRO E 3 0.48 -9.08 -29.26
CA PRO E 3 1.85 -8.66 -28.93
C PRO E 3 2.03 -8.52 -27.41
N LYS E 4 3.26 -8.68 -26.95
CA LYS E 4 3.53 -8.57 -25.54
C LYS E 4 3.77 -7.13 -25.13
N ARG E 5 4.04 -6.31 -26.14
CA ARG E 5 4.30 -4.88 -25.93
C ARG E 5 3.59 -4.05 -27.00
N VAL E 6 2.98 -2.96 -26.59
CA VAL E 6 2.31 -2.09 -27.55
C VAL E 6 2.92 -0.72 -27.39
N LYS E 7 3.26 -0.08 -28.50
CA LYS E 7 3.84 1.26 -28.45
C LYS E 7 2.72 2.24 -28.80
N ILE E 8 2.19 2.89 -27.77
CA ILE E 8 1.13 3.86 -27.96
C ILE E 8 1.74 5.13 -28.50
N VAL E 9 1.11 5.69 -29.53
CA VAL E 9 1.58 6.94 -30.11
C VAL E 9 0.54 7.99 -29.76
N GLU E 10 0.90 8.89 -28.84
CA GLU E 10 0.00 9.95 -28.38
C GLU E 10 -0.09 11.09 -29.38
N VAL E 11 -1.30 11.36 -29.87
CA VAL E 11 -1.53 12.42 -30.87
C VAL E 11 -2.37 13.60 -30.37
N GLY E 12 -2.78 13.55 -29.11
CA GLY E 12 -3.59 14.62 -28.56
C GLY E 12 -3.07 16.03 -28.83
N PRO E 13 -1.83 16.35 -28.40
CA PRO E 13 -1.27 17.67 -28.62
C PRO E 13 -1.22 18.10 -30.08
N MET E 14 -1.30 17.12 -30.98
CA MET E 14 -1.22 17.41 -32.41
C MET E 14 -2.57 17.22 -33.11
N ASP E 15 -2.93 15.97 -33.37
CA ASP E 15 -4.19 15.62 -34.01
C ASP E 15 -5.39 16.05 -33.19
N GLY E 16 -5.30 15.87 -31.87
CA GLY E 16 -6.39 16.26 -31.01
C GLY E 16 -6.65 17.76 -31.01
N LEU E 17 -5.64 18.54 -30.62
CA LEU E 17 -5.74 20.00 -30.57
C LEU E 17 -6.05 20.65 -31.90
N GLN E 18 -5.40 20.20 -32.98
CA GLN E 18 -5.67 20.80 -34.28
C GLN E 18 -7.14 20.70 -34.65
N ASN E 19 -7.80 19.64 -34.18
CA ASN E 19 -9.21 19.44 -34.50
C ASN E 19 -10.19 19.71 -33.37
N GLU E 20 -9.72 20.32 -32.30
CA GLU E 20 -10.58 20.64 -31.18
C GLU E 20 -11.20 21.99 -31.51
N LYS E 21 -12.41 22.25 -31.02
CA LYS E 21 -13.07 23.51 -31.30
C LYS E 21 -12.46 24.68 -30.55
N ASN E 22 -12.08 24.46 -29.29
CA ASN E 22 -11.48 25.52 -28.48
C ASN E 22 -9.95 25.46 -28.56
N ILE E 23 -9.29 26.60 -28.32
CA ILE E 23 -7.83 26.65 -28.35
C ILE E 23 -7.25 26.93 -26.96
N VAL E 24 -5.95 26.69 -26.81
CA VAL E 24 -5.25 26.93 -25.55
C VAL E 24 -3.94 27.63 -25.84
N SER E 25 -3.38 28.27 -24.83
CA SER E 25 -2.13 29.00 -25.01
C SER E 25 -0.94 28.08 -25.23
N THR E 26 0.18 28.66 -25.63
CA THR E 26 1.40 27.90 -25.87
C THR E 26 1.88 27.21 -24.60
N PRO E 27 1.94 27.94 -23.46
CA PRO E 27 2.41 27.31 -22.22
C PRO E 27 1.60 26.08 -21.85
N VAL E 28 0.30 26.12 -22.10
CA VAL E 28 -0.54 24.98 -21.78
C VAL E 28 -0.17 23.76 -22.65
N LYS E 29 0.08 24.00 -23.94
CA LYS E 29 0.43 22.91 -24.84
C LYS E 29 1.69 22.22 -24.31
N ILE E 30 2.71 23.03 -24.01
CA ILE E 30 3.97 22.51 -23.50
C ILE E 30 3.78 21.72 -22.20
N LYS E 31 3.04 22.29 -21.25
CA LYS E 31 2.82 21.59 -20.00
C LYS E 31 2.10 20.28 -20.26
N LEU E 32 1.20 20.27 -21.24
CA LEU E 32 0.45 19.06 -21.57
C LEU E 32 1.41 17.95 -21.98
N ILE E 33 2.29 18.28 -22.92
CA ILE E 33 3.25 17.31 -23.40
C ILE E 33 4.15 16.84 -22.26
N ASP E 34 4.66 17.79 -21.48
CA ASP E 34 5.53 17.44 -20.35
C ASP E 34 4.78 16.46 -19.44
N MET E 35 3.49 16.72 -19.23
CA MET E 35 2.70 15.82 -18.39
C MET E 35 2.57 14.43 -19.00
N LEU E 36 2.46 14.38 -20.32
CA LEU E 36 2.33 13.12 -21.03
C LEU E 36 3.65 12.36 -20.99
N SER E 37 4.75 13.12 -21.07
CA SER E 37 6.09 12.54 -21.01
C SER E 37 6.24 11.87 -19.63
N GLU E 38 5.81 12.58 -18.59
CA GLU E 38 5.89 12.07 -17.23
C GLU E 38 4.98 10.84 -17.05
N ALA E 39 3.87 10.81 -17.76
CA ALA E 39 2.97 9.67 -17.67
C ALA E 39 3.59 8.41 -18.29
N GLY E 40 4.66 8.59 -19.06
CA GLY E 40 5.31 7.43 -19.64
C GLY E 40 5.18 7.18 -21.14
N LEU E 41 4.32 7.91 -21.85
CA LEU E 41 4.20 7.71 -23.29
C LEU E 41 5.59 7.81 -23.90
N SER E 42 5.96 6.84 -24.74
CA SER E 42 7.26 6.84 -25.38
C SER E 42 7.27 7.64 -26.67
N VAL E 43 6.10 7.99 -27.19
CA VAL E 43 6.04 8.80 -28.39
C VAL E 43 4.84 9.77 -28.34
N ILE E 44 5.10 11.06 -28.47
CA ILE E 44 4.07 12.07 -28.39
C ILE E 44 4.15 13.05 -29.54
N GLU E 45 3.24 12.93 -30.49
CA GLU E 45 3.26 13.82 -31.64
C GLU E 45 3.08 15.18 -31.04
N THR E 46 4.05 16.06 -31.30
CA THR E 46 4.03 17.39 -30.69
C THR E 46 3.21 18.47 -31.42
N THR E 47 3.61 18.84 -32.64
CA THR E 47 2.91 19.88 -33.38
C THR E 47 3.02 19.64 -34.88
N SER E 48 2.65 20.67 -35.64
CA SER E 48 2.69 20.65 -37.09
C SER E 48 3.32 21.93 -37.61
N PHE E 49 4.40 21.78 -38.37
CA PHE E 49 5.10 22.91 -38.94
C PHE E 49 4.49 23.32 -40.27
N VAL E 50 3.21 23.66 -40.19
CA VAL E 50 2.46 24.09 -41.35
C VAL E 50 2.19 25.59 -41.20
N SER E 51 1.94 26.28 -42.31
CA SER E 51 1.67 27.72 -42.29
C SER E 51 0.58 28.15 -41.29
N PRO E 52 0.89 29.18 -40.47
CA PRO E 52 -0.02 29.72 -39.46
C PRO E 52 -1.27 30.28 -40.15
N LYS E 53 -1.08 30.66 -41.41
CA LYS E 53 -2.15 31.22 -42.22
C LYS E 53 -3.19 30.16 -42.63
N TRP E 54 -2.74 28.93 -42.87
CA TRP E 54 -3.65 27.86 -43.29
C TRP E 54 -4.24 27.12 -42.10
N VAL E 55 -3.52 27.14 -40.98
CA VAL E 55 -4.02 26.50 -39.77
C VAL E 55 -3.31 27.11 -38.56
N PRO E 56 -3.86 28.22 -38.05
CA PRO E 56 -3.29 28.91 -36.88
C PRO E 56 -3.28 28.17 -35.54
N GLN E 57 -4.19 27.22 -35.34
CA GLN E 57 -4.24 26.48 -34.08
C GLN E 57 -2.87 25.89 -33.77
N MET E 58 -2.08 25.68 -34.82
CA MET E 58 -0.74 25.10 -34.70
C MET E 58 0.36 26.15 -34.94
N GLY E 59 -0.04 27.41 -35.07
CA GLY E 59 0.91 28.49 -35.32
C GLY E 59 2.10 28.59 -34.39
N ASP E 60 1.98 28.04 -33.19
CA ASP E 60 3.06 28.11 -32.22
C ASP E 60 3.95 26.87 -32.27
N HIS E 61 3.98 26.21 -33.41
CA HIS E 61 4.78 24.99 -33.55
C HIS E 61 6.25 25.11 -33.14
N THR E 62 6.94 26.12 -33.65
CA THR E 62 8.36 26.29 -33.31
C THR E 62 8.56 26.37 -31.79
N GLU E 63 7.82 27.27 -31.17
CA GLU E 63 7.91 27.47 -29.74
C GLU E 63 7.51 26.25 -28.89
N VAL E 64 6.51 25.50 -29.35
CA VAL E 64 6.07 24.31 -28.61
C VAL E 64 7.16 23.25 -28.55
N LEU E 65 7.74 22.94 -29.70
CA LEU E 65 8.79 21.94 -29.79
C LEU E 65 10.03 22.32 -28.98
N LYS E 66 10.45 23.57 -29.07
CA LYS E 66 11.64 24.01 -28.33
C LYS E 66 11.34 24.05 -26.82
N GLY E 67 10.12 24.45 -26.48
CA GLY E 67 9.73 24.59 -25.08
C GLY E 67 9.50 23.34 -24.24
N ILE E 68 9.17 22.22 -24.86
CA ILE E 68 8.92 21.01 -24.09
C ILE E 68 10.20 20.35 -23.64
N GLN E 69 10.12 19.64 -22.52
CA GLN E 69 11.26 18.92 -21.99
C GLN E 69 11.49 17.72 -22.91
N LYS E 70 12.75 17.46 -23.26
CA LYS E 70 13.07 16.32 -24.10
C LYS E 70 13.49 15.15 -23.21
N PHE E 71 12.50 14.36 -22.78
CA PHE E 71 12.75 13.21 -21.91
C PHE E 71 13.63 12.12 -22.50
N PRO E 72 14.36 11.39 -21.64
CA PRO E 72 15.26 10.30 -22.02
C PRO E 72 14.46 9.14 -22.64
N GLY E 73 14.79 8.79 -23.88
CA GLY E 73 14.11 7.70 -24.55
C GLY E 73 12.68 7.95 -25.00
N ILE E 74 12.31 9.21 -25.20
CA ILE E 74 10.97 9.55 -25.66
C ILE E 74 11.06 10.35 -26.97
N ASN E 75 10.12 10.06 -27.87
CA ASN E 75 10.09 10.70 -29.17
C ASN E 75 9.05 11.79 -29.32
N TYR E 76 9.39 12.80 -30.12
CA TYR E 76 8.49 13.92 -30.31
C TYR E 76 8.40 14.30 -31.78
N PRO E 77 7.75 13.45 -32.60
CA PRO E 77 7.58 13.70 -34.04
C PRO E 77 6.68 14.88 -34.35
N VAL E 78 6.88 15.46 -35.53
CA VAL E 78 6.06 16.61 -35.94
C VAL E 78 5.69 16.52 -37.42
N LEU E 79 4.54 17.05 -37.76
CA LEU E 79 4.08 17.05 -39.14
C LEU E 79 4.82 18.07 -39.97
N THR E 80 5.24 17.64 -41.16
CA THR E 80 5.94 18.52 -42.09
C THR E 80 5.37 18.26 -43.48
N PRO E 81 4.25 18.92 -43.81
CA PRO E 81 3.59 18.77 -45.12
C PRO E 81 4.37 19.26 -46.33
N ASN E 82 5.35 20.13 -46.11
CA ASN E 82 6.16 20.64 -47.22
C ASN E 82 7.60 20.86 -46.79
N LEU E 83 8.47 21.13 -47.77
CA LEU E 83 9.88 21.33 -47.50
C LEU E 83 10.17 22.51 -46.57
N LYS E 84 9.48 23.62 -46.79
CA LYS E 84 9.70 24.78 -45.93
C LYS E 84 9.34 24.40 -44.50
N GLY E 85 8.31 23.55 -44.35
CA GLY E 85 7.89 23.12 -43.04
C GLY E 85 8.91 22.17 -42.43
N PHE E 86 9.46 21.29 -43.26
CA PHE E 86 10.46 20.35 -42.79
C PHE E 86 11.66 21.11 -42.25
N GLU E 87 12.11 22.11 -42.99
CA GLU E 87 13.26 22.88 -42.56
C GLU E 87 13.03 23.64 -41.27
N ALA E 88 11.80 24.07 -41.03
CA ALA E 88 11.47 24.80 -39.81
C ALA E 88 11.45 23.81 -38.65
N ALA E 89 11.09 22.57 -38.94
CA ALA E 89 11.06 21.53 -37.91
C ALA E 89 12.49 21.27 -37.45
N VAL E 90 13.37 21.03 -38.41
CA VAL E 90 14.78 20.78 -38.12
C VAL E 90 15.39 21.89 -37.26
N ALA E 91 15.15 23.13 -37.64
CA ALA E 91 15.67 24.28 -36.90
C ALA E 91 15.14 24.29 -35.46
N ALA E 92 13.94 23.77 -35.26
CA ALA E 92 13.36 23.73 -33.93
C ALA E 92 13.81 22.47 -33.17
N GLY E 93 14.74 21.72 -33.76
CA GLY E 93 15.25 20.53 -33.10
C GLY E 93 14.52 19.21 -33.34
N ALA E 94 13.67 19.15 -34.36
CA ALA E 94 12.96 17.90 -34.65
C ALA E 94 13.92 16.74 -34.92
N LYS E 95 13.58 15.55 -34.40
CA LYS E 95 14.39 14.36 -34.62
C LYS E 95 13.63 13.37 -35.52
N GLU E 96 12.32 13.58 -35.65
CA GLU E 96 11.44 12.74 -36.46
C GLU E 96 10.31 13.61 -37.02
N VAL E 97 9.99 13.43 -38.30
CA VAL E 97 8.91 14.19 -38.93
C VAL E 97 7.85 13.25 -39.50
N VAL E 98 6.62 13.75 -39.64
CA VAL E 98 5.53 12.93 -40.17
C VAL E 98 4.96 13.50 -41.45
N ILE E 99 4.83 12.65 -42.46
CA ILE E 99 4.26 13.04 -43.75
C ILE E 99 3.00 12.19 -43.97
N PHE E 100 1.96 12.78 -44.54
CA PHE E 100 0.73 12.04 -44.75
C PHE E 100 0.23 11.98 -46.17
N GLY E 101 -0.27 10.79 -46.53
CA GLY E 101 -0.83 10.57 -47.84
C GLY E 101 -2.20 9.95 -47.65
N ALA E 102 -2.74 9.33 -48.70
CA ALA E 102 -4.04 8.71 -48.62
C ALA E 102 -4.23 7.62 -49.66
N ALA E 103 -5.12 6.68 -49.36
CA ALA E 103 -5.40 5.57 -50.27
C ALA E 103 -6.54 5.95 -51.21
N SER E 104 -6.99 7.19 -51.11
CA SER E 104 -8.07 7.67 -51.96
C SER E 104 -7.59 8.77 -52.90
N GLU E 105 -7.87 8.60 -54.19
CA GLU E 105 -7.49 9.58 -55.19
C GLU E 105 -8.37 10.80 -55.00
N LEU E 106 -9.67 10.56 -54.97
CA LEU E 106 -10.63 11.63 -54.79
C LEU E 106 -10.31 12.44 -53.55
N PHE E 107 -9.93 11.75 -52.47
CA PHE E 107 -9.61 12.44 -51.22
C PHE E 107 -8.38 13.32 -51.34
N THR E 108 -7.37 12.83 -52.04
CA THR E 108 -6.15 13.59 -52.22
C THR E 108 -6.40 14.90 -52.97
N LYS E 109 -7.12 14.85 -54.09
CA LYS E 109 -7.40 16.07 -54.87
C LYS E 109 -8.17 17.08 -54.03
N LYS E 110 -9.27 16.63 -53.44
CA LYS E 110 -10.10 17.51 -52.62
C LYS E 110 -9.31 18.22 -51.54
N ASN E 111 -8.10 17.74 -51.26
CA ASN E 111 -7.27 18.36 -50.23
C ASN E 111 -6.11 19.20 -50.76
N ILE E 112 -5.03 18.54 -51.17
CA ILE E 112 -3.84 19.24 -51.65
C ILE E 112 -3.83 19.59 -53.15
N ASN E 113 -4.97 19.42 -53.81
CA ASN E 113 -5.10 19.73 -55.23
C ASN E 113 -4.14 18.90 -56.09
N CYS E 114 -4.18 17.57 -55.94
CA CYS E 114 -3.32 16.67 -56.71
C CYS E 114 -3.73 15.20 -56.58
N SER E 115 -3.00 14.32 -57.24
CA SER E 115 -3.30 12.89 -57.18
C SER E 115 -2.35 12.14 -56.26
N ILE E 116 -2.71 10.91 -55.91
CA ILE E 116 -1.90 10.07 -55.04
C ILE E 116 -0.45 10.05 -55.54
N GLU E 117 -0.27 9.85 -56.84
CA GLU E 117 1.08 9.81 -57.42
C GLU E 117 1.78 11.16 -57.22
N GLU E 118 1.07 12.23 -57.52
CA GLU E 118 1.61 13.57 -57.36
C GLU E 118 2.00 13.85 -55.92
N SER E 119 1.22 13.34 -54.97
CA SER E 119 1.52 13.57 -53.56
C SER E 119 2.83 12.93 -53.11
N PHE E 120 3.22 11.84 -53.74
CA PHE E 120 4.48 11.16 -53.36
C PHE E 120 5.73 11.84 -53.93
N GLN E 121 5.58 12.50 -55.07
CA GLN E 121 6.72 13.17 -55.69
C GLN E 121 7.14 14.33 -54.77
N ARG E 122 6.16 14.94 -54.12
CA ARG E 122 6.42 16.07 -53.24
C ARG E 122 7.06 15.62 -51.93
N PHE E 123 6.99 14.33 -51.67
CA PHE E 123 7.56 13.75 -50.45
C PHE E 123 9.05 13.43 -50.63
N ASP E 124 9.57 13.64 -51.83
CA ASP E 124 10.98 13.34 -52.09
C ASP E 124 11.99 14.30 -51.51
N ALA E 125 11.75 15.60 -51.66
CA ALA E 125 12.69 16.56 -51.10
C ALA E 125 12.78 16.30 -49.60
N ILE E 126 11.62 16.17 -48.97
CA ILE E 126 11.56 15.92 -47.53
C ILE E 126 12.31 14.65 -47.18
N LEU E 127 12.03 13.57 -47.90
CA LEU E 127 12.70 12.30 -47.65
C LEU E 127 14.20 12.41 -47.85
N LYS E 128 14.61 12.93 -49.00
CA LYS E 128 16.01 13.10 -49.30
C LYS E 128 16.70 13.98 -48.26
N ALA E 129 16.02 15.05 -47.85
CA ALA E 129 16.54 15.97 -46.85
C ALA E 129 16.65 15.29 -45.48
N ALA E 130 15.57 14.63 -45.06
CA ALA E 130 15.53 13.93 -43.80
C ALA E 130 16.68 12.95 -43.72
N GLN E 131 16.88 12.17 -44.78
CA GLN E 131 17.97 11.21 -44.79
C GLN E 131 19.27 11.98 -44.70
N SER E 132 19.40 13.01 -45.52
CA SER E 132 20.60 13.85 -45.52
C SER E 132 20.85 14.50 -44.16
N ALA E 133 19.78 14.67 -43.37
CA ALA E 133 19.90 15.27 -42.05
C ALA E 133 19.72 14.26 -40.91
N ASN E 134 19.75 12.98 -41.23
CA ASN E 134 19.60 11.90 -40.25
C ASN E 134 18.37 11.98 -39.35
N ILE E 135 17.23 12.33 -39.95
CA ILE E 135 15.98 12.43 -39.22
C ILE E 135 15.00 11.35 -39.68
N SER E 136 14.27 10.76 -38.74
CA SER E 136 13.31 9.71 -39.08
C SER E 136 12.04 10.25 -39.74
N VAL E 137 11.45 9.44 -40.60
CA VAL E 137 10.22 9.83 -41.29
C VAL E 137 9.12 8.82 -41.11
N ARG E 138 8.06 9.23 -40.42
CA ARG E 138 6.91 8.35 -40.22
C ARG E 138 5.88 8.66 -41.28
N GLY E 139 5.29 7.59 -41.83
CA GLY E 139 4.28 7.73 -42.86
C GLY E 139 2.87 7.56 -42.33
N TYR E 140 1.93 8.22 -43.00
CA TYR E 140 0.54 8.16 -42.59
C TYR E 140 -0.39 8.02 -43.79
N VAL E 141 -1.31 7.07 -43.72
CA VAL E 141 -2.28 6.82 -44.80
C VAL E 141 -3.70 6.92 -44.26
N SER E 142 -4.43 7.96 -44.63
CA SER E 142 -5.81 8.08 -44.16
C SER E 142 -6.75 7.40 -45.17
N CYS E 143 -8.01 7.22 -44.78
CA CYS E 143 -9.01 6.55 -45.62
C CYS E 143 -8.70 5.06 -45.76
N ALA E 144 -7.91 4.52 -44.85
CA ALA E 144 -7.53 3.11 -44.87
C ALA E 144 -8.72 2.15 -44.74
N LEU E 145 -9.73 2.57 -43.98
CA LEU E 145 -10.92 1.74 -43.78
C LEU E 145 -12.17 2.32 -44.44
N GLY E 146 -11.96 3.32 -45.29
CA GLY E 146 -13.08 3.95 -45.96
C GLY E 146 -12.73 5.38 -46.31
N CYS E 147 -13.50 5.96 -47.21
CA CYS E 147 -13.28 7.33 -47.67
C CYS E 147 -14.59 8.09 -47.67
N PRO E 148 -14.58 9.34 -47.17
CA PRO E 148 -15.82 10.14 -47.14
C PRO E 148 -16.29 10.49 -48.56
N TYR E 149 -15.39 10.36 -49.53
CA TYR E 149 -15.71 10.66 -50.92
C TYR E 149 -15.92 9.39 -51.75
N GLU E 150 -14.85 8.63 -51.92
CA GLU E 150 -14.89 7.38 -52.70
C GLU E 150 -15.63 6.23 -52.01
N GLY E 151 -15.77 6.30 -50.69
CA GLY E 151 -16.44 5.23 -49.97
C GLY E 151 -15.55 4.02 -49.73
N LYS E 152 -16.03 2.83 -50.05
CA LYS E 152 -15.24 1.63 -49.84
C LYS E 152 -13.86 1.73 -50.49
N ILE E 153 -12.83 1.31 -49.75
CA ILE E 153 -11.46 1.35 -50.23
C ILE E 153 -10.84 -0.03 -50.22
N SER E 154 -10.25 -0.40 -51.34
CA SER E 154 -9.65 -1.71 -51.51
C SER E 154 -8.41 -2.00 -50.67
N PRO E 155 -8.36 -3.20 -50.06
CA PRO E 155 -7.21 -3.59 -49.23
C PRO E 155 -5.93 -3.52 -50.08
N ALA E 156 -6.06 -3.84 -51.36
CA ALA E 156 -4.93 -3.81 -52.28
C ALA E 156 -4.44 -2.38 -52.46
N LYS E 157 -5.36 -1.43 -52.48
CA LYS E 157 -5.00 -0.02 -52.66
C LYS E 157 -4.19 0.46 -51.46
N VAL E 158 -4.64 0.10 -50.26
CA VAL E 158 -3.93 0.50 -49.05
C VAL E 158 -2.54 -0.14 -49.07
N ALA E 159 -2.50 -1.45 -49.35
CA ALA E 159 -1.22 -2.16 -49.39
C ALA E 159 -0.29 -1.42 -50.33
N GLU E 160 -0.83 -1.02 -51.48
CA GLU E 160 -0.08 -0.31 -52.52
C GLU E 160 0.57 0.98 -52.04
N VAL E 161 -0.22 1.91 -51.49
CA VAL E 161 0.32 3.18 -51.01
C VAL E 161 1.20 3.02 -49.77
N THR E 162 0.89 2.02 -48.93
CA THR E 162 1.68 1.79 -47.72
C THR E 162 3.07 1.32 -48.18
N LYS E 163 3.06 0.39 -49.13
CA LYS E 163 4.30 -0.14 -49.68
C LYS E 163 5.19 0.97 -50.19
N LYS E 164 4.58 1.92 -50.89
CA LYS E 164 5.29 3.05 -51.45
C LYS E 164 5.99 3.84 -50.34
N PHE E 165 5.24 4.20 -49.30
CA PHE E 165 5.78 4.95 -48.17
C PHE E 165 6.99 4.26 -47.54
N TYR E 166 6.87 2.95 -47.35
CA TYR E 166 7.92 2.15 -46.74
C TYR E 166 9.16 2.06 -47.62
N SER E 167 8.95 1.96 -48.93
CA SER E 167 10.06 1.87 -49.89
C SER E 167 10.77 3.21 -50.11
N MET E 168 10.09 4.32 -49.85
CA MET E 168 10.71 5.63 -50.01
C MET E 168 11.51 6.05 -48.77
N GLY E 169 11.41 5.28 -47.68
CA GLY E 169 12.17 5.62 -46.50
C GLY E 169 11.46 5.71 -45.15
N CYS E 170 10.13 5.69 -45.13
CA CYS E 170 9.40 5.76 -43.86
C CYS E 170 9.66 4.50 -43.03
N TYR E 171 10.06 4.67 -41.78
CA TYR E 171 10.33 3.50 -40.93
C TYR E 171 9.03 2.90 -40.45
N GLU E 172 7.98 3.72 -40.40
CA GLU E 172 6.68 3.26 -39.92
C GLU E 172 5.57 3.96 -40.68
N ILE E 173 4.41 3.30 -40.78
CA ILE E 173 3.27 3.87 -41.48
C ILE E 173 2.01 3.64 -40.68
N SER E 174 1.31 4.71 -40.38
CA SER E 174 0.08 4.65 -39.62
C SER E 174 -1.10 4.57 -40.59
N LEU E 175 -1.91 3.54 -40.42
CA LEU E 175 -3.08 3.33 -41.28
C LEU E 175 -4.30 3.90 -40.54
N GLY E 176 -4.81 5.04 -41.00
CA GLY E 176 -5.93 5.66 -40.32
C GLY E 176 -7.34 5.49 -40.86
N ASP E 177 -8.28 5.52 -39.93
CA ASP E 177 -9.69 5.44 -40.23
C ASP E 177 -10.15 6.78 -39.68
N THR E 178 -9.91 7.82 -40.48
CA THR E 178 -10.25 9.19 -40.10
C THR E 178 -11.72 9.38 -39.84
N ILE E 179 -12.55 8.79 -40.68
CA ILE E 179 -13.99 8.94 -40.54
C ILE E 179 -14.61 7.90 -39.62
N GLY E 180 -13.80 6.94 -39.17
CA GLY E 180 -14.25 5.91 -38.25
C GLY E 180 -15.44 5.04 -38.63
N VAL E 181 -15.55 4.69 -39.91
CA VAL E 181 -16.63 3.85 -40.41
C VAL E 181 -16.25 2.38 -40.37
N GLY E 182 -14.99 2.11 -40.10
CA GLY E 182 -14.54 0.73 -40.07
C GLY E 182 -15.12 -0.18 -39.00
N THR E 183 -15.18 -1.47 -39.35
CA THR E 183 -15.65 -2.50 -38.44
C THR E 183 -14.52 -3.53 -38.44
N PRO E 184 -14.47 -4.41 -37.44
CA PRO E 184 -13.38 -5.38 -37.41
C PRO E 184 -13.04 -6.17 -38.68
N GLY E 185 -14.05 -6.60 -39.42
CA GLY E 185 -13.78 -7.34 -40.64
C GLY E 185 -13.02 -6.51 -41.66
N ILE E 186 -13.36 -5.23 -41.71
CA ILE E 186 -12.73 -4.29 -42.64
C ILE E 186 -11.26 -4.11 -42.25
N MET E 187 -11.02 -3.98 -40.94
CA MET E 187 -9.69 -3.80 -40.41
C MET E 187 -8.82 -5.02 -40.75
N LYS E 188 -9.37 -6.20 -40.49
CA LYS E 188 -8.66 -7.46 -40.76
C LYS E 188 -8.29 -7.61 -42.24
N ASP E 189 -9.25 -7.36 -43.13
CA ASP E 189 -8.97 -7.50 -44.55
C ASP E 189 -7.89 -6.51 -45.00
N MET E 190 -7.92 -5.30 -44.44
CA MET E 190 -6.94 -4.29 -44.79
C MET E 190 -5.54 -4.71 -44.32
N LEU E 191 -5.39 -4.97 -43.02
CA LEU E 191 -4.11 -5.37 -42.48
C LEU E 191 -3.54 -6.62 -43.16
N SER E 192 -4.42 -7.56 -43.46
CA SER E 192 -4.03 -8.81 -44.12
C SER E 192 -3.31 -8.51 -45.43
N ALA E 193 -3.89 -7.65 -46.26
CA ALA E 193 -3.25 -7.30 -47.52
C ALA E 193 -1.93 -6.55 -47.28
N VAL E 194 -1.94 -5.57 -46.37
CA VAL E 194 -0.73 -4.81 -46.08
C VAL E 194 0.40 -5.68 -45.56
N MET E 195 0.10 -6.56 -44.61
CA MET E 195 1.12 -7.44 -44.05
C MET E 195 1.85 -8.28 -45.09
N GLN E 196 1.15 -8.65 -46.16
CA GLN E 196 1.75 -9.45 -47.23
C GLN E 196 2.98 -8.75 -47.77
N GLU E 197 2.91 -7.41 -47.88
CA GLU E 197 4.00 -6.63 -48.44
C GLU E 197 4.85 -5.76 -47.51
N VAL E 198 4.36 -5.49 -46.31
CA VAL E 198 5.12 -4.65 -45.40
C VAL E 198 5.29 -5.35 -44.05
N PRO E 199 6.54 -5.39 -43.56
CA PRO E 199 6.82 -6.03 -42.27
C PRO E 199 5.84 -5.52 -41.21
N LEU E 200 5.37 -6.44 -40.39
CA LEU E 200 4.38 -6.15 -39.37
C LEU E 200 4.77 -5.08 -38.36
N ALA E 201 6.04 -5.06 -37.96
CA ALA E 201 6.54 -4.10 -36.96
C ALA E 201 6.61 -2.66 -37.49
N ALA E 202 6.43 -2.49 -38.80
CA ALA E 202 6.46 -1.16 -39.39
C ALA E 202 5.05 -0.58 -39.52
N LEU E 203 4.04 -1.32 -39.05
CA LEU E 203 2.66 -0.87 -39.15
C LEU E 203 2.08 -0.31 -37.86
N ALA E 204 1.12 0.60 -38.02
CA ALA E 204 0.44 1.20 -36.89
C ALA E 204 -0.98 1.51 -37.31
N VAL E 205 -1.91 1.53 -36.36
CA VAL E 205 -3.28 1.87 -36.72
C VAL E 205 -3.70 3.11 -35.95
N HIS E 206 -4.50 3.94 -36.61
CA HIS E 206 -5.02 5.19 -36.06
C HIS E 206 -6.53 5.21 -36.33
N CYS E 207 -7.30 4.76 -35.35
CA CYS E 207 -8.75 4.68 -35.49
C CYS E 207 -9.54 5.78 -34.79
N HIS E 208 -10.60 6.25 -35.45
CA HIS E 208 -11.46 7.26 -34.84
C HIS E 208 -12.71 6.58 -34.30
N ASP E 209 -13.26 7.14 -33.23
CA ASP E 209 -14.42 6.56 -32.57
C ASP E 209 -15.78 7.12 -32.95
N THR E 210 -15.86 7.68 -34.15
CA THR E 210 -17.09 8.28 -34.64
C THR E 210 -18.31 7.36 -34.58
N TYR E 211 -18.12 6.07 -34.82
CA TYR E 211 -19.23 5.12 -34.76
C TYR E 211 -19.03 4.14 -33.63
N GLY E 212 -18.21 4.51 -32.66
CA GLY E 212 -17.96 3.65 -31.51
C GLY E 212 -17.18 2.38 -31.81
N GLN E 213 -16.52 2.32 -32.98
CA GLN E 213 -15.72 1.16 -33.37
C GLN E 213 -14.20 1.29 -33.18
N ALA E 214 -13.76 2.37 -32.54
CA ALA E 214 -12.32 2.58 -32.36
C ALA E 214 -11.53 1.49 -31.61
N LEU E 215 -11.90 1.24 -30.36
CA LEU E 215 -11.21 0.26 -29.54
C LEU E 215 -11.36 -1.16 -30.07
N ALA E 216 -12.52 -1.46 -30.63
CA ALA E 216 -12.77 -2.78 -31.17
C ALA E 216 -11.96 -2.98 -32.45
N ASN E 217 -11.82 -1.91 -33.24
CA ASN E 217 -11.04 -1.98 -34.47
C ASN E 217 -9.58 -2.10 -34.09
N THR E 218 -9.20 -1.44 -33.00
CA THR E 218 -7.82 -1.49 -32.55
C THR E 218 -7.51 -2.88 -32.01
N LEU E 219 -8.48 -3.53 -31.39
CA LEU E 219 -8.28 -4.86 -30.84
C LEU E 219 -8.08 -5.89 -31.95
N MET E 220 -8.76 -5.69 -33.08
CA MET E 220 -8.62 -6.60 -34.20
C MET E 220 -7.22 -6.44 -34.73
N ALA E 221 -6.76 -5.20 -34.85
CA ALA E 221 -5.41 -4.94 -35.38
C ALA E 221 -4.36 -5.58 -34.46
N LEU E 222 -4.62 -5.56 -33.16
CA LEU E 222 -3.70 -6.15 -32.19
C LEU E 222 -3.71 -7.66 -32.30
N GLN E 223 -4.88 -8.22 -32.56
CA GLN E 223 -5.00 -9.67 -32.69
C GLN E 223 -4.29 -10.11 -33.98
N MET E 224 -4.15 -9.19 -34.93
CA MET E 224 -3.46 -9.50 -36.18
C MET E 224 -1.95 -9.40 -35.96
N GLY E 225 -1.53 -8.72 -34.90
CA GLY E 225 -0.10 -8.59 -34.62
C GLY E 225 0.48 -7.18 -34.64
N VAL E 226 -0.37 -6.17 -34.85
CA VAL E 226 0.10 -4.80 -34.88
C VAL E 226 0.55 -4.39 -33.48
N SER E 227 1.72 -3.79 -33.36
CA SER E 227 2.23 -3.42 -32.04
C SER E 227 2.31 -1.92 -31.75
N VAL E 228 1.79 -1.10 -32.65
CA VAL E 228 1.76 0.33 -32.41
C VAL E 228 0.40 0.90 -32.81
N VAL E 229 -0.16 1.72 -31.94
CA VAL E 229 -1.47 2.32 -32.20
C VAL E 229 -1.57 3.77 -31.73
N ASP E 230 -2.23 4.58 -32.53
CA ASP E 230 -2.41 6.00 -32.24
C ASP E 230 -3.69 6.24 -31.46
N SER E 231 -3.62 7.20 -30.53
CA SER E 231 -4.76 7.57 -29.72
C SER E 231 -4.52 8.95 -29.11
N SER E 232 -5.60 9.59 -28.68
CA SER E 232 -5.51 10.91 -28.07
C SER E 232 -6.01 10.85 -26.62
N VAL E 233 -5.26 11.50 -25.73
CA VAL E 233 -5.57 11.53 -24.30
C VAL E 233 -7.07 11.55 -23.99
N ALA E 234 -7.63 12.72 -23.76
CA ALA E 234 -9.05 12.81 -23.41
C ALA E 234 -9.96 12.57 -24.61
N GLY E 235 -9.49 11.76 -25.55
CA GLY E 235 -10.28 11.48 -26.74
C GLY E 235 -10.42 12.75 -27.56
N LEU E 236 -9.49 13.69 -27.36
CA LEU E 236 -9.50 14.96 -28.07
C LEU E 236 -9.47 14.75 -29.58
N GLY E 237 -9.87 15.80 -30.30
CA GLY E 237 -9.86 15.73 -31.76
C GLY E 237 -11.20 15.51 -32.42
N GLY E 238 -11.15 15.31 -33.72
CA GLY E 238 -12.37 15.09 -34.50
C GLY E 238 -12.02 15.03 -35.97
N CYS E 239 -13.04 14.98 -36.83
CA CYS E 239 -12.80 14.94 -38.27
C CYS E 239 -13.76 15.86 -39.02
N PRO E 240 -13.21 16.73 -39.89
CA PRO E 240 -13.96 17.69 -40.71
C PRO E 240 -15.02 17.06 -41.61
N TYR E 241 -14.68 15.88 -42.15
CA TYR E 241 -15.57 15.15 -43.05
C TYR E 241 -16.62 14.31 -42.34
N ALA E 242 -16.94 14.63 -41.09
CA ALA E 242 -17.93 13.85 -40.34
C ALA E 242 -18.73 14.65 -39.34
N GLN E 243 -19.92 14.14 -39.00
CA GLN E 243 -20.80 14.79 -38.05
C GLN E 243 -20.30 14.64 -36.63
N GLY E 244 -20.35 15.75 -35.87
CA GLY E 244 -19.91 15.76 -34.48
C GLY E 244 -20.30 14.57 -33.58
N ALA E 245 -19.59 13.45 -33.77
CA ALA E 245 -19.80 12.23 -32.98
C ALA E 245 -18.61 12.09 -32.04
N SER E 246 -17.42 12.28 -32.60
CA SER E 246 -16.18 12.20 -31.86
C SER E 246 -14.97 12.02 -32.77
N GLY E 247 -13.79 12.14 -32.19
CA GLY E 247 -12.57 11.99 -32.96
C GLY E 247 -11.79 10.75 -32.58
N ASN E 248 -10.58 10.98 -32.12
CA ASN E 248 -9.64 9.93 -31.74
C ASN E 248 -10.05 9.04 -30.58
N LEU E 249 -9.48 7.84 -30.59
CA LEU E 249 -9.69 6.85 -29.54
C LEU E 249 -9.04 7.45 -28.30
N ALA E 250 -9.66 7.26 -27.14
CA ALA E 250 -9.09 7.79 -25.92
C ALA E 250 -7.94 6.92 -25.43
N THR E 251 -6.78 7.53 -25.24
CA THR E 251 -5.58 6.85 -24.79
C THR E 251 -5.80 6.14 -23.44
N GLU E 252 -6.59 6.75 -22.55
CA GLU E 252 -6.85 6.17 -21.25
C GLU E 252 -7.63 4.87 -21.40
N ASP E 253 -8.59 4.90 -22.32
CA ASP E 253 -9.42 3.72 -22.55
C ASP E 253 -8.58 2.62 -23.20
N LEU E 254 -7.65 3.03 -24.06
CA LEU E 254 -6.76 2.08 -24.73
C LEU E 254 -5.81 1.46 -23.72
N VAL E 255 -5.13 2.29 -22.92
CA VAL E 255 -4.19 1.73 -21.94
C VAL E 255 -4.93 0.83 -20.95
N TYR E 256 -6.14 1.24 -20.56
CA TYR E 256 -6.91 0.44 -19.63
C TYR E 256 -7.12 -0.95 -20.22
N MET E 257 -7.55 -1.02 -21.47
CA MET E 257 -7.76 -2.32 -22.10
C MET E 257 -6.44 -3.09 -22.14
N LEU E 258 -5.37 -2.40 -22.49
CA LEU E 258 -4.06 -3.00 -22.59
C LEU E 258 -3.56 -3.55 -21.26
N GLU E 259 -3.71 -2.78 -20.19
CA GLU E 259 -3.28 -3.24 -18.87
C GLU E 259 -4.03 -4.49 -18.48
N GLY E 260 -5.32 -4.53 -18.81
CA GLY E 260 -6.13 -5.69 -18.48
C GLY E 260 -5.59 -6.94 -19.16
N LEU E 261 -5.20 -6.80 -20.43
CA LEU E 261 -4.67 -7.91 -21.21
C LEU E 261 -3.25 -8.27 -20.78
N GLY E 262 -2.69 -7.47 -19.87
CA GLY E 262 -1.34 -7.73 -19.40
C GLY E 262 -0.31 -7.31 -20.43
N ILE E 263 -0.69 -6.42 -21.34
CA ILE E 263 0.23 -5.95 -22.35
C ILE E 263 1.03 -4.78 -21.83
N HIS E 264 2.33 -4.77 -22.12
CA HIS E 264 3.21 -3.70 -21.66
C HIS E 264 3.02 -2.40 -22.43
N THR E 265 2.79 -1.30 -21.71
CA THR E 265 2.61 0.01 -22.33
C THR E 265 3.66 0.97 -21.81
N GLY E 266 4.08 0.76 -20.57
CA GLY E 266 5.08 1.62 -19.96
C GLY E 266 4.46 2.94 -19.56
N VAL E 267 3.14 3.01 -19.64
CA VAL E 267 2.40 4.21 -19.30
C VAL E 267 1.74 4.11 -17.92
N ASN E 268 1.91 5.16 -17.12
CA ASN E 268 1.31 5.22 -15.79
C ASN E 268 -0.09 5.80 -16.02
N LEU E 269 -1.11 4.97 -15.88
CA LEU E 269 -2.50 5.38 -16.12
C LEU E 269 -2.93 6.60 -15.34
N GLN E 270 -2.76 6.57 -14.02
CA GLN E 270 -3.18 7.69 -13.18
C GLN E 270 -2.56 9.00 -13.62
N LYS E 271 -1.28 8.99 -13.95
CA LYS E 271 -0.65 10.22 -14.41
C LYS E 271 -1.22 10.64 -15.76
N LEU E 272 -1.61 9.66 -16.58
CA LEU E 272 -2.19 9.93 -17.91
C LEU E 272 -3.49 10.71 -17.72
N LEU E 273 -4.32 10.20 -16.82
CA LEU E 273 -5.60 10.83 -16.53
C LEU E 273 -5.42 12.29 -16.09
N GLU E 274 -4.38 12.56 -15.31
CA GLU E 274 -4.11 13.92 -14.84
C GLU E 274 -3.85 14.85 -16.00
N ALA E 275 -3.08 14.37 -16.98
CA ALA E 275 -2.78 15.17 -18.16
C ALA E 275 -4.09 15.42 -18.90
N GLY E 276 -4.91 14.37 -19.03
CA GLY E 276 -6.17 14.50 -19.72
C GLY E 276 -7.08 15.49 -19.04
N ASN E 277 -7.07 15.49 -17.70
CA ASN E 277 -7.90 16.42 -16.95
C ASN E 277 -7.36 17.84 -17.08
N PHE E 278 -6.04 18.00 -17.08
CA PHE E 278 -5.42 19.31 -17.22
C PHE E 278 -5.77 19.97 -18.55
N ILE E 279 -5.72 19.19 -19.62
CA ILE E 279 -6.03 19.73 -20.93
C ILE E 279 -7.53 19.97 -21.09
N CYS E 280 -8.35 19.14 -20.45
CA CYS E 280 -9.79 19.34 -20.57
C CYS E 280 -10.21 20.61 -19.83
N GLN E 281 -9.60 20.86 -18.67
CA GLN E 281 -9.95 22.05 -17.91
C GLN E 281 -9.54 23.31 -18.66
N ALA E 282 -8.35 23.29 -19.25
CA ALA E 282 -7.84 24.45 -19.99
C ALA E 282 -8.59 24.68 -21.29
N LEU E 283 -9.12 23.61 -21.85
CA LEU E 283 -9.86 23.67 -23.11
C LEU E 283 -11.33 23.94 -22.82
N ASN E 284 -11.71 23.81 -21.55
CA ASN E 284 -13.07 24.01 -21.11
C ASN E 284 -14.02 23.09 -21.87
N ARG E 285 -13.70 21.80 -21.91
CA ARG E 285 -14.51 20.81 -22.61
C ARG E 285 -14.50 19.54 -21.77
N LYS E 286 -15.57 18.77 -21.82
CA LYS E 286 -15.64 17.54 -21.04
C LYS E 286 -14.90 16.40 -21.74
N THR E 287 -14.14 15.64 -20.94
CA THR E 287 -13.35 14.51 -21.43
C THR E 287 -14.18 13.47 -22.18
N SER E 288 -13.64 12.97 -23.30
CA SER E 288 -14.32 11.95 -24.07
C SER E 288 -13.86 10.56 -23.64
N SER E 289 -12.95 10.51 -22.68
CA SER E 289 -12.46 9.24 -22.15
C SER E 289 -13.47 8.65 -21.18
N LYS E 290 -13.96 7.45 -21.47
CA LYS E 290 -14.92 6.82 -20.58
C LYS E 290 -14.26 6.49 -19.24
N VAL E 291 -12.98 6.14 -19.30
CA VAL E 291 -12.23 5.82 -18.09
C VAL E 291 -12.13 7.05 -17.18
N ALA E 292 -11.96 8.23 -17.78
CA ALA E 292 -11.86 9.46 -17.00
C ALA E 292 -13.19 9.75 -16.33
N GLN E 293 -14.30 9.48 -17.02
CA GLN E 293 -15.62 9.74 -16.47
C GLN E 293 -15.93 8.76 -15.34
N ALA E 294 -15.42 7.54 -15.44
CA ALA E 294 -15.66 6.53 -14.42
C ALA E 294 -14.65 6.61 -13.27
N THR E 295 -13.43 7.05 -13.58
CA THR E 295 -12.40 7.16 -12.58
C THR E 295 -12.65 8.33 -11.63
N CYS E 296 -13.01 9.48 -12.21
CA CYS E 296 -13.29 10.67 -11.43
C CYS E 296 -13.34 11.88 -12.35
N THR F 1 -14.82 -19.69 -34.29
CA THR F 1 -14.98 -18.54 -35.23
C THR F 1 -16.28 -17.77 -34.91
N LEU F 2 -16.47 -16.63 -35.57
CA LEU F 2 -17.64 -15.77 -35.37
C LEU F 2 -18.95 -16.39 -35.87
N PRO F 3 -20.03 -16.21 -35.10
CA PRO F 3 -21.36 -16.72 -35.45
C PRO F 3 -21.96 -16.04 -36.67
N LYS F 4 -22.74 -16.78 -37.45
CA LYS F 4 -23.36 -16.25 -38.65
C LYS F 4 -24.56 -15.36 -38.35
N ARG F 5 -25.10 -15.49 -37.15
CA ARG F 5 -26.26 -14.70 -36.74
C ARG F 5 -26.20 -14.49 -35.23
N VAL F 6 -26.71 -13.34 -34.79
CA VAL F 6 -26.71 -13.02 -33.37
C VAL F 6 -28.10 -12.61 -32.90
N LYS F 7 -28.44 -12.98 -31.67
CA LYS F 7 -29.74 -12.62 -31.10
C LYS F 7 -29.49 -11.49 -30.11
N ILE F 8 -29.87 -10.29 -30.51
CA ILE F 8 -29.70 -9.12 -29.66
C ILE F 8 -30.85 -9.04 -28.66
N VAL F 9 -30.51 -8.88 -27.39
CA VAL F 9 -31.50 -8.78 -26.32
C VAL F 9 -31.56 -7.32 -25.87
N GLU F 10 -32.59 -6.62 -26.31
CA GLU F 10 -32.79 -5.21 -25.99
C GLU F 10 -33.23 -5.03 -24.54
N VAL F 11 -32.42 -4.34 -23.74
CA VAL F 11 -32.74 -4.12 -22.34
C VAL F 11 -33.04 -2.66 -21.97
N GLY F 12 -33.05 -1.79 -22.98
CA GLY F 12 -33.32 -0.37 -22.76
C GLY F 12 -34.49 -0.06 -21.83
N PRO F 13 -35.68 -0.61 -22.07
CA PRO F 13 -36.82 -0.34 -21.19
C PRO F 13 -36.64 -0.75 -19.73
N MET F 14 -35.86 -1.80 -19.47
CA MET F 14 -35.64 -2.26 -18.10
C MET F 14 -34.34 -1.74 -17.48
N ASP F 15 -33.25 -2.46 -17.72
CA ASP F 15 -31.93 -2.10 -17.19
C ASP F 15 -31.57 -0.66 -17.56
N GLY F 16 -32.18 -0.16 -18.64
CA GLY F 16 -31.91 1.19 -19.09
C GLY F 16 -32.57 2.26 -18.25
N LEU F 17 -33.91 2.35 -18.31
CA LEU F 17 -34.64 3.34 -17.53
C LEU F 17 -34.38 3.20 -16.03
N GLN F 18 -34.35 1.96 -15.55
CA GLN F 18 -34.13 1.68 -14.14
C GLN F 18 -32.97 2.49 -13.56
N ASN F 19 -31.80 2.41 -14.19
CA ASN F 19 -30.63 3.14 -13.72
C ASN F 19 -30.49 4.50 -14.41
N GLU F 20 -31.64 5.11 -14.71
CA GLU F 20 -31.68 6.40 -15.36
C GLU F 20 -32.27 7.42 -14.39
N LYS F 21 -31.55 8.51 -14.18
CA LYS F 21 -31.96 9.56 -13.25
C LYS F 21 -33.41 10.02 -13.38
N ASN F 22 -33.88 10.25 -14.60
CA ASN F 22 -35.25 10.70 -14.83
C ASN F 22 -36.26 9.56 -14.76
N ILE F 23 -37.54 9.92 -14.78
CA ILE F 23 -38.62 8.94 -14.74
C ILE F 23 -39.63 9.31 -15.84
N VAL F 24 -39.85 8.39 -16.77
CA VAL F 24 -40.78 8.64 -17.87
C VAL F 24 -42.18 8.13 -17.55
N SER F 25 -43.17 8.64 -18.27
CA SER F 25 -44.56 8.23 -18.05
C SER F 25 -44.77 6.83 -18.58
N THR F 26 -46.01 6.37 -18.53
CA THR F 26 -46.35 5.03 -19.02
C THR F 26 -46.57 5.00 -20.53
N PRO F 27 -47.21 6.02 -21.09
CA PRO F 27 -47.43 6.01 -22.54
C PRO F 27 -46.10 6.10 -23.30
N VAL F 28 -45.12 6.77 -22.69
CA VAL F 28 -43.80 6.92 -23.30
C VAL F 28 -43.13 5.55 -23.36
N LYS F 29 -43.05 4.90 -22.20
CA LYS F 29 -42.45 3.57 -22.09
C LYS F 29 -43.07 2.61 -23.09
N ILE F 30 -44.41 2.56 -23.11
CA ILE F 30 -45.12 1.67 -24.00
C ILE F 30 -44.88 1.99 -25.46
N LYS F 31 -44.67 3.26 -25.78
CA LYS F 31 -44.41 3.63 -27.15
C LYS F 31 -43.01 3.14 -27.51
N LEU F 32 -42.06 3.39 -26.60
CA LEU F 32 -40.69 2.98 -26.77
C LEU F 32 -40.59 1.50 -27.12
N ILE F 33 -41.26 0.67 -26.32
CA ILE F 33 -41.25 -0.77 -26.54
C ILE F 33 -41.88 -1.12 -27.88
N ASP F 34 -42.98 -0.45 -28.22
CA ASP F 34 -43.65 -0.71 -29.49
C ASP F 34 -42.73 -0.39 -30.68
N MET F 35 -42.01 0.71 -30.60
CA MET F 35 -41.09 1.09 -31.66
C MET F 35 -40.01 0.02 -31.80
N LEU F 36 -39.39 -0.35 -30.69
CA LEU F 36 -38.35 -1.36 -30.69
C LEU F 36 -38.87 -2.65 -31.33
N SER F 37 -40.14 -2.97 -31.06
CA SER F 37 -40.74 -4.17 -31.64
C SER F 37 -40.78 -3.93 -33.14
N GLU F 38 -41.03 -2.67 -33.50
CA GLU F 38 -41.10 -2.27 -34.89
C GLU F 38 -39.73 -2.30 -35.57
N ALA F 39 -38.69 -1.97 -34.82
CA ALA F 39 -37.33 -1.96 -35.36
C ALA F 39 -36.90 -3.35 -35.80
N GLY F 40 -37.38 -4.39 -35.11
CA GLY F 40 -37.02 -5.73 -35.49
C GLY F 40 -36.48 -6.63 -34.39
N LEU F 41 -36.20 -6.07 -33.22
CA LEU F 41 -35.68 -6.85 -32.10
C LEU F 41 -36.51 -8.12 -31.88
N SER F 42 -35.85 -9.25 -31.69
CA SER F 42 -36.57 -10.50 -31.45
C SER F 42 -36.82 -10.72 -29.96
N VAL F 43 -36.21 -9.89 -29.11
CA VAL F 43 -36.40 -9.99 -27.66
C VAL F 43 -36.17 -8.65 -26.95
N ILE F 44 -37.16 -8.24 -26.16
CA ILE F 44 -37.10 -6.98 -25.44
C ILE F 44 -37.43 -7.12 -23.96
N GLU F 45 -36.48 -6.77 -23.10
CA GLU F 45 -36.67 -6.84 -21.65
C GLU F 45 -37.56 -5.66 -21.22
N THR F 46 -38.87 -5.91 -21.23
CA THR F 46 -39.89 -4.92 -20.89
C THR F 46 -39.76 -4.19 -19.56
N THR F 47 -39.95 -4.89 -18.44
CA THR F 47 -39.86 -4.22 -17.13
C THR F 47 -39.64 -5.14 -15.92
N SER F 48 -39.21 -4.54 -14.81
CA SER F 48 -38.93 -5.25 -13.57
C SER F 48 -40.07 -5.14 -12.56
N PHE F 49 -40.70 -6.26 -12.25
CA PHE F 49 -41.80 -6.30 -11.29
C PHE F 49 -41.35 -6.20 -9.86
N VAL F 50 -40.38 -5.33 -9.62
CA VAL F 50 -39.87 -5.10 -8.29
C VAL F 50 -40.97 -4.37 -7.51
N SER F 51 -40.62 -3.27 -6.84
CA SER F 51 -41.61 -2.52 -6.09
C SER F 51 -41.29 -1.04 -6.14
N PRO F 52 -42.29 -0.20 -6.44
CA PRO F 52 -42.12 1.25 -6.52
C PRO F 52 -41.37 1.77 -5.30
N LYS F 53 -41.31 0.93 -4.26
CA LYS F 53 -40.64 1.26 -3.01
C LYS F 53 -39.18 1.68 -3.23
N TRP F 54 -38.35 0.71 -3.61
CA TRP F 54 -36.94 0.97 -3.84
C TRP F 54 -36.64 1.63 -5.18
N VAL F 55 -37.30 1.14 -6.24
CA VAL F 55 -37.09 1.69 -7.57
C VAL F 55 -38.43 2.03 -8.25
N PRO F 56 -38.75 3.33 -8.33
CA PRO F 56 -39.98 3.85 -8.94
C PRO F 56 -39.92 3.93 -10.45
N GLN F 57 -38.72 4.12 -11.00
CA GLN F 57 -38.55 4.21 -12.43
C GLN F 57 -39.21 3.01 -13.12
N MET F 58 -39.35 1.94 -12.35
CA MET F 58 -39.95 0.70 -12.85
C MET F 58 -41.34 0.50 -12.24
N GLY F 59 -41.75 1.43 -11.39
CA GLY F 59 -43.04 1.36 -10.71
C GLY F 59 -44.28 0.98 -11.50
N ASP F 60 -44.34 1.38 -12.77
CA ASP F 60 -45.50 1.08 -13.62
C ASP F 60 -45.43 -0.29 -14.27
N HIS F 61 -44.38 -1.02 -13.96
CA HIS F 61 -44.15 -2.36 -14.51
C HIS F 61 -45.40 -3.17 -14.89
N THR F 62 -46.36 -3.27 -13.98
CA THR F 62 -47.58 -4.05 -14.23
C THR F 62 -48.41 -3.58 -15.43
N GLU F 63 -48.95 -2.37 -15.34
CA GLU F 63 -49.77 -1.84 -16.42
C GLU F 63 -48.94 -1.44 -17.63
N VAL F 64 -47.67 -1.85 -17.64
CA VAL F 64 -46.79 -1.57 -18.77
C VAL F 64 -46.70 -2.82 -19.63
N LEU F 65 -46.59 -3.97 -18.98
CA LEU F 65 -46.52 -5.26 -19.67
C LEU F 65 -47.85 -5.56 -20.36
N LYS F 66 -48.92 -5.10 -19.73
CA LYS F 66 -50.26 -5.30 -20.29
C LYS F 66 -50.45 -4.36 -21.47
N GLY F 67 -49.96 -3.13 -21.31
CA GLY F 67 -50.11 -2.13 -22.35
C GLY F 67 -49.39 -2.31 -23.68
N ILE F 68 -48.15 -2.81 -23.65
CA ILE F 68 -47.40 -2.97 -24.89
C ILE F 68 -48.01 -3.99 -25.85
N GLN F 69 -47.84 -3.73 -27.14
CA GLN F 69 -48.35 -4.63 -28.16
C GLN F 69 -47.55 -5.92 -28.03
N LYS F 70 -48.03 -6.97 -28.67
CA LYS F 70 -47.33 -8.25 -28.63
C LYS F 70 -47.17 -8.75 -30.06
N PHE F 71 -46.02 -8.46 -30.65
CA PHE F 71 -45.75 -8.89 -32.03
C PHE F 71 -45.46 -10.38 -32.11
N PRO F 72 -45.69 -10.97 -33.30
CA PRO F 72 -45.43 -12.40 -33.47
C PRO F 72 -43.93 -12.64 -33.32
N GLY F 73 -43.56 -13.84 -32.90
CA GLY F 73 -42.15 -14.17 -32.74
C GLY F 73 -41.47 -13.47 -31.58
N ILE F 74 -41.52 -12.14 -31.58
CA ILE F 74 -40.88 -11.35 -30.53
C ILE F 74 -41.23 -11.81 -29.11
N ASN F 75 -40.23 -11.87 -28.24
CA ASN F 75 -40.41 -12.27 -26.84
C ASN F 75 -40.33 -11.02 -25.97
N TYR F 76 -41.13 -10.99 -24.91
CA TYR F 76 -41.13 -9.85 -24.01
C TYR F 76 -40.88 -10.27 -22.57
N PRO F 77 -39.65 -10.68 -22.27
CA PRO F 77 -39.25 -11.12 -20.93
C PRO F 77 -39.33 -10.00 -19.91
N VAL F 78 -39.51 -10.35 -18.64
CA VAL F 78 -39.60 -9.38 -17.55
C VAL F 78 -38.89 -9.85 -16.29
N LEU F 79 -38.13 -8.94 -15.67
CA LEU F 79 -37.38 -9.21 -14.45
C LEU F 79 -38.22 -9.35 -13.19
N THR F 80 -38.32 -10.57 -12.68
CA THR F 80 -39.09 -10.86 -11.47
C THR F 80 -38.17 -11.19 -10.30
N PRO F 81 -37.79 -10.18 -9.50
CA PRO F 81 -36.90 -10.41 -8.35
C PRO F 81 -37.34 -11.53 -7.41
N ASN F 82 -38.35 -11.26 -6.58
CA ASN F 82 -38.83 -12.28 -5.64
C ASN F 82 -39.89 -13.14 -6.32
N LEU F 83 -40.56 -14.00 -5.54
CA LEU F 83 -41.60 -14.87 -6.09
C LEU F 83 -42.95 -14.15 -6.18
N LYS F 84 -43.11 -13.09 -5.38
CA LYS F 84 -44.33 -12.31 -5.39
C LYS F 84 -44.43 -11.65 -6.77
N GLY F 85 -43.36 -10.95 -7.15
CA GLY F 85 -43.33 -10.30 -8.44
C GLY F 85 -43.69 -11.29 -9.53
N PHE F 86 -43.15 -12.50 -9.45
CA PHE F 86 -43.44 -13.53 -10.45
C PHE F 86 -44.94 -13.80 -10.49
N GLU F 87 -45.61 -13.57 -9.38
CA GLU F 87 -47.05 -13.79 -9.31
C GLU F 87 -47.77 -12.74 -10.15
N ALA F 88 -47.45 -11.47 -9.88
CA ALA F 88 -48.05 -10.35 -10.60
C ALA F 88 -47.60 -10.34 -12.05
N ALA F 89 -46.38 -10.83 -12.29
CA ALA F 89 -45.82 -10.88 -13.64
C ALA F 89 -46.59 -11.85 -14.52
N VAL F 90 -46.84 -13.05 -14.02
CA VAL F 90 -47.57 -14.06 -14.79
C VAL F 90 -48.98 -13.55 -15.02
N ALA F 91 -49.49 -12.82 -14.03
CA ALA F 91 -50.82 -12.25 -14.09
C ALA F 91 -50.91 -11.30 -15.27
N ALA F 92 -49.94 -10.40 -15.38
CA ALA F 92 -49.90 -9.42 -16.46
C ALA F 92 -49.59 -10.05 -17.83
N GLY F 93 -49.61 -11.38 -17.90
CA GLY F 93 -49.36 -12.07 -19.15
C GLY F 93 -47.92 -12.42 -19.47
N ALA F 94 -47.01 -12.19 -18.53
CA ALA F 94 -45.59 -12.50 -18.75
C ALA F 94 -45.43 -13.95 -19.20
N LYS F 95 -44.84 -14.13 -20.38
CA LYS F 95 -44.63 -15.46 -20.95
C LYS F 95 -43.20 -15.93 -20.73
N GLU F 96 -42.42 -15.12 -20.03
CA GLU F 96 -41.03 -15.40 -19.70
C GLU F 96 -40.55 -14.40 -18.67
N VAL F 97 -39.87 -14.91 -17.64
CA VAL F 97 -39.34 -14.05 -16.58
C VAL F 97 -37.83 -14.15 -16.52
N VAL F 98 -37.21 -13.32 -15.69
CA VAL F 98 -35.75 -13.31 -15.55
C VAL F 98 -35.34 -13.12 -14.10
N ILE F 99 -34.54 -14.03 -13.57
CA ILE F 99 -34.08 -13.94 -12.18
C ILE F 99 -32.61 -13.49 -12.19
N PHE F 100 -32.23 -12.61 -11.27
CA PHE F 100 -30.85 -12.15 -11.24
C PHE F 100 -30.06 -12.48 -9.99
N GLY F 101 -28.83 -12.97 -10.20
CA GLY F 101 -27.97 -13.31 -9.10
C GLY F 101 -26.61 -12.66 -9.24
N ALA F 102 -25.56 -13.40 -8.91
CA ALA F 102 -24.20 -12.88 -9.00
C ALA F 102 -23.19 -13.99 -8.70
N ALA F 103 -21.92 -13.67 -8.88
CA ALA F 103 -20.85 -14.63 -8.62
C ALA F 103 -20.00 -14.05 -7.51
N SER F 104 -20.54 -13.06 -6.81
CA SER F 104 -19.83 -12.41 -5.72
C SER F 104 -20.59 -12.54 -4.39
N GLU F 105 -19.93 -13.10 -3.38
CA GLU F 105 -20.53 -13.25 -2.06
C GLU F 105 -20.83 -11.88 -1.48
N LEU F 106 -19.80 -11.06 -1.37
CA LEU F 106 -19.94 -9.70 -0.85
C LEU F 106 -21.07 -8.98 -1.57
N PHE F 107 -21.09 -9.05 -2.88
CA PHE F 107 -22.12 -8.37 -3.67
C PHE F 107 -23.51 -8.96 -3.47
N THR F 108 -23.59 -10.25 -3.18
CA THR F 108 -24.88 -10.88 -2.99
C THR F 108 -25.51 -10.41 -1.68
N LYS F 109 -24.72 -10.43 -0.62
CA LYS F 109 -25.19 -9.99 0.69
C LYS F 109 -25.73 -8.57 0.61
N LYS F 110 -24.91 -7.64 0.13
CA LYS F 110 -25.32 -6.24 0.00
C LYS F 110 -26.61 -6.12 -0.82
N ASN F 111 -26.95 -7.18 -1.53
CA ASN F 111 -28.16 -7.18 -2.35
C ASN F 111 -29.31 -7.83 -1.57
N ILE F 112 -29.76 -8.99 -2.07
CA ILE F 112 -30.87 -9.73 -1.47
C ILE F 112 -30.72 -10.03 0.04
N ASN F 113 -29.49 -10.21 0.48
CA ASN F 113 -29.17 -10.50 1.88
C ASN F 113 -29.24 -12.00 2.20
N CYS F 114 -29.24 -12.82 1.14
CA CYS F 114 -29.29 -14.27 1.28
C CYS F 114 -28.14 -14.84 0.47
N SER F 115 -27.03 -15.16 1.15
CA SER F 115 -25.83 -15.70 0.50
C SER F 115 -26.05 -16.33 -0.88
N ILE F 116 -25.03 -16.24 -1.74
CA ILE F 116 -25.12 -16.78 -3.10
C ILE F 116 -25.81 -18.13 -3.10
N GLU F 117 -25.42 -19.00 -2.17
CA GLU F 117 -26.00 -20.33 -2.04
C GLU F 117 -27.48 -20.24 -1.64
N GLU F 118 -27.80 -19.21 -0.86
CA GLU F 118 -29.16 -19.00 -0.38
C GLU F 118 -30.09 -18.45 -1.47
N SER F 119 -29.57 -17.52 -2.27
CA SER F 119 -30.36 -16.92 -3.34
C SER F 119 -30.99 -17.99 -4.22
N PHE F 120 -30.31 -19.12 -4.37
CA PHE F 120 -30.82 -20.21 -5.20
C PHE F 120 -31.99 -20.95 -4.57
N GLN F 121 -32.29 -20.64 -3.32
CA GLN F 121 -33.41 -21.28 -2.64
C GLN F 121 -34.64 -20.65 -3.27
N ARG F 122 -34.63 -19.31 -3.28
CA ARG F 122 -35.71 -18.49 -3.81
C ARG F 122 -35.96 -18.75 -5.29
N PHE F 123 -34.88 -18.90 -6.05
CA PHE F 123 -35.00 -19.14 -7.48
C PHE F 123 -35.70 -20.45 -7.82
N ASP F 124 -35.47 -21.48 -7.02
CA ASP F 124 -36.08 -22.79 -7.27
C ASP F 124 -37.60 -22.71 -7.23
N ALA F 125 -38.13 -22.06 -6.20
CA ALA F 125 -39.58 -21.90 -6.05
C ALA F 125 -40.19 -21.33 -7.33
N ILE F 126 -39.48 -20.38 -7.92
CA ILE F 126 -39.93 -19.70 -9.14
C ILE F 126 -39.83 -20.59 -10.38
N LEU F 127 -38.78 -21.39 -10.44
CA LEU F 127 -38.55 -22.27 -11.58
C LEU F 127 -39.68 -23.28 -11.82
N LYS F 128 -39.79 -24.25 -10.92
CA LYS F 128 -40.84 -25.27 -11.04
C LYS F 128 -42.20 -24.60 -11.18
N ALA F 129 -42.38 -23.49 -10.47
CA ALA F 129 -43.64 -22.74 -10.53
C ALA F 129 -43.89 -22.35 -11.99
N ALA F 130 -42.82 -21.94 -12.66
CA ALA F 130 -42.89 -21.53 -14.05
C ALA F 130 -43.07 -22.76 -14.94
N GLN F 131 -42.50 -23.88 -14.54
CA GLN F 131 -42.62 -25.11 -15.33
C GLN F 131 -44.04 -25.64 -15.32
N SER F 132 -44.82 -25.23 -14.30
CA SER F 132 -46.21 -25.65 -14.20
C SER F 132 -47.07 -24.60 -14.90
N ALA F 133 -46.44 -23.47 -15.23
CA ALA F 133 -47.12 -22.37 -15.90
C ALA F 133 -46.53 -22.15 -17.30
N ASN F 134 -45.88 -23.18 -17.83
CA ASN F 134 -45.26 -23.10 -19.15
C ASN F 134 -44.51 -21.79 -19.38
N ILE F 135 -43.88 -21.28 -18.32
CA ILE F 135 -43.12 -20.03 -18.40
C ILE F 135 -41.61 -20.26 -18.41
N SER F 136 -40.96 -19.89 -19.52
CA SER F 136 -39.52 -20.04 -19.63
C SER F 136 -38.86 -19.05 -18.67
N VAL F 137 -37.71 -19.44 -18.12
CA VAL F 137 -36.99 -18.59 -17.18
C VAL F 137 -35.58 -18.29 -17.68
N ARG F 138 -35.15 -17.04 -17.50
CA ARG F 138 -33.82 -16.61 -17.93
C ARG F 138 -33.01 -16.20 -16.71
N GLY F 139 -31.77 -16.71 -16.62
CA GLY F 139 -30.92 -16.37 -15.50
C GLY F 139 -29.98 -15.24 -15.87
N TYR F 140 -29.39 -14.60 -14.87
CA TYR F 140 -28.47 -13.50 -15.09
C TYR F 140 -27.44 -13.51 -13.97
N VAL F 141 -26.16 -13.49 -14.33
CA VAL F 141 -25.08 -13.51 -13.34
C VAL F 141 -24.27 -12.22 -13.29
N SER F 142 -24.47 -11.43 -12.25
CA SER F 142 -23.77 -10.16 -12.08
C SER F 142 -22.32 -10.31 -11.60
N CYS F 143 -21.51 -9.30 -11.90
CA CYS F 143 -20.11 -9.29 -11.51
C CYS F 143 -19.30 -10.39 -12.19
N ALA F 144 -19.72 -10.77 -13.38
CA ALA F 144 -19.05 -11.83 -14.12
C ALA F 144 -17.61 -11.46 -14.47
N LEU F 145 -17.36 -10.15 -14.59
CA LEU F 145 -16.01 -9.69 -14.93
C LEU F 145 -15.42 -8.85 -13.82
N GLY F 146 -15.93 -9.04 -12.62
CA GLY F 146 -15.45 -8.28 -11.48
C GLY F 146 -16.59 -7.77 -10.63
N CYS F 147 -16.30 -7.55 -9.35
CA CYS F 147 -17.29 -7.05 -8.39
C CYS F 147 -16.75 -5.74 -7.82
N PRO F 148 -17.65 -4.80 -7.46
CA PRO F 148 -17.19 -3.53 -6.90
C PRO F 148 -16.68 -3.73 -5.48
N TYR F 149 -17.00 -4.89 -4.90
CA TYR F 149 -16.61 -5.23 -3.54
C TYR F 149 -15.43 -6.22 -3.50
N GLU F 150 -15.65 -7.42 -4.02
CA GLU F 150 -14.60 -8.45 -4.03
C GLU F 150 -13.56 -8.17 -5.09
N GLY F 151 -13.97 -7.42 -6.12
CA GLY F 151 -13.06 -7.11 -7.21
C GLY F 151 -12.86 -8.25 -8.18
N LYS F 152 -11.65 -8.81 -8.17
CA LYS F 152 -11.29 -9.91 -9.05
C LYS F 152 -12.19 -11.14 -8.78
N ILE F 153 -13.00 -11.51 -9.77
CA ILE F 153 -13.91 -12.64 -9.62
C ILE F 153 -13.40 -13.87 -10.38
N SER F 154 -13.27 -14.98 -9.66
CA SER F 154 -12.79 -16.24 -10.22
C SER F 154 -13.66 -16.77 -11.35
N PRO F 155 -13.05 -17.02 -12.52
CA PRO F 155 -13.79 -17.55 -13.67
C PRO F 155 -14.49 -18.84 -13.25
N ALA F 156 -13.82 -19.61 -12.41
CA ALA F 156 -14.35 -20.87 -11.92
C ALA F 156 -15.68 -20.63 -11.19
N LYS F 157 -15.73 -19.54 -10.42
CA LYS F 157 -16.92 -19.19 -9.66
C LYS F 157 -18.12 -18.82 -10.56
N VAL F 158 -17.86 -18.04 -11.60
CA VAL F 158 -18.92 -17.64 -12.51
C VAL F 158 -19.50 -18.90 -13.13
N ALA F 159 -18.61 -19.81 -13.48
CA ALA F 159 -18.98 -21.07 -14.11
C ALA F 159 -19.91 -21.87 -13.20
N GLU F 160 -19.54 -22.00 -11.94
CA GLU F 160 -20.36 -22.75 -10.99
C GLU F 160 -21.75 -22.14 -10.89
N VAL F 161 -21.78 -20.83 -10.60
CA VAL F 161 -23.04 -20.11 -10.46
C VAL F 161 -23.89 -20.25 -11.71
N THR F 162 -23.27 -20.07 -12.87
CA THR F 162 -23.99 -20.18 -14.14
C THR F 162 -24.55 -21.57 -14.31
N LYS F 163 -23.69 -22.56 -14.21
CA LYS F 163 -24.08 -23.96 -14.35
C LYS F 163 -25.30 -24.28 -13.49
N LYS F 164 -25.34 -23.68 -12.30
CA LYS F 164 -26.44 -23.89 -11.38
C LYS F 164 -27.79 -23.47 -11.98
N PHE F 165 -27.87 -22.23 -12.49
CA PHE F 165 -29.11 -21.76 -13.09
C PHE F 165 -29.54 -22.73 -14.16
N TYR F 166 -28.62 -23.04 -15.07
CA TYR F 166 -28.90 -23.95 -16.17
C TYR F 166 -29.53 -25.25 -15.68
N SER F 167 -28.84 -25.92 -14.76
CA SER F 167 -29.33 -27.18 -14.23
C SER F 167 -30.67 -27.02 -13.53
N MET F 168 -30.86 -25.87 -12.89
CA MET F 168 -32.11 -25.59 -12.19
C MET F 168 -33.28 -25.27 -13.14
N GLY F 169 -33.00 -25.23 -14.45
CA GLY F 169 -34.07 -24.96 -15.40
C GLY F 169 -33.86 -23.90 -16.46
N CYS F 170 -33.19 -22.80 -16.11
CA CYS F 170 -32.95 -21.71 -17.06
C CYS F 170 -32.47 -22.22 -18.41
N TYR F 171 -32.97 -21.64 -19.49
CA TYR F 171 -32.58 -22.06 -20.83
C TYR F 171 -31.50 -21.13 -21.37
N GLU F 172 -31.18 -20.09 -20.62
CA GLU F 172 -30.17 -19.13 -21.05
C GLU F 172 -29.73 -18.25 -19.90
N ILE F 173 -28.44 -18.15 -19.66
CA ILE F 173 -27.93 -17.33 -18.58
C ILE F 173 -27.06 -16.20 -19.14
N SER F 174 -27.43 -14.96 -18.88
CA SER F 174 -26.66 -13.83 -19.37
C SER F 174 -25.58 -13.50 -18.37
N LEU F 175 -24.37 -13.29 -18.86
CA LEU F 175 -23.23 -12.96 -18.02
C LEU F 175 -23.05 -11.45 -18.05
N GLY F 176 -23.13 -10.81 -16.89
CA GLY F 176 -23.02 -9.36 -16.88
C GLY F 176 -21.83 -8.72 -16.21
N ASP F 177 -21.31 -7.68 -16.86
CA ASP F 177 -20.20 -6.90 -16.34
C ASP F 177 -20.85 -5.56 -16.03
N THR F 178 -21.69 -5.56 -15.00
CA THR F 178 -22.44 -4.39 -14.57
C THR F 178 -21.59 -3.14 -14.29
N ILE F 179 -20.34 -3.33 -13.90
CA ILE F 179 -19.48 -2.20 -13.62
C ILE F 179 -18.52 -1.91 -14.78
N GLY F 180 -18.64 -2.70 -15.84
CA GLY F 180 -17.81 -2.51 -17.02
C GLY F 180 -16.30 -2.46 -16.81
N VAL F 181 -15.81 -3.17 -15.81
CA VAL F 181 -14.37 -3.17 -15.52
C VAL F 181 -13.65 -4.26 -16.32
N GLY F 182 -14.43 -5.13 -16.94
CA GLY F 182 -13.86 -6.22 -17.71
C GLY F 182 -13.11 -5.80 -18.96
N THR F 183 -12.10 -6.60 -19.29
CA THR F 183 -11.31 -6.36 -20.49
C THR F 183 -11.38 -7.64 -21.30
N PRO F 184 -10.94 -7.61 -22.57
CA PRO F 184 -10.98 -8.79 -23.44
C PRO F 184 -10.48 -10.09 -22.83
N GLY F 185 -9.38 -10.01 -22.07
CA GLY F 185 -8.80 -11.19 -21.46
C GLY F 185 -9.60 -11.76 -20.30
N ILE F 186 -10.18 -10.89 -19.49
CA ILE F 186 -10.99 -11.33 -18.36
C ILE F 186 -12.26 -11.97 -18.91
N MET F 187 -12.70 -11.48 -20.07
CA MET F 187 -13.91 -12.00 -20.73
C MET F 187 -13.67 -13.39 -21.28
N LYS F 188 -12.53 -13.58 -21.96
CA LYS F 188 -12.21 -14.87 -22.56
C LYS F 188 -12.05 -15.96 -21.48
N ASP F 189 -11.35 -15.66 -20.40
CA ASP F 189 -11.15 -16.64 -19.33
C ASP F 189 -12.48 -17.00 -18.67
N MET F 190 -13.30 -15.99 -18.44
CA MET F 190 -14.60 -16.17 -17.83
C MET F 190 -15.45 -17.06 -18.71
N LEU F 191 -15.57 -16.69 -19.98
CA LEU F 191 -16.36 -17.48 -20.92
C LEU F 191 -15.77 -18.89 -21.07
N SER F 192 -14.45 -18.96 -21.03
CA SER F 192 -13.73 -20.23 -21.16
C SER F 192 -14.19 -21.24 -20.10
N ALA F 193 -14.20 -20.83 -18.84
CA ALA F 193 -14.63 -21.72 -17.78
C ALA F 193 -16.12 -22.06 -17.83
N VAL F 194 -16.96 -21.07 -18.12
CA VAL F 194 -18.39 -21.30 -18.18
C VAL F 194 -18.76 -22.31 -19.26
N MET F 195 -18.07 -22.25 -20.39
CA MET F 195 -18.33 -23.15 -21.51
C MET F 195 -18.02 -24.62 -21.20
N GLN F 196 -17.17 -24.87 -20.21
CA GLN F 196 -16.84 -26.24 -19.85
C GLN F 196 -18.09 -26.89 -19.24
N GLU F 197 -18.86 -26.08 -18.54
CA GLU F 197 -20.06 -26.51 -17.82
C GLU F 197 -21.40 -26.30 -18.52
N VAL F 198 -21.55 -25.19 -19.24
CA VAL F 198 -22.82 -24.90 -19.88
C VAL F 198 -22.73 -24.77 -21.39
N PRO F 199 -23.67 -25.43 -22.11
CA PRO F 199 -23.68 -25.39 -23.58
C PRO F 199 -23.67 -23.96 -24.11
N LEU F 200 -22.80 -23.73 -25.08
CA LEU F 200 -22.58 -22.43 -25.69
C LEU F 200 -23.83 -21.69 -26.15
N ALA F 201 -24.76 -22.38 -26.78
CA ALA F 201 -25.97 -21.75 -27.29
C ALA F 201 -26.89 -21.19 -26.20
N ALA F 202 -26.56 -21.46 -24.94
CA ALA F 202 -27.36 -21.00 -23.81
C ALA F 202 -26.75 -19.85 -23.02
N LEU F 203 -25.65 -19.30 -23.54
CA LEU F 203 -24.98 -18.19 -22.86
C LEU F 203 -25.25 -16.87 -23.58
N ALA F 204 -25.24 -15.79 -22.81
CA ALA F 204 -25.48 -14.46 -23.33
C ALA F 204 -24.52 -13.56 -22.59
N VAL F 205 -24.17 -12.43 -23.19
CA VAL F 205 -23.23 -11.52 -22.56
C VAL F 205 -23.84 -10.12 -22.41
N HIS F 206 -23.66 -9.52 -21.24
CA HIS F 206 -24.20 -8.19 -20.95
C HIS F 206 -23.06 -7.32 -20.46
N CYS F 207 -22.53 -6.48 -21.35
CA CYS F 207 -21.41 -5.61 -21.00
C CYS F 207 -21.75 -4.12 -20.87
N HIS F 208 -21.22 -3.49 -19.84
CA HIS F 208 -21.44 -2.07 -19.63
C HIS F 208 -20.26 -1.31 -20.22
N ASP F 209 -20.54 -0.14 -20.78
CA ASP F 209 -19.50 0.65 -21.40
C ASP F 209 -18.90 1.69 -20.46
N THR F 210 -19.09 1.47 -19.16
CA THR F 210 -18.58 2.36 -18.12
C THR F 210 -17.12 2.73 -18.32
N TYR F 211 -16.30 1.77 -18.76
CA TYR F 211 -14.88 2.02 -18.98
C TYR F 211 -14.49 2.03 -20.46
N GLY F 212 -15.50 1.98 -21.33
CA GLY F 212 -15.25 1.99 -22.76
C GLY F 212 -14.83 0.65 -23.34
N GLN F 213 -15.12 -0.45 -22.63
CA GLN F 213 -14.73 -1.78 -23.09
C GLN F 213 -15.92 -2.65 -23.50
N ALA F 214 -17.12 -2.08 -23.48
CA ALA F 214 -18.32 -2.83 -23.82
C ALA F 214 -18.33 -3.52 -25.19
N LEU F 215 -18.00 -2.76 -26.25
CA LEU F 215 -18.01 -3.34 -27.58
C LEU F 215 -16.84 -4.30 -27.77
N ALA F 216 -15.67 -3.93 -27.26
CA ALA F 216 -14.49 -4.78 -27.37
C ALA F 216 -14.74 -6.12 -26.65
N ASN F 217 -15.29 -6.06 -25.43
CA ASN F 217 -15.59 -7.27 -24.67
C ASN F 217 -16.64 -8.15 -25.37
N THR F 218 -17.60 -7.50 -26.01
CA THR F 218 -18.67 -8.20 -26.73
C THR F 218 -18.06 -8.91 -27.94
N LEU F 219 -17.11 -8.25 -28.59
CA LEU F 219 -16.44 -8.83 -29.76
C LEU F 219 -15.68 -10.08 -29.33
N MET F 220 -15.02 -9.99 -28.18
CA MET F 220 -14.27 -11.12 -27.65
C MET F 220 -15.25 -12.27 -27.42
N ALA F 221 -16.41 -11.95 -26.84
CA ALA F 221 -17.41 -12.97 -26.57
C ALA F 221 -17.88 -13.65 -27.87
N LEU F 222 -18.11 -12.85 -28.91
CA LEU F 222 -18.54 -13.36 -30.21
C LEU F 222 -17.49 -14.29 -30.80
N GLN F 223 -16.23 -13.95 -30.60
CA GLN F 223 -15.13 -14.77 -31.11
C GLN F 223 -15.10 -16.11 -30.37
N MET F 224 -15.59 -16.13 -29.14
CA MET F 224 -15.60 -17.36 -28.36
C MET F 224 -16.78 -18.23 -28.75
N GLY F 225 -17.70 -17.71 -29.55
CA GLY F 225 -18.85 -18.49 -29.96
C GLY F 225 -20.18 -18.10 -29.37
N VAL F 226 -20.19 -17.12 -28.46
CA VAL F 226 -21.44 -16.68 -27.86
C VAL F 226 -22.26 -16.02 -28.97
N SER F 227 -23.56 -16.28 -29.02
CA SER F 227 -24.40 -15.71 -30.07
C SER F 227 -25.58 -14.84 -29.62
N VAL F 228 -25.64 -14.52 -28.33
CA VAL F 228 -26.70 -13.64 -27.83
C VAL F 228 -26.07 -12.52 -26.99
N VAL F 229 -26.43 -11.29 -27.31
CA VAL F 229 -25.88 -10.11 -26.63
C VAL F 229 -26.95 -9.14 -26.14
N ASP F 230 -26.76 -8.61 -24.93
CA ASP F 230 -27.68 -7.65 -24.31
C ASP F 230 -27.20 -6.23 -24.53
N SER F 231 -28.13 -5.32 -24.82
CA SER F 231 -27.76 -3.93 -25.04
C SER F 231 -28.94 -2.99 -24.89
N SER F 232 -28.65 -1.71 -24.66
CA SER F 232 -29.67 -0.67 -24.49
C SER F 232 -29.84 0.19 -25.75
N VAL F 233 -31.07 0.57 -26.05
CA VAL F 233 -31.38 1.38 -27.24
C VAL F 233 -30.40 2.49 -27.55
N ALA F 234 -30.39 3.54 -26.74
CA ALA F 234 -29.49 4.65 -27.00
C ALA F 234 -28.41 4.76 -25.94
N GLY F 235 -27.99 3.60 -25.43
CA GLY F 235 -26.97 3.57 -24.40
C GLY F 235 -27.59 3.98 -23.09
N LEU F 236 -28.87 3.68 -22.91
CA LEU F 236 -29.62 4.03 -21.71
C LEU F 236 -29.18 3.29 -20.44
N GLY F 237 -29.25 4.00 -19.32
CA GLY F 237 -28.86 3.42 -18.05
C GLY F 237 -27.40 3.68 -17.73
N GLY F 238 -27.15 4.17 -16.53
CA GLY F 238 -25.78 4.46 -16.11
C GLY F 238 -25.30 3.44 -15.10
N CYS F 239 -24.20 3.74 -14.42
CA CYS F 239 -23.65 2.84 -13.41
C CYS F 239 -23.93 3.35 -11.99
N PRO F 240 -24.57 2.53 -11.16
CA PRO F 240 -24.91 2.87 -9.77
C PRO F 240 -23.68 3.22 -8.92
N GLN F 243 -20.68 8.53 -9.27
CA GLN F 243 -20.26 8.18 -10.66
C GLN F 243 -21.20 8.79 -11.70
N GLY F 244 -20.61 9.43 -12.70
CA GLY F 244 -21.41 10.05 -13.75
C GLY F 244 -21.01 9.55 -15.13
N ALA F 245 -20.51 8.32 -15.18
CA ALA F 245 -20.08 7.72 -16.43
C ALA F 245 -21.26 7.09 -17.15
N SER F 246 -20.98 6.36 -18.23
CA SER F 246 -22.02 5.71 -19.00
C SER F 246 -22.39 4.35 -18.40
N GLY F 247 -23.42 3.75 -18.96
CA GLY F 247 -23.88 2.46 -18.50
C GLY F 247 -23.77 1.38 -19.56
N ASN F 248 -24.89 1.02 -20.18
CA ASN F 248 -24.92 -0.02 -21.20
C ASN F 248 -24.37 0.32 -22.58
N LEU F 249 -24.09 -0.75 -23.32
CA LEU F 249 -23.58 -0.66 -24.69
C LEU F 249 -24.75 -0.25 -25.57
N ALA F 250 -24.53 0.79 -26.37
CA ALA F 250 -25.57 1.28 -27.27
C ALA F 250 -25.88 0.23 -28.32
N THR F 251 -27.16 -0.13 -28.44
CA THR F 251 -27.60 -1.13 -29.41
C THR F 251 -27.37 -0.78 -30.88
N GLU F 252 -27.44 0.51 -31.23
CA GLU F 252 -27.24 0.89 -32.63
C GLU F 252 -25.78 0.65 -33.00
N ASP F 253 -24.89 0.96 -32.06
CA ASP F 253 -23.47 0.77 -32.26
C ASP F 253 -23.17 -0.72 -32.39
N LEU F 254 -23.84 -1.53 -31.58
CA LEU F 254 -23.63 -2.97 -31.67
C LEU F 254 -24.10 -3.49 -33.02
N VAL F 255 -25.29 -3.07 -33.47
CA VAL F 255 -25.79 -3.55 -34.75
C VAL F 255 -24.94 -3.02 -35.90
N TYR F 256 -24.31 -1.87 -35.68
CA TYR F 256 -23.47 -1.29 -36.71
C TYR F 256 -22.29 -2.23 -36.92
N MET F 257 -21.67 -2.64 -35.82
CA MET F 257 -20.54 -3.55 -35.89
C MET F 257 -20.98 -4.87 -36.52
N LEU F 258 -22.03 -5.47 -35.97
CA LEU F 258 -22.54 -6.74 -36.46
C LEU F 258 -22.85 -6.70 -37.95
N GLU F 259 -23.49 -5.63 -38.41
CA GLU F 259 -23.78 -5.53 -39.83
C GLU F 259 -22.46 -5.41 -40.59
N GLY F 260 -21.49 -4.70 -40.01
CA GLY F 260 -20.21 -4.54 -40.64
C GLY F 260 -19.57 -5.89 -40.88
N LEU F 261 -19.69 -6.77 -39.89
CA LEU F 261 -19.16 -8.11 -39.95
C LEU F 261 -19.97 -9.04 -40.85
N GLY F 262 -21.17 -8.61 -41.22
CA GLY F 262 -22.01 -9.43 -42.07
C GLY F 262 -22.87 -10.38 -41.24
N ILE F 263 -22.90 -10.18 -39.93
CA ILE F 263 -23.69 -11.03 -39.04
C ILE F 263 -25.14 -10.58 -38.99
N HIS F 264 -26.04 -11.49 -39.37
CA HIS F 264 -27.48 -11.21 -39.37
C HIS F 264 -28.02 -10.93 -37.98
N THR F 265 -28.83 -9.87 -37.86
CA THR F 265 -29.44 -9.50 -36.59
C THR F 265 -30.95 -9.35 -36.77
N GLY F 266 -31.37 -8.98 -37.97
CA GLY F 266 -32.78 -8.82 -38.24
C GLY F 266 -33.33 -7.53 -37.69
N VAL F 267 -32.44 -6.60 -37.38
CA VAL F 267 -32.84 -5.31 -36.85
C VAL F 267 -32.65 -4.27 -37.94
N ASN F 268 -33.49 -3.24 -37.93
CA ASN F 268 -33.39 -2.17 -38.90
C ASN F 268 -32.77 -1.00 -38.17
N LEU F 269 -31.53 -0.67 -38.52
CA LEU F 269 -30.81 0.41 -37.87
C LEU F 269 -31.60 1.72 -37.87
N GLN F 270 -32.27 2.02 -38.98
CA GLN F 270 -33.07 3.24 -39.10
C GLN F 270 -34.19 3.24 -38.06
N LYS F 271 -35.02 2.21 -38.10
CA LYS F 271 -36.12 2.11 -37.14
C LYS F 271 -35.53 2.25 -35.75
N LEU F 272 -34.60 1.36 -35.42
CA LEU F 272 -33.95 1.37 -34.11
C LEU F 272 -33.48 2.78 -33.71
N LEU F 273 -32.89 3.51 -34.65
CA LEU F 273 -32.40 4.84 -34.35
C LEU F 273 -33.53 5.83 -34.02
N GLU F 274 -34.70 5.60 -34.59
CA GLU F 274 -35.85 6.46 -34.34
C GLU F 274 -36.32 6.27 -32.90
N ALA F 275 -36.39 5.01 -32.47
CA ALA F 275 -36.81 4.69 -31.11
C ALA F 275 -35.84 5.38 -30.16
N GLY F 276 -34.56 5.32 -30.51
CA GLY F 276 -33.53 5.93 -29.69
C GLY F 276 -33.76 7.42 -29.56
N ASN F 277 -34.15 8.06 -30.66
CA ASN F 277 -34.39 9.50 -30.64
C ASN F 277 -35.62 9.78 -29.76
N PHE F 278 -36.68 8.99 -29.95
CA PHE F 278 -37.89 9.18 -29.17
C PHE F 278 -37.68 9.18 -27.68
N ILE F 279 -37.10 8.12 -27.15
CA ILE F 279 -36.87 8.02 -25.72
C ILE F 279 -35.87 9.05 -25.20
N CYS F 280 -34.92 9.45 -26.05
CA CYS F 280 -33.93 10.45 -25.64
C CYS F 280 -34.62 11.81 -25.58
N GLN F 281 -35.70 11.93 -26.34
CA GLN F 281 -36.52 13.15 -26.35
C GLN F 281 -37.24 13.16 -25.02
N ALA F 282 -38.13 12.18 -24.87
CA ALA F 282 -38.94 12.00 -23.67
C ALA F 282 -38.12 12.07 -22.38
N LEU F 283 -36.90 11.57 -22.45
CA LEU F 283 -36.02 11.55 -21.28
C LEU F 283 -35.25 12.86 -21.10
N ASN F 284 -35.19 13.66 -22.16
CA ASN F 284 -34.49 14.94 -22.13
C ASN F 284 -33.01 14.72 -21.85
N ARG F 285 -32.36 13.96 -22.72
CA ARG F 285 -30.94 13.66 -22.57
C ARG F 285 -30.32 13.31 -23.92
N LYS F 286 -29.02 13.54 -24.07
CA LYS F 286 -28.34 13.23 -25.32
C LYS F 286 -27.96 11.76 -25.40
N THR F 287 -28.35 11.14 -26.51
CA THR F 287 -28.09 9.73 -26.77
C THR F 287 -26.62 9.39 -26.59
N SER F 288 -26.33 8.20 -26.07
CA SER F 288 -24.96 7.77 -25.87
C SER F 288 -24.46 6.99 -27.08
N SER F 289 -25.36 6.75 -28.03
CA SER F 289 -25.00 6.04 -29.25
C SER F 289 -24.11 6.89 -30.14
N LYS F 290 -22.97 6.33 -30.53
CA LYS F 290 -22.02 7.01 -31.40
C LYS F 290 -22.59 7.06 -32.81
N VAL F 291 -23.24 5.98 -33.22
CA VAL F 291 -23.84 5.91 -34.56
C VAL F 291 -24.93 6.97 -34.68
N ALA F 292 -25.64 7.21 -33.59
CA ALA F 292 -26.70 8.19 -33.59
C ALA F 292 -26.11 9.58 -33.83
N GLN F 293 -25.07 9.90 -33.08
CA GLN F 293 -24.42 11.20 -33.20
C GLN F 293 -23.83 11.43 -34.60
N ALA F 294 -23.32 10.36 -35.20
CA ALA F 294 -22.74 10.45 -36.53
C ALA F 294 -23.81 10.54 -37.62
N THR F 295 -25.08 10.44 -37.23
CA THR F 295 -26.19 10.50 -38.18
C THR F 295 -27.31 11.41 -37.65
N CYS F 296 -27.06 12.71 -37.62
CA CYS F 296 -28.04 13.71 -37.16
C CYS F 296 -28.12 13.82 -35.64
P2A HMG G . 12.59 15.35 48.01
O5A HMG G . 11.32 16.33 48.06
O4A HMG G . 13.16 15.47 46.59
O3A HMG G . 13.58 16.01 49.17
O6A HMG G . 12.12 13.81 48.13
P1A HMG G . 14.19 15.26 50.53
O1A HMG G . 15.53 15.87 50.91
O2A HMG G . 14.14 13.78 50.34
O5B HMG G . 13.10 15.72 51.64
C5B HMG G . 11.70 16.17 51.40
C4B HMG G . 10.99 17.11 52.46
O4B HMG G . 9.96 16.27 52.94
C3B HMG G . 11.78 17.55 53.75
O3B HMG G . 11.31 18.91 54.14
C2B HMG G . 11.35 16.47 54.83
O2B HMG G . 11.43 16.88 56.23
C1B HMG G . 9.90 16.09 54.38
P3B HMG G . 11.65 20.52 54.51
O7A HMG G . 12.60 20.47 55.74
O8A HMG G . 12.33 21.14 53.19
O9A HMG G . 10.27 21.17 54.81
N9A HMG G . 9.38 14.75 54.77
C4A HMG G . 8.58 14.62 55.90
N3A HMG G . 8.05 15.68 56.88
C2A HMG G . 7.14 15.21 58.05
N1A HMG G . 6.80 13.81 58.19
C6A HMG G . 7.36 12.71 57.14
C5A HMG G . 8.28 13.13 55.92
N7A HMG G . 8.92 12.45 54.87
C8A HMG G . 9.55 13.42 54.22
N6A HMG G . 7.01 11.46 57.32
CBP HMG G . 10.09 12.29 48.74
CCP HMG G . 10.78 13.36 47.87
CDP HMG G . 10.39 10.97 48.02
CEP HMG G . 10.70 12.21 50.09
CAP HMG G . 8.45 12.48 48.94
OAP HMG G . 8.10 13.65 49.69
C9P HMG G . 7.52 12.65 47.62
O9P HMG G . 8.00 13.09 46.52
N8P HMG G . 6.18 12.29 47.74
C7P HMG G . 5.19 12.34 46.78
C6P HMG G . 4.00 11.50 47.22
C5P HMG G . 3.70 10.40 46.15
O5P HMG G . 4.71 9.86 45.53
N4P HMG G . 2.24 10.15 45.98
C3P HMG G . 1.83 9.17 45.04
C2P HMG G . 1.63 7.95 45.73
S1P HMG G . 1.76 6.54 44.60
C1 HMG G . 0.45 6.20 43.48
O2 HMG G . -0.49 7.01 43.59
C2 HMG G . 0.49 5.07 42.53
C3 HMG G . -0.31 3.85 43.10
O7 HMG G . -1.54 4.27 43.45
C4 HMG G . -0.42 2.65 42.08
C5 HMG G . -0.47 3.02 40.67
O3 HMG G . 0.49 2.71 39.92
O4 HMG G . -1.52 3.67 40.19
C6 HMG G . 0.36 3.32 44.33
MG MG H . -3.36 4.10 41.74
MG MG I . 34.95 -0.53 11.61
#